data_3FNI
# 
_entry.id   3FNI 
# 
_audit_conform.dict_name       mmcif_pdbx.dic 
_audit_conform.dict_version    5.397 
_audit_conform.dict_location   http://mmcif.pdb.org/dictionaries/ascii/mmcif_pdbx.dic 
# 
loop_
_database_2.database_id 
_database_2.database_code 
_database_2.pdbx_database_accession 
_database_2.pdbx_DOI 
PDB   3FNI         pdb_00003fni 10.2210/pdb3fni/pdb 
RCSB  RCSB050808   ?            ?                   
WWPDB D_1000050808 ?            ?                   
# 
loop_
_pdbx_audit_revision_history.ordinal 
_pdbx_audit_revision_history.data_content_type 
_pdbx_audit_revision_history.major_revision 
_pdbx_audit_revision_history.minor_revision 
_pdbx_audit_revision_history.revision_date 
1 'Structure model' 1 0 2009-01-13 
2 'Structure model' 1 1 2011-07-13 
3 'Structure model' 1 2 2014-04-09 
4 'Structure model' 1 3 2024-10-09 
# 
_pdbx_audit_revision_details.ordinal             1 
_pdbx_audit_revision_details.revision_ordinal    1 
_pdbx_audit_revision_details.data_content_type   'Structure model' 
_pdbx_audit_revision_details.provider            repository 
_pdbx_audit_revision_details.type                'Initial release' 
_pdbx_audit_revision_details.description         ? 
_pdbx_audit_revision_details.details             ? 
# 
loop_
_pdbx_audit_revision_group.ordinal 
_pdbx_audit_revision_group.revision_ordinal 
_pdbx_audit_revision_group.data_content_type 
_pdbx_audit_revision_group.group 
1 2 'Structure model' 'Source and taxonomy'       
2 2 'Structure model' 'Version format compliance' 
3 3 'Structure model' 'Data collection'           
4 4 'Structure model' 'Data collection'           
5 4 'Structure model' 'Database references'       
6 4 'Structure model' 'Derived calculations'      
7 4 'Structure model' 'Structure summary'         
# 
loop_
_pdbx_audit_revision_category.ordinal 
_pdbx_audit_revision_category.revision_ordinal 
_pdbx_audit_revision_category.data_content_type 
_pdbx_audit_revision_category.category 
1 4 'Structure model' chem_comp_atom            
2 4 'Structure model' chem_comp_bond            
3 4 'Structure model' database_2                
4 4 'Structure model' pdbx_entry_details        
5 4 'Structure model' pdbx_modification_feature 
6 4 'Structure model' struct_conn               
# 
loop_
_pdbx_audit_revision_item.ordinal 
_pdbx_audit_revision_item.revision_ordinal 
_pdbx_audit_revision_item.data_content_type 
_pdbx_audit_revision_item.item 
1 4 'Structure model' '_database_2.pdbx_DOI'                
2 4 'Structure model' '_database_2.pdbx_database_accession' 
3 4 'Structure model' '_struct_conn.pdbx_leaving_atom_flag' 
# 
_pdbx_database_status.status_code                     REL 
_pdbx_database_status.entry_id                        3FNI 
_pdbx_database_status.recvd_initial_deposition_date   2008-12-24 
_pdbx_database_status.deposit_site                    RCSB 
_pdbx_database_status.process_site                    RCSB 
_pdbx_database_status.status_code_sf                  REL 
_pdbx_database_status.status_code_mr                  ? 
_pdbx_database_status.SG_entry                        Y 
_pdbx_database_status.status_code_cs                  ? 
_pdbx_database_status.methods_development_category    ? 
_pdbx_database_status.pdb_format_compatible           Y 
_pdbx_database_status.status_code_nmr_data            ? 
# 
_pdbx_database_related.db_name        TargetDB 
_pdbx_database_related.db_id          NsR431A 
_pdbx_database_related.details        . 
_pdbx_database_related.content_type   unspecified 
# 
loop_
_audit_author.name 
_audit_author.pdbx_ordinal 
'Forouhar, F.'                                    1  
'Lew, S.'                                         2  
'Seetharaman, J.'                                 3  
'Sahdev, S.'                                      4  
'Xiao, R.'                                        5  
'Foote, E.L.'                                     6  
'Ciccosanti, C.'                                  7  
'Wang, D.'                                        8  
'Everett, J.K.'                                   9  
'Nair, R.'                                        10 
'Acton, T.B.'                                     11 
'Rost, B.'                                        12 
'Montelione, G.T.'                                13 
'Hunt, J.F.'                                      14 
'Tong, L.'                                        15 
'Northeast Structural Genomics Consortium (NESG)' 16 
# 
_citation.id                        primary 
_citation.title                     
'Crystal structure of a diflavin flavoprotein A3 (all3895) from Nostoc sp., Northeast Structural Genomics Consortium Target NsR431A' 
_citation.journal_abbrev            'To be Published' 
_citation.journal_volume            ? 
_citation.page_first                ? 
_citation.page_last                 ? 
_citation.year                      ? 
_citation.journal_id_ASTM           ? 
_citation.country                   ? 
_citation.journal_id_ISSN           ? 
_citation.journal_id_CSD            0353 
_citation.book_publisher            ? 
_citation.pdbx_database_id_PubMed   ? 
_citation.pdbx_database_id_DOI      ? 
# 
loop_
_citation_author.citation_id 
_citation_author.name 
_citation_author.ordinal 
_citation_author.identifier_ORCID 
primary 'Forouhar, F.'     1  ? 
primary 'Lew, S.'          2  ? 
primary 'Seetharaman, J.'  3  ? 
primary 'Sahdev, S.'       4  ? 
primary 'Xiao, R.'         5  ? 
primary 'Foote, E.L.'      6  ? 
primary 'Ciccosanti, C.'   7  ? 
primary 'Wang, D.'         8  ? 
primary 'Everett, J.K.'    9  ? 
primary 'Nair, R.'         10 ? 
primary 'Acton, T.B.'      11 ? 
primary 'Rost, B.'         12 ? 
primary 'Montelione, G.T.' 13 ? 
primary 'Hunt, J.F.'       14 ? 
primary 'Tong, L.'         15 ? 
# 
loop_
_entity.id 
_entity.type 
_entity.src_method 
_entity.pdbx_description 
_entity.formula_weight 
_entity.pdbx_number_of_molecules 
_entity.pdbx_ec 
_entity.pdbx_mutation 
_entity.pdbx_fragment 
_entity.details 
1 polymer man 'Putative diflavin flavoprotein A 3' 17053.957 1   1.-.-.- ? 'residues 259-409' ? 
2 water   nat water                                18.015    141 ?       ? ?                  ? 
# 
_entity_poly.entity_id                      1 
_entity_poly.type                           'polypeptide(L)' 
_entity_poly.nstd_linkage                   no 
_entity_poly.nstd_monomer                   yes 
_entity_poly.pdbx_seq_one_letter_code       
;TKAETSIGVFYVSEYGYSDRLAQAIINGITKTGVGVDVVDLGAAVDLQELRELVGRCTGLVIG(MSE)SPAASAASIQGA
LSTILGSVNEKQAVGIFETGGGDDEPIDPLLSKFRNLGLTTAFPAIRIKQTPTENTYKLCEEAGTDLGQWVTRDRLEHHH
HHH
;
_entity_poly.pdbx_seq_one_letter_code_can   
;TKAETSIGVFYVSEYGYSDRLAQAIINGITKTGVGVDVVDLGAAVDLQELRELVGRCTGLVIGMSPAASAASIQGALSTI
LGSVNEKQAVGIFETGGGDDEPIDPLLSKFRNLGLTTAFPAIRIKQTPTENTYKLCEEAGTDLGQWVTRDRLEHHHHHH
;
_entity_poly.pdbx_strand_id                 A 
_entity_poly.pdbx_target_identifier         NsR431A 
# 
_pdbx_entity_nonpoly.entity_id   2 
_pdbx_entity_nonpoly.name        water 
_pdbx_entity_nonpoly.comp_id     HOH 
# 
loop_
_entity_poly_seq.entity_id 
_entity_poly_seq.num 
_entity_poly_seq.mon_id 
_entity_poly_seq.hetero 
1 1   THR n 
1 2   LYS n 
1 3   ALA n 
1 4   GLU n 
1 5   THR n 
1 6   SER n 
1 7   ILE n 
1 8   GLY n 
1 9   VAL n 
1 10  PHE n 
1 11  TYR n 
1 12  VAL n 
1 13  SER n 
1 14  GLU n 
1 15  TYR n 
1 16  GLY n 
1 17  TYR n 
1 18  SER n 
1 19  ASP n 
1 20  ARG n 
1 21  LEU n 
1 22  ALA n 
1 23  GLN n 
1 24  ALA n 
1 25  ILE n 
1 26  ILE n 
1 27  ASN n 
1 28  GLY n 
1 29  ILE n 
1 30  THR n 
1 31  LYS n 
1 32  THR n 
1 33  GLY n 
1 34  VAL n 
1 35  GLY n 
1 36  VAL n 
1 37  ASP n 
1 38  VAL n 
1 39  VAL n 
1 40  ASP n 
1 41  LEU n 
1 42  GLY n 
1 43  ALA n 
1 44  ALA n 
1 45  VAL n 
1 46  ASP n 
1 47  LEU n 
1 48  GLN n 
1 49  GLU n 
1 50  LEU n 
1 51  ARG n 
1 52  GLU n 
1 53  LEU n 
1 54  VAL n 
1 55  GLY n 
1 56  ARG n 
1 57  CYS n 
1 58  THR n 
1 59  GLY n 
1 60  LEU n 
1 61  VAL n 
1 62  ILE n 
1 63  GLY n 
1 64  MSE n 
1 65  SER n 
1 66  PRO n 
1 67  ALA n 
1 68  ALA n 
1 69  SER n 
1 70  ALA n 
1 71  ALA n 
1 72  SER n 
1 73  ILE n 
1 74  GLN n 
1 75  GLY n 
1 76  ALA n 
1 77  LEU n 
1 78  SER n 
1 79  THR n 
1 80  ILE n 
1 81  LEU n 
1 82  GLY n 
1 83  SER n 
1 84  VAL n 
1 85  ASN n 
1 86  GLU n 
1 87  LYS n 
1 88  GLN n 
1 89  ALA n 
1 90  VAL n 
1 91  GLY n 
1 92  ILE n 
1 93  PHE n 
1 94  GLU n 
1 95  THR n 
1 96  GLY n 
1 97  GLY n 
1 98  GLY n 
1 99  ASP n 
1 100 ASP n 
1 101 GLU n 
1 102 PRO n 
1 103 ILE n 
1 104 ASP n 
1 105 PRO n 
1 106 LEU n 
1 107 LEU n 
1 108 SER n 
1 109 LYS n 
1 110 PHE n 
1 111 ARG n 
1 112 ASN n 
1 113 LEU n 
1 114 GLY n 
1 115 LEU n 
1 116 THR n 
1 117 THR n 
1 118 ALA n 
1 119 PHE n 
1 120 PRO n 
1 121 ALA n 
1 122 ILE n 
1 123 ARG n 
1 124 ILE n 
1 125 LYS n 
1 126 GLN n 
1 127 THR n 
1 128 PRO n 
1 129 THR n 
1 130 GLU n 
1 131 ASN n 
1 132 THR n 
1 133 TYR n 
1 134 LYS n 
1 135 LEU n 
1 136 CYS n 
1 137 GLU n 
1 138 GLU n 
1 139 ALA n 
1 140 GLY n 
1 141 THR n 
1 142 ASP n 
1 143 LEU n 
1 144 GLY n 
1 145 GLN n 
1 146 TRP n 
1 147 VAL n 
1 148 THR n 
1 149 ARG n 
1 150 ASP n 
1 151 ARG n 
1 152 LEU n 
1 153 GLU n 
1 154 HIS n 
1 155 HIS n 
1 156 HIS n 
1 157 HIS n 
1 158 HIS n 
1 159 HIS n 
# 
_entity_src_gen.entity_id                          1 
_entity_src_gen.pdbx_src_id                        1 
_entity_src_gen.pdbx_alt_source_flag               sample 
_entity_src_gen.pdbx_seq_type                      ? 
_entity_src_gen.pdbx_beg_seq_num                   ? 
_entity_src_gen.pdbx_end_seq_num                   ? 
_entity_src_gen.gene_src_common_name               ? 
_entity_src_gen.gene_src_genus                     ? 
_entity_src_gen.pdbx_gene_src_gene                 'all3895, dfa3' 
_entity_src_gen.gene_src_species                   ? 
_entity_src_gen.gene_src_strain                    'PCC 7120' 
_entity_src_gen.gene_src_tissue                    ? 
_entity_src_gen.gene_src_tissue_fraction           ? 
_entity_src_gen.gene_src_details                   ? 
_entity_src_gen.pdbx_gene_src_fragment             ? 
_entity_src_gen.pdbx_gene_src_scientific_name      'Nostoc sp.' 
_entity_src_gen.pdbx_gene_src_ncbi_taxonomy_id     103690 
_entity_src_gen.pdbx_gene_src_variant              ? 
_entity_src_gen.pdbx_gene_src_cell_line            ? 
_entity_src_gen.pdbx_gene_src_atcc                 ? 
_entity_src_gen.pdbx_gene_src_organ                ? 
_entity_src_gen.pdbx_gene_src_organelle            ? 
_entity_src_gen.pdbx_gene_src_cell                 ? 
_entity_src_gen.pdbx_gene_src_cellular_location    ? 
_entity_src_gen.host_org_common_name               ? 
_entity_src_gen.pdbx_host_org_scientific_name      'Escherichia coli' 
_entity_src_gen.pdbx_host_org_ncbi_taxonomy_id     562 
_entity_src_gen.host_org_genus                     ? 
_entity_src_gen.pdbx_host_org_gene                 ? 
_entity_src_gen.pdbx_host_org_organ                ? 
_entity_src_gen.host_org_species                   ? 
_entity_src_gen.pdbx_host_org_tissue               ? 
_entity_src_gen.pdbx_host_org_tissue_fraction      ? 
_entity_src_gen.pdbx_host_org_strain               'BL21(DE3)+Magic' 
_entity_src_gen.pdbx_host_org_variant              ? 
_entity_src_gen.pdbx_host_org_cell_line            ? 
_entity_src_gen.pdbx_host_org_atcc                 ? 
_entity_src_gen.pdbx_host_org_culture_collection   ? 
_entity_src_gen.pdbx_host_org_cell                 ? 
_entity_src_gen.pdbx_host_org_organelle            ? 
_entity_src_gen.pdbx_host_org_cellular_location    ? 
_entity_src_gen.pdbx_host_org_vector_type          plasmid 
_entity_src_gen.pdbx_host_org_vector               ? 
_entity_src_gen.host_org_details                   ? 
_entity_src_gen.expression_system_id               ? 
_entity_src_gen.plasmid_name                       pET21 
_entity_src_gen.plasmid_details                    ? 
_entity_src_gen.pdbx_description                   ? 
# 
loop_
_chem_comp.id 
_chem_comp.type 
_chem_comp.mon_nstd_flag 
_chem_comp.name 
_chem_comp.pdbx_synonyms 
_chem_comp.formula 
_chem_comp.formula_weight 
ALA 'L-peptide linking' y ALANINE          ? 'C3 H7 N O2'     89.093  
ARG 'L-peptide linking' y ARGININE         ? 'C6 H15 N4 O2 1' 175.209 
ASN 'L-peptide linking' y ASPARAGINE       ? 'C4 H8 N2 O3'    132.118 
ASP 'L-peptide linking' y 'ASPARTIC ACID'  ? 'C4 H7 N O4'     133.103 
CYS 'L-peptide linking' y CYSTEINE         ? 'C3 H7 N O2 S'   121.158 
GLN 'L-peptide linking' y GLUTAMINE        ? 'C5 H10 N2 O3'   146.144 
GLU 'L-peptide linking' y 'GLUTAMIC ACID'  ? 'C5 H9 N O4'     147.129 
GLY 'peptide linking'   y GLYCINE          ? 'C2 H5 N O2'     75.067  
HIS 'L-peptide linking' y HISTIDINE        ? 'C6 H10 N3 O2 1' 156.162 
HOH non-polymer         . WATER            ? 'H2 O'           18.015  
ILE 'L-peptide linking' y ISOLEUCINE       ? 'C6 H13 N O2'    131.173 
LEU 'L-peptide linking' y LEUCINE          ? 'C6 H13 N O2'    131.173 
LYS 'L-peptide linking' y LYSINE           ? 'C6 H15 N2 O2 1' 147.195 
MSE 'L-peptide linking' n SELENOMETHIONINE ? 'C5 H11 N O2 Se' 196.106 
PHE 'L-peptide linking' y PHENYLALANINE    ? 'C9 H11 N O2'    165.189 
PRO 'L-peptide linking' y PROLINE          ? 'C5 H9 N O2'     115.130 
SER 'L-peptide linking' y SERINE           ? 'C3 H7 N O3'     105.093 
THR 'L-peptide linking' y THREONINE        ? 'C4 H9 N O3'     119.119 
TRP 'L-peptide linking' y TRYPTOPHAN       ? 'C11 H12 N2 O2'  204.225 
TYR 'L-peptide linking' y TYROSINE         ? 'C9 H11 N O3'    181.189 
VAL 'L-peptide linking' y VALINE           ? 'C5 H11 N O2'    117.146 
# 
loop_
_pdbx_poly_seq_scheme.asym_id 
_pdbx_poly_seq_scheme.entity_id 
_pdbx_poly_seq_scheme.seq_id 
_pdbx_poly_seq_scheme.mon_id 
_pdbx_poly_seq_scheme.ndb_seq_num 
_pdbx_poly_seq_scheme.pdb_seq_num 
_pdbx_poly_seq_scheme.auth_seq_num 
_pdbx_poly_seq_scheme.pdb_mon_id 
_pdbx_poly_seq_scheme.auth_mon_id 
_pdbx_poly_seq_scheme.pdb_strand_id 
_pdbx_poly_seq_scheme.pdb_ins_code 
_pdbx_poly_seq_scheme.hetero 
A 1 1   THR 1   1   ?   ?   ?   A . n 
A 1 2   LYS 2   2   2   LYS LYS A . n 
A 1 3   ALA 3   3   3   ALA ALA A . n 
A 1 4   GLU 4   4   4   GLU GLU A . n 
A 1 5   THR 5   5   5   THR THR A . n 
A 1 6   SER 6   6   6   SER SER A . n 
A 1 7   ILE 7   7   7   ILE ILE A . n 
A 1 8   GLY 8   8   8   GLY GLY A . n 
A 1 9   VAL 9   9   9   VAL VAL A . n 
A 1 10  PHE 10  10  10  PHE PHE A . n 
A 1 11  TYR 11  11  11  TYR TYR A . n 
A 1 12  VAL 12  12  12  VAL VAL A . n 
A 1 13  SER 13  13  13  SER SER A . n 
A 1 14  GLU 14  14  14  GLU GLU A . n 
A 1 15  TYR 15  15  15  TYR TYR A . n 
A 1 16  GLY 16  16  16  GLY GLY A . n 
A 1 17  TYR 17  17  17  TYR TYR A . n 
A 1 18  SER 18  18  18  SER SER A . n 
A 1 19  ASP 19  19  19  ASP ASP A . n 
A 1 20  ARG 20  20  20  ARG ARG A . n 
A 1 21  LEU 21  21  21  LEU LEU A . n 
A 1 22  ALA 22  22  22  ALA ALA A . n 
A 1 23  GLN 23  23  23  GLN GLN A . n 
A 1 24  ALA 24  24  24  ALA ALA A . n 
A 1 25  ILE 25  25  25  ILE ILE A . n 
A 1 26  ILE 26  26  26  ILE ILE A . n 
A 1 27  ASN 27  27  27  ASN ASN A . n 
A 1 28  GLY 28  28  28  GLY GLY A . n 
A 1 29  ILE 29  29  29  ILE ILE A . n 
A 1 30  THR 30  30  30  THR THR A . n 
A 1 31  LYS 31  31  31  LYS LYS A . n 
A 1 32  THR 32  32  32  THR THR A . n 
A 1 33  GLY 33  33  33  GLY GLY A . n 
A 1 34  VAL 34  34  34  VAL VAL A . n 
A 1 35  GLY 35  35  35  GLY GLY A . n 
A 1 36  VAL 36  36  36  VAL VAL A . n 
A 1 37  ASP 37  37  37  ASP ASP A . n 
A 1 38  VAL 38  38  38  VAL VAL A . n 
A 1 39  VAL 39  39  39  VAL VAL A . n 
A 1 40  ASP 40  40  40  ASP ASP A . n 
A 1 41  LEU 41  41  41  LEU LEU A . n 
A 1 42  GLY 42  42  42  GLY GLY A . n 
A 1 43  ALA 43  43  43  ALA ALA A . n 
A 1 44  ALA 44  44  44  ALA ALA A . n 
A 1 45  VAL 45  45  45  VAL VAL A . n 
A 1 46  ASP 46  46  46  ASP ASP A . n 
A 1 47  LEU 47  47  47  LEU LEU A . n 
A 1 48  GLN 48  48  48  GLN GLN A . n 
A 1 49  GLU 49  49  49  GLU GLU A . n 
A 1 50  LEU 50  50  50  LEU LEU A . n 
A 1 51  ARG 51  51  51  ARG ARG A . n 
A 1 52  GLU 52  52  52  GLU GLU A . n 
A 1 53  LEU 53  53  53  LEU LEU A . n 
A 1 54  VAL 54  54  54  VAL VAL A . n 
A 1 55  GLY 55  55  55  GLY GLY A . n 
A 1 56  ARG 56  56  56  ARG ARG A . n 
A 1 57  CYS 57  57  57  CYS CYS A . n 
A 1 58  THR 58  58  58  THR THR A . n 
A 1 59  GLY 59  59  59  GLY GLY A . n 
A 1 60  LEU 60  60  60  LEU LEU A . n 
A 1 61  VAL 61  61  61  VAL VAL A . n 
A 1 62  ILE 62  62  62  ILE ILE A . n 
A 1 63  GLY 63  63  63  GLY GLY A . n 
A 1 64  MSE 64  64  64  MSE MSE A . n 
A 1 65  SER 65  65  65  SER SER A . n 
A 1 66  PRO 66  66  66  PRO PRO A . n 
A 1 67  ALA 67  67  67  ALA ALA A . n 
A 1 68  ALA 68  68  68  ALA ALA A . n 
A 1 69  SER 69  69  69  SER SER A . n 
A 1 70  ALA 70  70  70  ALA ALA A . n 
A 1 71  ALA 71  71  71  ALA ALA A . n 
A 1 72  SER 72  72  72  SER SER A . n 
A 1 73  ILE 73  73  73  ILE ILE A . n 
A 1 74  GLN 74  74  74  GLN GLN A . n 
A 1 75  GLY 75  75  75  GLY GLY A . n 
A 1 76  ALA 76  76  76  ALA ALA A . n 
A 1 77  LEU 77  77  77  LEU LEU A . n 
A 1 78  SER 78  78  78  SER SER A . n 
A 1 79  THR 79  79  79  THR THR A . n 
A 1 80  ILE 80  80  80  ILE ILE A . n 
A 1 81  LEU 81  81  81  LEU LEU A . n 
A 1 82  GLY 82  82  82  GLY GLY A . n 
A 1 83  SER 83  83  83  SER SER A . n 
A 1 84  VAL 84  84  84  VAL VAL A . n 
A 1 85  ASN 85  85  85  ASN ASN A . n 
A 1 86  GLU 86  86  86  GLU GLU A . n 
A 1 87  LYS 87  87  87  LYS LYS A . n 
A 1 88  GLN 88  88  88  GLN GLN A . n 
A 1 89  ALA 89  89  89  ALA ALA A . n 
A 1 90  VAL 90  90  90  VAL VAL A . n 
A 1 91  GLY 91  91  91  GLY GLY A . n 
A 1 92  ILE 92  92  92  ILE ILE A . n 
A 1 93  PHE 93  93  93  PHE PHE A . n 
A 1 94  GLU 94  94  94  GLU GLU A . n 
A 1 95  THR 95  95  95  THR THR A . n 
A 1 96  GLY 96  96  96  GLY GLY A . n 
A 1 97  GLY 97  97  97  GLY GLY A . n 
A 1 98  GLY 98  98  98  GLY GLY A . n 
A 1 99  ASP 99  99  99  ASP ASP A . n 
A 1 100 ASP 100 100 100 ASP ASP A . n 
A 1 101 GLU 101 101 101 GLU GLU A . n 
A 1 102 PRO 102 102 102 PRO PRO A . n 
A 1 103 ILE 103 103 103 ILE ILE A . n 
A 1 104 ASP 104 104 104 ASP ASP A . n 
A 1 105 PRO 105 105 105 PRO PRO A . n 
A 1 106 LEU 106 106 106 LEU LEU A . n 
A 1 107 LEU 107 107 107 LEU LEU A . n 
A 1 108 SER 108 108 108 SER SER A . n 
A 1 109 LYS 109 109 109 LYS LYS A . n 
A 1 110 PHE 110 110 110 PHE PHE A . n 
A 1 111 ARG 111 111 111 ARG ARG A . n 
A 1 112 ASN 112 112 112 ASN ASN A . n 
A 1 113 LEU 113 113 113 LEU LEU A . n 
A 1 114 GLY 114 114 114 GLY GLY A . n 
A 1 115 LEU 115 115 115 LEU LEU A . n 
A 1 116 THR 116 116 116 THR THR A . n 
A 1 117 THR 117 117 117 THR THR A . n 
A 1 118 ALA 118 118 118 ALA ALA A . n 
A 1 119 PHE 119 119 119 PHE PHE A . n 
A 1 120 PRO 120 120 120 PRO PRO A . n 
A 1 121 ALA 121 121 121 ALA ALA A . n 
A 1 122 ILE 122 122 122 ILE ILE A . n 
A 1 123 ARG 123 123 123 ARG ARG A . n 
A 1 124 ILE 124 124 124 ILE ILE A . n 
A 1 125 LYS 125 125 125 LYS LYS A . n 
A 1 126 GLN 126 126 126 GLN GLN A . n 
A 1 127 THR 127 127 127 THR THR A . n 
A 1 128 PRO 128 128 128 PRO PRO A . n 
A 1 129 THR 129 129 129 THR THR A . n 
A 1 130 GLU 130 130 130 GLU GLU A . n 
A 1 131 ASN 131 131 131 ASN ASN A . n 
A 1 132 THR 132 132 132 THR THR A . n 
A 1 133 TYR 133 133 133 TYR TYR A . n 
A 1 134 LYS 134 134 134 LYS LYS A . n 
A 1 135 LEU 135 135 135 LEU LEU A . n 
A 1 136 CYS 136 136 136 CYS CYS A . n 
A 1 137 GLU 137 137 137 GLU GLU A . n 
A 1 138 GLU 138 138 138 GLU GLU A . n 
A 1 139 ALA 139 139 139 ALA ALA A . n 
A 1 140 GLY 140 140 140 GLY GLY A . n 
A 1 141 THR 141 141 141 THR THR A . n 
A 1 142 ASP 142 142 142 ASP ASP A . n 
A 1 143 LEU 143 143 143 LEU LEU A . n 
A 1 144 GLY 144 144 144 GLY GLY A . n 
A 1 145 GLN 145 145 145 GLN GLN A . n 
A 1 146 TRP 146 146 146 TRP TRP A . n 
A 1 147 VAL 147 147 147 VAL VAL A . n 
A 1 148 THR 148 148 148 THR THR A . n 
A 1 149 ARG 149 149 149 ARG ARG A . n 
A 1 150 ASP 150 150 150 ASP ASP A . n 
A 1 151 ARG 151 151 151 ARG ARG A . n 
A 1 152 LEU 152 152 152 LEU LEU A . n 
A 1 153 GLU 153 153 153 GLU GLU A . n 
A 1 154 HIS 154 154 154 HIS HIS A . n 
A 1 155 HIS 155 155 155 HIS HIS A . n 
A 1 156 HIS 156 156 ?   ?   ?   A . n 
A 1 157 HIS 157 157 ?   ?   ?   A . n 
A 1 158 HIS 158 158 ?   ?   ?   A . n 
A 1 159 HIS 159 159 ?   ?   ?   A . n 
# 
loop_
_pdbx_nonpoly_scheme.asym_id 
_pdbx_nonpoly_scheme.entity_id 
_pdbx_nonpoly_scheme.mon_id 
_pdbx_nonpoly_scheme.ndb_seq_num 
_pdbx_nonpoly_scheme.pdb_seq_num 
_pdbx_nonpoly_scheme.auth_seq_num 
_pdbx_nonpoly_scheme.pdb_mon_id 
_pdbx_nonpoly_scheme.auth_mon_id 
_pdbx_nonpoly_scheme.pdb_strand_id 
_pdbx_nonpoly_scheme.pdb_ins_code 
B 2 HOH 1   160 160 HOH HOH A . 
B 2 HOH 2   161 161 HOH HOH A . 
B 2 HOH 3   162 162 HOH HOH A . 
B 2 HOH 4   163 163 HOH HOH A . 
B 2 HOH 5   164 164 HOH HOH A . 
B 2 HOH 6   165 165 HOH HOH A . 
B 2 HOH 7   166 166 HOH HOH A . 
B 2 HOH 8   167 167 HOH HOH A . 
B 2 HOH 9   168 168 HOH HOH A . 
B 2 HOH 10  169 169 HOH HOH A . 
B 2 HOH 11  170 170 HOH HOH A . 
B 2 HOH 12  171 171 HOH HOH A . 
B 2 HOH 13  172 172 HOH HOH A . 
B 2 HOH 14  173 173 HOH HOH A . 
B 2 HOH 15  174 174 HOH HOH A . 
B 2 HOH 16  175 175 HOH HOH A . 
B 2 HOH 17  176 176 HOH HOH A . 
B 2 HOH 18  177 177 HOH HOH A . 
B 2 HOH 19  178 178 HOH HOH A . 
B 2 HOH 20  179 179 HOH HOH A . 
B 2 HOH 21  180 180 HOH HOH A . 
B 2 HOH 22  181 181 HOH HOH A . 
B 2 HOH 23  182 182 HOH HOH A . 
B 2 HOH 24  183 183 HOH HOH A . 
B 2 HOH 25  184 184 HOH HOH A . 
B 2 HOH 26  185 185 HOH HOH A . 
B 2 HOH 27  186 186 HOH HOH A . 
B 2 HOH 28  187 187 HOH HOH A . 
B 2 HOH 29  188 188 HOH HOH A . 
B 2 HOH 30  189 189 HOH HOH A . 
B 2 HOH 31  190 190 HOH HOH A . 
B 2 HOH 32  191 191 HOH HOH A . 
B 2 HOH 33  192 192 HOH HOH A . 
B 2 HOH 34  193 193 HOH HOH A . 
B 2 HOH 35  194 194 HOH HOH A . 
B 2 HOH 36  195 195 HOH HOH A . 
B 2 HOH 37  196 196 HOH HOH A . 
B 2 HOH 38  197 197 HOH HOH A . 
B 2 HOH 39  198 198 HOH HOH A . 
B 2 HOH 40  199 199 HOH HOH A . 
B 2 HOH 41  200 200 HOH HOH A . 
B 2 HOH 42  201 201 HOH HOH A . 
B 2 HOH 43  202 202 HOH HOH A . 
B 2 HOH 44  203 203 HOH HOH A . 
B 2 HOH 45  204 204 HOH HOH A . 
B 2 HOH 46  205 205 HOH HOH A . 
B 2 HOH 47  206 206 HOH HOH A . 
B 2 HOH 48  207 207 HOH HOH A . 
B 2 HOH 49  208 208 HOH HOH A . 
B 2 HOH 50  209 209 HOH HOH A . 
B 2 HOH 51  210 210 HOH HOH A . 
B 2 HOH 52  211 211 HOH HOH A . 
B 2 HOH 53  212 212 HOH HOH A . 
B 2 HOH 54  213 213 HOH HOH A . 
B 2 HOH 55  214 214 HOH HOH A . 
B 2 HOH 56  215 215 HOH HOH A . 
B 2 HOH 57  216 216 HOH HOH A . 
B 2 HOH 58  217 217 HOH HOH A . 
B 2 HOH 59  218 218 HOH HOH A . 
B 2 HOH 60  219 219 HOH HOH A . 
B 2 HOH 61  220 220 HOH HOH A . 
B 2 HOH 62  221 221 HOH HOH A . 
B 2 HOH 63  222 222 HOH HOH A . 
B 2 HOH 64  223 223 HOH HOH A . 
B 2 HOH 65  224 224 HOH HOH A . 
B 2 HOH 66  225 225 HOH HOH A . 
B 2 HOH 67  226 226 HOH HOH A . 
B 2 HOH 68  227 227 HOH HOH A . 
B 2 HOH 69  228 228 HOH HOH A . 
B 2 HOH 70  229 229 HOH HOH A . 
B 2 HOH 71  230 230 HOH HOH A . 
B 2 HOH 72  231 231 HOH HOH A . 
B 2 HOH 73  232 232 HOH HOH A . 
B 2 HOH 74  233 233 HOH HOH A . 
B 2 HOH 75  234 234 HOH HOH A . 
B 2 HOH 76  235 235 HOH HOH A . 
B 2 HOH 77  236 236 HOH HOH A . 
B 2 HOH 78  237 237 HOH HOH A . 
B 2 HOH 79  238 238 HOH HOH A . 
B 2 HOH 80  239 239 HOH HOH A . 
B 2 HOH 81  240 240 HOH HOH A . 
B 2 HOH 82  241 241 HOH HOH A . 
B 2 HOH 83  242 242 HOH HOH A . 
B 2 HOH 84  243 243 HOH HOH A . 
B 2 HOH 85  244 244 HOH HOH A . 
B 2 HOH 86  245 245 HOH HOH A . 
B 2 HOH 87  246 246 HOH HOH A . 
B 2 HOH 88  247 247 HOH HOH A . 
B 2 HOH 89  248 248 HOH HOH A . 
B 2 HOH 90  249 249 HOH HOH A . 
B 2 HOH 91  250 250 HOH HOH A . 
B 2 HOH 92  251 251 HOH HOH A . 
B 2 HOH 93  252 252 HOH HOH A . 
B 2 HOH 94  253 253 HOH HOH A . 
B 2 HOH 95  254 254 HOH HOH A . 
B 2 HOH 96  255 255 HOH HOH A . 
B 2 HOH 97  256 256 HOH HOH A . 
B 2 HOH 98  257 257 HOH HOH A . 
B 2 HOH 99  258 258 HOH HOH A . 
B 2 HOH 100 259 259 HOH HOH A . 
B 2 HOH 101 260 260 HOH HOH A . 
B 2 HOH 102 261 261 HOH HOH A . 
B 2 HOH 103 262 262 HOH HOH A . 
B 2 HOH 104 263 263 HOH HOH A . 
B 2 HOH 105 264 264 HOH HOH A . 
B 2 HOH 106 265 265 HOH HOH A . 
B 2 HOH 107 266 266 HOH HOH A . 
B 2 HOH 108 267 267 HOH HOH A . 
B 2 HOH 109 268 268 HOH HOH A . 
B 2 HOH 110 269 269 HOH HOH A . 
B 2 HOH 111 270 270 HOH HOH A . 
B 2 HOH 112 271 271 HOH HOH A . 
B 2 HOH 113 272 272 HOH HOH A . 
B 2 HOH 114 273 273 HOH HOH A . 
B 2 HOH 115 274 274 HOH HOH A . 
B 2 HOH 116 275 275 HOH HOH A . 
B 2 HOH 117 276 276 HOH HOH A . 
B 2 HOH 118 277 277 HOH HOH A . 
B 2 HOH 119 278 278 HOH HOH A . 
B 2 HOH 120 279 279 HOH HOH A . 
B 2 HOH 121 280 280 HOH HOH A . 
B 2 HOH 122 281 281 HOH HOH A . 
B 2 HOH 123 282 282 HOH HOH A . 
B 2 HOH 124 283 283 HOH HOH A . 
B 2 HOH 125 284 284 HOH HOH A . 
B 2 HOH 126 285 285 HOH HOH A . 
B 2 HOH 127 286 286 HOH HOH A . 
B 2 HOH 128 287 287 HOH HOH A . 
B 2 HOH 129 288 288 HOH HOH A . 
B 2 HOH 130 289 289 HOH HOH A . 
B 2 HOH 131 290 290 HOH HOH A . 
B 2 HOH 132 291 291 HOH HOH A . 
B 2 HOH 133 292 292 HOH HOH A . 
B 2 HOH 134 293 293 HOH HOH A . 
B 2 HOH 135 294 294 HOH HOH A . 
B 2 HOH 136 295 295 HOH HOH A . 
B 2 HOH 137 296 296 HOH HOH A . 
B 2 HOH 138 297 156 HOH HOH A . 
B 2 HOH 139 298 157 HOH HOH A . 
B 2 HOH 140 299 158 HOH HOH A . 
B 2 HOH 141 300 159 HOH HOH A . 
# 
loop_
_software.name 
_software.classification 
_software.version 
_software.citation_id 
_software.pdbx_ordinal 
ADSC      'data collection' Quantum              ? 1 
SHELX     'model building'  'then SOLVE/RESOLVE' ? 2 
CNS       refinement        '1.2 & XtalView'     ? 3 
HKL-2000  'data reduction'  .                    ? 4 
SCALEPACK 'data scaling'    .                    ? 5 
SHELX     phasing           'then SOLVE/RESOLVE' ? 6 
# 
_cell.entry_id           3FNI 
_cell.length_a           28.096 
_cell.length_b           66.301 
_cell.length_c           75.150 
_cell.angle_alpha        90.00 
_cell.angle_beta         90.00 
_cell.angle_gamma        90.00 
_cell.Z_PDB              4 
_cell.pdbx_unique_axis   ? 
_cell.length_a_esd       ? 
_cell.length_b_esd       ? 
_cell.length_c_esd       ? 
_cell.angle_alpha_esd    ? 
_cell.angle_beta_esd     ? 
_cell.angle_gamma_esd    ? 
# 
_symmetry.entry_id                         3FNI 
_symmetry.space_group_name_H-M             'P 21 21 21' 
_symmetry.pdbx_full_space_group_name_H-M   ? 
_symmetry.cell_setting                     ? 
_symmetry.Int_Tables_number                19 
_symmetry.space_group_name_Hall            ? 
# 
_exptl.entry_id          3FNI 
_exptl.method            'X-RAY DIFFRACTION' 
_exptl.crystals_number   1 
# 
_exptl_crystal.id                    1 
_exptl_crystal.density_meas          ? 
_exptl_crystal.density_Matthews      2.05 
_exptl_crystal.density_percent_sol   40.06 
_exptl_crystal.description           ? 
_exptl_crystal.F_000                 ? 
_exptl_crystal.preparation           ? 
# 
_exptl_crystal_grow.crystal_id      1 
_exptl_crystal_grow.method          'Microbatch under oil' 
_exptl_crystal_grow.temp            277 
_exptl_crystal_grow.temp_details    ? 
_exptl_crystal_grow.pH              7.5 
_exptl_crystal_grow.pdbx_details    
;Protein solution: 10 mM Tris (pH 7.5), 100 mM sodium chloride, and 5 mM DTT. Reservoir solution:100 mM HEPES (pH 7.5), 40% PEG 4k, and 100 mM Magnesium Acetate. 
, Microbatch under oil, temperature 277K
;
_exptl_crystal_grow.pdbx_pH_range   ? 
# 
_diffrn.id                     1 
_diffrn.ambient_temp           100 
_diffrn.ambient_temp_details   ? 
_diffrn.crystal_id             1 
# 
_diffrn_detector.diffrn_id              1 
_diffrn_detector.detector               CCD 
_diffrn_detector.type                   'ADSC QUANTUM 4' 
_diffrn_detector.pdbx_collection_date   2008-12-03 
_diffrn_detector.details                mirrors 
# 
_diffrn_radiation.diffrn_id                        1 
_diffrn_radiation.wavelength_id                    1 
_diffrn_radiation.pdbx_monochromatic_or_laue_m_l   M 
_diffrn_radiation.monochromator                    'Si 111 CHANNEL' 
_diffrn_radiation.pdbx_diffrn_protocol             'SINGLE WAVELENGTH' 
_diffrn_radiation.pdbx_scattering_type             x-ray 
# 
_diffrn_radiation_wavelength.id           1 
_diffrn_radiation_wavelength.wavelength   0.96863 
_diffrn_radiation_wavelength.wt           1.0 
# 
_diffrn_source.diffrn_id                   1 
_diffrn_source.source                      SYNCHROTRON 
_diffrn_source.type                        'NSLS BEAMLINE X4A' 
_diffrn_source.pdbx_synchrotron_site       NSLS 
_diffrn_source.pdbx_synchrotron_beamline   X4A 
_diffrn_source.pdbx_wavelength             ? 
_diffrn_source.pdbx_wavelength_list        0.96863 
# 
_reflns.entry_id                     3FNI 
_reflns.observed_criterion_sigma_I   0 
_reflns.observed_criterion_sigma_F   0 
_reflns.d_resolution_low             20 
_reflns.d_resolution_high            2.3 
_reflns.number_obs                   12184 
_reflns.number_all                   12344 
_reflns.percent_possible_obs         98.7 
_reflns.pdbx_Rmerge_I_obs            0.080 
_reflns.pdbx_Rsym_value              0.075 
_reflns.pdbx_netI_over_sigmaI        25.44 
_reflns.B_iso_Wilson_estimate        16.4 
_reflns.pdbx_redundancy              6.8 
_reflns.R_free_details               ? 
_reflns.limit_h_max                  ? 
_reflns.limit_h_min                  ? 
_reflns.limit_k_max                  ? 
_reflns.limit_k_min                  ? 
_reflns.limit_l_max                  ? 
_reflns.limit_l_min                  ? 
_reflns.observed_criterion_F_max     ? 
_reflns.observed_criterion_F_min     ? 
_reflns.pdbx_chi_squared             ? 
_reflns.pdbx_scaling_rejects         ? 
_reflns.pdbx_ordinal                 1 
_reflns.pdbx_diffrn_id               1 
# 
_reflns_shell.d_res_high             2.3 
_reflns_shell.d_res_low              2.38 
_reflns_shell.percent_possible_all   100 
_reflns_shell.Rmerge_I_obs           0.169 
_reflns_shell.pdbx_Rsym_value        0.157 
_reflns_shell.meanI_over_sigI_obs    12.40 
_reflns_shell.pdbx_redundancy        6.7 
_reflns_shell.percent_possible_obs   ? 
_reflns_shell.number_unique_all      1235 
_reflns_shell.number_measured_all    ? 
_reflns_shell.number_measured_obs    ? 
_reflns_shell.number_unique_obs      ? 
_reflns_shell.pdbx_chi_squared       ? 
_reflns_shell.pdbx_ordinal           1 
_reflns_shell.pdbx_diffrn_id         1 
# 
_refine.entry_id                                 3FNI 
_refine.ls_number_reflns_obs                     11425 
_refine.ls_number_reflns_all                     12038 
_refine.pdbx_ls_sigma_I                          2.0 
_refine.pdbx_ls_sigma_F                          2.0 
_refine.pdbx_data_cutoff_high_absF               640762.17 
_refine.pdbx_data_cutoff_low_absF                0.000000 
_refine.pdbx_data_cutoff_high_rms_absF           ? 
_refine.ls_d_res_low                             20 
_refine.ls_d_res_high                            2.30 
_refine.ls_percent_reflns_obs                    94.9 
_refine.ls_R_factor_obs                          0.210 
_refine.ls_R_factor_all                          0.212 
_refine.ls_R_factor_R_work                       0.210 
_refine.ls_R_factor_R_free                       0.252 
_refine.ls_R_factor_R_free_error                 0.011 
_refine.ls_R_factor_R_free_error_details         ? 
_refine.ls_percent_reflns_R_free                 5.1 
_refine.ls_number_reflns_R_free                  586 
_refine.ls_number_parameters                     ? 
_refine.ls_number_restraints                     ? 
_refine.occupancy_min                            ? 
_refine.occupancy_max                            ? 
_refine.correlation_coeff_Fo_to_Fc               ? 
_refine.correlation_coeff_Fo_to_Fc_free          ? 
_refine.B_iso_mean                               26.7 
_refine.aniso_B[1][1]                            -8.63 
_refine.aniso_B[2][2]                            19.53 
_refine.aniso_B[3][3]                            -10.90 
_refine.aniso_B[1][2]                            0.00 
_refine.aniso_B[1][3]                            0.00 
_refine.aniso_B[2][3]                            0.00 
_refine.solvent_model_details                    'FLAT MODEL' 
_refine.solvent_model_param_ksol                 0.3 
_refine.solvent_model_param_bsol                 24.4613 
_refine.pdbx_solvent_vdw_probe_radii             ? 
_refine.pdbx_solvent_ion_probe_radii             ? 
_refine.pdbx_solvent_shrinkage_radii             ? 
_refine.pdbx_ls_cross_valid_method               THROUGHOUT 
_refine.details                                  ? 
_refine.pdbx_starting_model                      ? 
_refine.pdbx_method_to_determine_struct          SAD 
_refine.pdbx_isotropic_thermal_model             RESTRAINED 
_refine.pdbx_stereochemistry_target_values       'Engh & Huber' 
_refine.pdbx_stereochem_target_val_spec_case     ? 
_refine.pdbx_R_Free_selection_details            RANDOM 
_refine.pdbx_overall_ESU_R                       ? 
_refine.pdbx_overall_ESU_R_Free                  ? 
_refine.overall_SU_ML                            ? 
_refine.overall_SU_B                             ? 
_refine.ls_redundancy_reflns_obs                 ? 
_refine.B_iso_min                                ? 
_refine.B_iso_max                                ? 
_refine.overall_SU_R_Cruickshank_DPI             ? 
_refine.overall_SU_R_free                        ? 
_refine.ls_wR_factor_R_free                      ? 
_refine.ls_wR_factor_R_work                      ? 
_refine.overall_FOM_free_R_set                   ? 
_refine.overall_FOM_work_R_set                   ? 
_refine.pdbx_overall_phase_error                 ? 
_refine.pdbx_refine_id                           'X-RAY DIFFRACTION' 
_refine.pdbx_diffrn_id                           1 
_refine.pdbx_TLS_residual_ADP_flag               ? 
_refine.pdbx_overall_SU_R_free_Cruickshank_DPI   ? 
_refine.pdbx_overall_SU_R_Blow_DPI               ? 
_refine.pdbx_overall_SU_R_free_Blow_DPI          ? 
# 
_refine_analyze.entry_id                        3FNI 
_refine_analyze.Luzzati_coordinate_error_obs    0.24 
_refine_analyze.Luzzati_sigma_a_obs             0.13 
_refine_analyze.Luzzati_d_res_low_obs           5.00 
_refine_analyze.Luzzati_coordinate_error_free   0.36 
_refine_analyze.Luzzati_sigma_a_free            0.23 
_refine_analyze.Luzzati_d_res_low_free          ? 
_refine_analyze.number_disordered_residues      ? 
_refine_analyze.occupancy_sum_hydrogen          ? 
_refine_analyze.occupancy_sum_non_hydrogen      ? 
_refine_analyze.pdbx_Luzzati_d_res_high_obs     ? 
_refine_analyze.pdbx_refine_id                  'X-RAY DIFFRACTION' 
# 
_refine_hist.pdbx_refine_id                   'X-RAY DIFFRACTION' 
_refine_hist.cycle_id                         LAST 
_refine_hist.pdbx_number_atoms_protein        1148 
_refine_hist.pdbx_number_atoms_nucleic_acid   0 
_refine_hist.pdbx_number_atoms_ligand         0 
_refine_hist.number_atoms_solvent             141 
_refine_hist.number_atoms_total               1289 
_refine_hist.d_res_high                       2.30 
_refine_hist.d_res_low                        20 
# 
loop_
_refine_ls_restr.type 
_refine_ls_restr.dev_ideal 
_refine_ls_restr.dev_ideal_target 
_refine_ls_restr.weight 
_refine_ls_restr.number 
_refine_ls_restr.pdbx_refine_id 
_refine_ls_restr.pdbx_restraint_function 
c_bond_d           0.006 ? ? ? 'X-RAY DIFFRACTION' ? 
c_angle_deg        1.1   ? ? ? 'X-RAY DIFFRACTION' ? 
c_dihedral_angle_d 22.6  ? ? ? 'X-RAY DIFFRACTION' ? 
c_improper_angle_d 0.71  ? ? ? 'X-RAY DIFFRACTION' ? 
# 
_refine_ls_shell.pdbx_total_number_of_bins_used   10 
_refine_ls_shell.d_res_high                       2.30 
_refine_ls_shell.d_res_low                        2.38 
_refine_ls_shell.number_reflns_R_work             1081 
_refine_ls_shell.R_factor_R_work                  0.222 
_refine_ls_shell.percent_reflns_obs               92.2 
_refine_ls_shell.R_factor_R_free                  0.266 
_refine_ls_shell.R_factor_R_free_error            0.041 
_refine_ls_shell.percent_reflns_R_free            3.4 
_refine_ls_shell.number_reflns_R_free             38 
_refine_ls_shell.number_reflns_all                ? 
_refine_ls_shell.R_factor_all                     ? 
_refine_ls_shell.number_reflns_obs                1081 
_refine_ls_shell.redundancy_reflns_obs            ? 
_refine_ls_shell.pdbx_refine_id                   'X-RAY DIFFRACTION' 
# 
_struct.entry_id                  3FNI 
_struct.title                     
'Crystal structure of a diflavin flavoprotein A3 (all3895) from Nostoc sp., Northeast Structural Genomics Consortium Target NsR431A' 
_struct.pdbx_model_details        ? 
_struct.pdbx_CASP_flag            ? 
_struct.pdbx_model_type_details   ? 
# 
_struct_keywords.entry_id        3FNI 
_struct_keywords.pdbx_keywords   OXIDOREDUCTASE 
_struct_keywords.text            
;alpha-beta protein, Structural Genomics, PSI-2, Protein Structure Initiative, Northeast Structural Genomics Consortium, NESG, Electron transport, Iron, Metal-binding, Oxidoreductase, Transport
;
# 
loop_
_struct_asym.id 
_struct_asym.pdbx_blank_PDB_chainid_flag 
_struct_asym.pdbx_modified 
_struct_asym.entity_id 
_struct_asym.details 
A N N 1 ? 
B N N 2 ? 
# 
_struct_ref.id                         1 
_struct_ref.db_name                    UNP 
_struct_ref.db_code                    DFA3_ANASP 
_struct_ref.pdbx_db_accession          Q8YQD8 
_struct_ref.entity_id                  1 
_struct_ref.pdbx_seq_one_letter_code   
;TKAETSIGVFYVSEYGYSDRLAQAIINGITKTGVGVDVVDLGAAVDLQELRELVGRCTGLVIGMSPAASAASIQGALSTI
LGSVNEKQAVGIFETGGGDDEPIDPLLSKFRNLGLTTAFPAIRIKQTPTENTYKLCEEAGTDLGQWVTRDR
;
_struct_ref.pdbx_align_begin           259 
_struct_ref.pdbx_db_isoform            ? 
# 
_struct_ref_seq.align_id                      1 
_struct_ref_seq.ref_id                        1 
_struct_ref_seq.pdbx_PDB_id_code              3FNI 
_struct_ref_seq.pdbx_strand_id                A 
_struct_ref_seq.seq_align_beg                 1 
_struct_ref_seq.pdbx_seq_align_beg_ins_code   ? 
_struct_ref_seq.seq_align_end                 151 
_struct_ref_seq.pdbx_seq_align_end_ins_code   ? 
_struct_ref_seq.pdbx_db_accession             Q8YQD8 
_struct_ref_seq.db_align_beg                  259 
_struct_ref_seq.pdbx_db_align_beg_ins_code    ? 
_struct_ref_seq.db_align_end                  409 
_struct_ref_seq.pdbx_db_align_end_ins_code    ? 
_struct_ref_seq.pdbx_auth_seq_align_beg       1 
_struct_ref_seq.pdbx_auth_seq_align_end       151 
# 
loop_
_struct_ref_seq_dif.align_id 
_struct_ref_seq_dif.pdbx_pdb_id_code 
_struct_ref_seq_dif.mon_id 
_struct_ref_seq_dif.pdbx_pdb_strand_id 
_struct_ref_seq_dif.seq_num 
_struct_ref_seq_dif.pdbx_pdb_ins_code 
_struct_ref_seq_dif.pdbx_seq_db_name 
_struct_ref_seq_dif.pdbx_seq_db_accession_code 
_struct_ref_seq_dif.db_mon_id 
_struct_ref_seq_dif.pdbx_seq_db_seq_num 
_struct_ref_seq_dif.details 
_struct_ref_seq_dif.pdbx_auth_seq_num 
_struct_ref_seq_dif.pdbx_ordinal 
1 3FNI LEU A 152 ? UNP Q8YQD8 ? ? 'expression tag' 152 1 
1 3FNI GLU A 153 ? UNP Q8YQD8 ? ? 'expression tag' 153 2 
1 3FNI HIS A 154 ? UNP Q8YQD8 ? ? 'expression tag' 154 3 
1 3FNI HIS A 155 ? UNP Q8YQD8 ? ? 'expression tag' 155 4 
1 3FNI HIS A 156 ? UNP Q8YQD8 ? ? 'expression tag' 156 5 
1 3FNI HIS A 157 ? UNP Q8YQD8 ? ? 'expression tag' 157 6 
1 3FNI HIS A 158 ? UNP Q8YQD8 ? ? 'expression tag' 158 7 
1 3FNI HIS A 159 ? UNP Q8YQD8 ? ? 'expression tag' 159 8 
# 
_pdbx_struct_assembly.id                   1 
_pdbx_struct_assembly.details              author_and_software_defined_assembly 
_pdbx_struct_assembly.method_details       PISA 
_pdbx_struct_assembly.oligomeric_details   monomeric 
_pdbx_struct_assembly.oligomeric_count     1 
# 
_pdbx_struct_assembly_gen.assembly_id       1 
_pdbx_struct_assembly_gen.oper_expression   1 
_pdbx_struct_assembly_gen.asym_id_list      A,B 
# 
_pdbx_struct_oper_list.id                   1 
_pdbx_struct_oper_list.type                 'identity operation' 
_pdbx_struct_oper_list.name                 1_555 
_pdbx_struct_oper_list.symmetry_operation   x,y,z 
_pdbx_struct_oper_list.matrix[1][1]         1.0000000000 
_pdbx_struct_oper_list.matrix[1][2]         0.0000000000 
_pdbx_struct_oper_list.matrix[1][3]         0.0000000000 
_pdbx_struct_oper_list.vector[1]            0.0000000000 
_pdbx_struct_oper_list.matrix[2][1]         0.0000000000 
_pdbx_struct_oper_list.matrix[2][2]         1.0000000000 
_pdbx_struct_oper_list.matrix[2][3]         0.0000000000 
_pdbx_struct_oper_list.vector[2]            0.0000000000 
_pdbx_struct_oper_list.matrix[3][1]         0.0000000000 
_pdbx_struct_oper_list.matrix[3][2]         0.0000000000 
_pdbx_struct_oper_list.matrix[3][3]         1.0000000000 
_pdbx_struct_oper_list.vector[3]            0.0000000000 
# 
_struct_biol.id        1 
_struct_biol.details   monomer 
# 
loop_
_struct_conf.conf_type_id 
_struct_conf.id 
_struct_conf.pdbx_PDB_helix_id 
_struct_conf.beg_label_comp_id 
_struct_conf.beg_label_asym_id 
_struct_conf.beg_label_seq_id 
_struct_conf.pdbx_beg_PDB_ins_code 
_struct_conf.end_label_comp_id 
_struct_conf.end_label_asym_id 
_struct_conf.end_label_seq_id 
_struct_conf.pdbx_end_PDB_ins_code 
_struct_conf.beg_auth_comp_id 
_struct_conf.beg_auth_asym_id 
_struct_conf.beg_auth_seq_id 
_struct_conf.end_auth_comp_id 
_struct_conf.end_auth_asym_id 
_struct_conf.end_auth_seq_id 
_struct_conf.pdbx_PDB_helix_class 
_struct_conf.details 
_struct_conf.pdbx_PDB_helix_length 
HELX_P HELX_P1 1 TYR A 17  ? THR A 32  ? TYR A 17  THR A 32  1 ? 16 
HELX_P HELX_P2 2 ASP A 46  ? ARG A 56  ? ASP A 46  ARG A 56  1 ? 11 
HELX_P HELX_P3 3 SER A 69  ? VAL A 84  ? SER A 69  VAL A 84  1 ? 16 
HELX_P HELX_P4 4 PRO A 102 ? LEU A 113 ? PRO A 102 LEU A 113 1 ? 12 
HELX_P HELX_P5 5 THR A 129 ? GLU A 153 ? THR A 129 GLU A 153 1 ? 25 
# 
_struct_conf_type.id          HELX_P 
_struct_conf_type.criteria    ? 
_struct_conf_type.reference   ? 
# 
loop_
_struct_conn.id 
_struct_conn.conn_type_id 
_struct_conn.pdbx_leaving_atom_flag 
_struct_conn.pdbx_PDB_id 
_struct_conn.ptnr1_label_asym_id 
_struct_conn.ptnr1_label_comp_id 
_struct_conn.ptnr1_label_seq_id 
_struct_conn.ptnr1_label_atom_id 
_struct_conn.pdbx_ptnr1_label_alt_id 
_struct_conn.pdbx_ptnr1_PDB_ins_code 
_struct_conn.pdbx_ptnr1_standard_comp_id 
_struct_conn.ptnr1_symmetry 
_struct_conn.ptnr2_label_asym_id 
_struct_conn.ptnr2_label_comp_id 
_struct_conn.ptnr2_label_seq_id 
_struct_conn.ptnr2_label_atom_id 
_struct_conn.pdbx_ptnr2_label_alt_id 
_struct_conn.pdbx_ptnr2_PDB_ins_code 
_struct_conn.ptnr1_auth_asym_id 
_struct_conn.ptnr1_auth_comp_id 
_struct_conn.ptnr1_auth_seq_id 
_struct_conn.ptnr2_auth_asym_id 
_struct_conn.ptnr2_auth_comp_id 
_struct_conn.ptnr2_auth_seq_id 
_struct_conn.ptnr2_symmetry 
_struct_conn.pdbx_ptnr3_label_atom_id 
_struct_conn.pdbx_ptnr3_label_seq_id 
_struct_conn.pdbx_ptnr3_label_comp_id 
_struct_conn.pdbx_ptnr3_label_asym_id 
_struct_conn.pdbx_ptnr3_label_alt_id 
_struct_conn.pdbx_ptnr3_PDB_ins_code 
_struct_conn.details 
_struct_conn.pdbx_dist_value 
_struct_conn.pdbx_value_order 
_struct_conn.pdbx_role 
covale1 covale both ? A GLY 63 C ? ? ? 1_555 A MSE 64 N ? ? A GLY 63 A MSE 64 1_555 ? ? ? ? ? ? ? 1.328 ? ? 
covale2 covale both ? A MSE 64 C ? ? ? 1_555 A SER 65 N ? ? A MSE 64 A SER 65 1_555 ? ? ? ? ? ? ? 1.329 ? ? 
# 
_struct_conn_type.id          covale 
_struct_conn_type.criteria    ? 
_struct_conn_type.reference   ? 
# 
_pdbx_modification_feature.ordinal                            1 
_pdbx_modification_feature.label_comp_id                      MSE 
_pdbx_modification_feature.label_asym_id                      A 
_pdbx_modification_feature.label_seq_id                       64 
_pdbx_modification_feature.label_alt_id                       ? 
_pdbx_modification_feature.modified_residue_label_comp_id     . 
_pdbx_modification_feature.modified_residue_label_asym_id     . 
_pdbx_modification_feature.modified_residue_label_seq_id      . 
_pdbx_modification_feature.modified_residue_label_alt_id      . 
_pdbx_modification_feature.auth_comp_id                       MSE 
_pdbx_modification_feature.auth_asym_id                       A 
_pdbx_modification_feature.auth_seq_id                        64 
_pdbx_modification_feature.PDB_ins_code                       ? 
_pdbx_modification_feature.symmetry                           1_555 
_pdbx_modification_feature.modified_residue_auth_comp_id      . 
_pdbx_modification_feature.modified_residue_auth_asym_id      . 
_pdbx_modification_feature.modified_residue_auth_seq_id       . 
_pdbx_modification_feature.modified_residue_PDB_ins_code      . 
_pdbx_modification_feature.modified_residue_symmetry          . 
_pdbx_modification_feature.comp_id_linking_atom               . 
_pdbx_modification_feature.modified_residue_id_linking_atom   . 
_pdbx_modification_feature.modified_residue_id                MET 
_pdbx_modification_feature.ref_pcm_id                         1 
_pdbx_modification_feature.ref_comp_id                        MSE 
_pdbx_modification_feature.type                               Selenomethionine 
_pdbx_modification_feature.category                           'Named protein modification' 
# 
_struct_sheet.id               A 
_struct_sheet.type             ? 
_struct_sheet.number_strands   5 
_struct_sheet.details          ? 
# 
loop_
_struct_sheet_order.sheet_id 
_struct_sheet_order.range_id_1 
_struct_sheet_order.range_id_2 
_struct_sheet_order.offset 
_struct_sheet_order.sense 
A 1 2 ? parallel 
A 2 3 ? parallel 
A 3 4 ? parallel 
A 4 5 ? parallel 
# 
loop_
_struct_sheet_range.sheet_id 
_struct_sheet_range.id 
_struct_sheet_range.beg_label_comp_id 
_struct_sheet_range.beg_label_asym_id 
_struct_sheet_range.beg_label_seq_id 
_struct_sheet_range.pdbx_beg_PDB_ins_code 
_struct_sheet_range.end_label_comp_id 
_struct_sheet_range.end_label_asym_id 
_struct_sheet_range.end_label_seq_id 
_struct_sheet_range.pdbx_end_PDB_ins_code 
_struct_sheet_range.beg_auth_comp_id 
_struct_sheet_range.beg_auth_asym_id 
_struct_sheet_range.beg_auth_seq_id 
_struct_sheet_range.end_auth_comp_id 
_struct_sheet_range.end_auth_asym_id 
_struct_sheet_range.end_auth_seq_id 
A 1 GLY A 35  ? ASP A 40  ? GLY A 35  ASP A 40  
A 2 SER A 6   ? TYR A 11  ? SER A 6   TYR A 11  
A 3 CYS A 57  ? GLY A 63  ? CYS A 57  GLY A 63  
A 4 ALA A 89  ? PHE A 93  ? ALA A 89  PHE A 93  
A 5 THR A 116 ? THR A 117 ? THR A 116 THR A 117 
# 
loop_
_pdbx_struct_sheet_hbond.sheet_id 
_pdbx_struct_sheet_hbond.range_id_1 
_pdbx_struct_sheet_hbond.range_id_2 
_pdbx_struct_sheet_hbond.range_1_label_atom_id 
_pdbx_struct_sheet_hbond.range_1_label_comp_id 
_pdbx_struct_sheet_hbond.range_1_label_asym_id 
_pdbx_struct_sheet_hbond.range_1_label_seq_id 
_pdbx_struct_sheet_hbond.range_1_PDB_ins_code 
_pdbx_struct_sheet_hbond.range_1_auth_atom_id 
_pdbx_struct_sheet_hbond.range_1_auth_comp_id 
_pdbx_struct_sheet_hbond.range_1_auth_asym_id 
_pdbx_struct_sheet_hbond.range_1_auth_seq_id 
_pdbx_struct_sheet_hbond.range_2_label_atom_id 
_pdbx_struct_sheet_hbond.range_2_label_comp_id 
_pdbx_struct_sheet_hbond.range_2_label_asym_id 
_pdbx_struct_sheet_hbond.range_2_label_seq_id 
_pdbx_struct_sheet_hbond.range_2_PDB_ins_code 
_pdbx_struct_sheet_hbond.range_2_auth_atom_id 
_pdbx_struct_sheet_hbond.range_2_auth_comp_id 
_pdbx_struct_sheet_hbond.range_2_auth_asym_id 
_pdbx_struct_sheet_hbond.range_2_auth_seq_id 
A 1 2 O ASP A 37 ? O ASP A 37 N VAL A 9   ? N VAL A 9   
A 2 3 N PHE A 10 ? N PHE A 10 O VAL A 61  ? O VAL A 61  
A 3 4 N ILE A 62 ? N ILE A 62 O GLY A 91  ? O GLY A 91  
A 4 5 N VAL A 90 ? N VAL A 90 O THR A 116 ? O THR A 116 
# 
_pdbx_entry_details.entry_id                   3FNI 
_pdbx_entry_details.compound_details           ? 
_pdbx_entry_details.source_details             ? 
_pdbx_entry_details.nonpolymer_details         ? 
_pdbx_entry_details.sequence_details           ? 
_pdbx_entry_details.has_ligand_of_interest     ? 
_pdbx_entry_details.has_protein_modification   Y 
# 
_pdbx_SG_project.id                    1 
_pdbx_SG_project.project_name          'PSI, Protein Structure Initiative' 
_pdbx_SG_project.full_name_of_center   'Northeast Structural Genomics Consortium' 
_pdbx_SG_project.initial_of_center     NESG 
# 
_pdbx_struct_mod_residue.id               1 
_pdbx_struct_mod_residue.label_asym_id    A 
_pdbx_struct_mod_residue.label_comp_id    MSE 
_pdbx_struct_mod_residue.label_seq_id     64 
_pdbx_struct_mod_residue.auth_asym_id     A 
_pdbx_struct_mod_residue.auth_comp_id     MSE 
_pdbx_struct_mod_residue.auth_seq_id      64 
_pdbx_struct_mod_residue.PDB_ins_code     ? 
_pdbx_struct_mod_residue.parent_comp_id   MET 
_pdbx_struct_mod_residue.details          SELENOMETHIONINE 
# 
loop_
_pdbx_unobs_or_zero_occ_residues.id 
_pdbx_unobs_or_zero_occ_residues.PDB_model_num 
_pdbx_unobs_or_zero_occ_residues.polymer_flag 
_pdbx_unobs_or_zero_occ_residues.occupancy_flag 
_pdbx_unobs_or_zero_occ_residues.auth_asym_id 
_pdbx_unobs_or_zero_occ_residues.auth_comp_id 
_pdbx_unobs_or_zero_occ_residues.auth_seq_id 
_pdbx_unobs_or_zero_occ_residues.PDB_ins_code 
_pdbx_unobs_or_zero_occ_residues.label_asym_id 
_pdbx_unobs_or_zero_occ_residues.label_comp_id 
_pdbx_unobs_or_zero_occ_residues.label_seq_id 
1 1 Y 1 A THR 1   ? A THR 1   
2 1 Y 1 A HIS 156 ? A HIS 156 
3 1 Y 1 A HIS 157 ? A HIS 157 
4 1 Y 1 A HIS 158 ? A HIS 158 
5 1 Y 1 A HIS 159 ? A HIS 159 
# 
loop_
_chem_comp_atom.comp_id 
_chem_comp_atom.atom_id 
_chem_comp_atom.type_symbol 
_chem_comp_atom.pdbx_aromatic_flag 
_chem_comp_atom.pdbx_stereo_config 
_chem_comp_atom.pdbx_ordinal 
ALA N    N  N N 1   
ALA CA   C  N S 2   
ALA C    C  N N 3   
ALA O    O  N N 4   
ALA CB   C  N N 5   
ALA OXT  O  N N 6   
ALA H    H  N N 7   
ALA H2   H  N N 8   
ALA HA   H  N N 9   
ALA HB1  H  N N 10  
ALA HB2  H  N N 11  
ALA HB3  H  N N 12  
ALA HXT  H  N N 13  
ARG N    N  N N 14  
ARG CA   C  N S 15  
ARG C    C  N N 16  
ARG O    O  N N 17  
ARG CB   C  N N 18  
ARG CG   C  N N 19  
ARG CD   C  N N 20  
ARG NE   N  N N 21  
ARG CZ   C  N N 22  
ARG NH1  N  N N 23  
ARG NH2  N  N N 24  
ARG OXT  O  N N 25  
ARG H    H  N N 26  
ARG H2   H  N N 27  
ARG HA   H  N N 28  
ARG HB2  H  N N 29  
ARG HB3  H  N N 30  
ARG HG2  H  N N 31  
ARG HG3  H  N N 32  
ARG HD2  H  N N 33  
ARG HD3  H  N N 34  
ARG HE   H  N N 35  
ARG HH11 H  N N 36  
ARG HH12 H  N N 37  
ARG HH21 H  N N 38  
ARG HH22 H  N N 39  
ARG HXT  H  N N 40  
ASN N    N  N N 41  
ASN CA   C  N S 42  
ASN C    C  N N 43  
ASN O    O  N N 44  
ASN CB   C  N N 45  
ASN CG   C  N N 46  
ASN OD1  O  N N 47  
ASN ND2  N  N N 48  
ASN OXT  O  N N 49  
ASN H    H  N N 50  
ASN H2   H  N N 51  
ASN HA   H  N N 52  
ASN HB2  H  N N 53  
ASN HB3  H  N N 54  
ASN HD21 H  N N 55  
ASN HD22 H  N N 56  
ASN HXT  H  N N 57  
ASP N    N  N N 58  
ASP CA   C  N S 59  
ASP C    C  N N 60  
ASP O    O  N N 61  
ASP CB   C  N N 62  
ASP CG   C  N N 63  
ASP OD1  O  N N 64  
ASP OD2  O  N N 65  
ASP OXT  O  N N 66  
ASP H    H  N N 67  
ASP H2   H  N N 68  
ASP HA   H  N N 69  
ASP HB2  H  N N 70  
ASP HB3  H  N N 71  
ASP HD2  H  N N 72  
ASP HXT  H  N N 73  
CYS N    N  N N 74  
CYS CA   C  N R 75  
CYS C    C  N N 76  
CYS O    O  N N 77  
CYS CB   C  N N 78  
CYS SG   S  N N 79  
CYS OXT  O  N N 80  
CYS H    H  N N 81  
CYS H2   H  N N 82  
CYS HA   H  N N 83  
CYS HB2  H  N N 84  
CYS HB3  H  N N 85  
CYS HG   H  N N 86  
CYS HXT  H  N N 87  
GLN N    N  N N 88  
GLN CA   C  N S 89  
GLN C    C  N N 90  
GLN O    O  N N 91  
GLN CB   C  N N 92  
GLN CG   C  N N 93  
GLN CD   C  N N 94  
GLN OE1  O  N N 95  
GLN NE2  N  N N 96  
GLN OXT  O  N N 97  
GLN H    H  N N 98  
GLN H2   H  N N 99  
GLN HA   H  N N 100 
GLN HB2  H  N N 101 
GLN HB3  H  N N 102 
GLN HG2  H  N N 103 
GLN HG3  H  N N 104 
GLN HE21 H  N N 105 
GLN HE22 H  N N 106 
GLN HXT  H  N N 107 
GLU N    N  N N 108 
GLU CA   C  N S 109 
GLU C    C  N N 110 
GLU O    O  N N 111 
GLU CB   C  N N 112 
GLU CG   C  N N 113 
GLU CD   C  N N 114 
GLU OE1  O  N N 115 
GLU OE2  O  N N 116 
GLU OXT  O  N N 117 
GLU H    H  N N 118 
GLU H2   H  N N 119 
GLU HA   H  N N 120 
GLU HB2  H  N N 121 
GLU HB3  H  N N 122 
GLU HG2  H  N N 123 
GLU HG3  H  N N 124 
GLU HE2  H  N N 125 
GLU HXT  H  N N 126 
GLY N    N  N N 127 
GLY CA   C  N N 128 
GLY C    C  N N 129 
GLY O    O  N N 130 
GLY OXT  O  N N 131 
GLY H    H  N N 132 
GLY H2   H  N N 133 
GLY HA2  H  N N 134 
GLY HA3  H  N N 135 
GLY HXT  H  N N 136 
HIS N    N  N N 137 
HIS CA   C  N S 138 
HIS C    C  N N 139 
HIS O    O  N N 140 
HIS CB   C  N N 141 
HIS CG   C  Y N 142 
HIS ND1  N  Y N 143 
HIS CD2  C  Y N 144 
HIS CE1  C  Y N 145 
HIS NE2  N  Y N 146 
HIS OXT  O  N N 147 
HIS H    H  N N 148 
HIS H2   H  N N 149 
HIS HA   H  N N 150 
HIS HB2  H  N N 151 
HIS HB3  H  N N 152 
HIS HD1  H  N N 153 
HIS HD2  H  N N 154 
HIS HE1  H  N N 155 
HIS HE2  H  N N 156 
HIS HXT  H  N N 157 
HOH O    O  N N 158 
HOH H1   H  N N 159 
HOH H2   H  N N 160 
ILE N    N  N N 161 
ILE CA   C  N S 162 
ILE C    C  N N 163 
ILE O    O  N N 164 
ILE CB   C  N S 165 
ILE CG1  C  N N 166 
ILE CG2  C  N N 167 
ILE CD1  C  N N 168 
ILE OXT  O  N N 169 
ILE H    H  N N 170 
ILE H2   H  N N 171 
ILE HA   H  N N 172 
ILE HB   H  N N 173 
ILE HG12 H  N N 174 
ILE HG13 H  N N 175 
ILE HG21 H  N N 176 
ILE HG22 H  N N 177 
ILE HG23 H  N N 178 
ILE HD11 H  N N 179 
ILE HD12 H  N N 180 
ILE HD13 H  N N 181 
ILE HXT  H  N N 182 
LEU N    N  N N 183 
LEU CA   C  N S 184 
LEU C    C  N N 185 
LEU O    O  N N 186 
LEU CB   C  N N 187 
LEU CG   C  N N 188 
LEU CD1  C  N N 189 
LEU CD2  C  N N 190 
LEU OXT  O  N N 191 
LEU H    H  N N 192 
LEU H2   H  N N 193 
LEU HA   H  N N 194 
LEU HB2  H  N N 195 
LEU HB3  H  N N 196 
LEU HG   H  N N 197 
LEU HD11 H  N N 198 
LEU HD12 H  N N 199 
LEU HD13 H  N N 200 
LEU HD21 H  N N 201 
LEU HD22 H  N N 202 
LEU HD23 H  N N 203 
LEU HXT  H  N N 204 
LYS N    N  N N 205 
LYS CA   C  N S 206 
LYS C    C  N N 207 
LYS O    O  N N 208 
LYS CB   C  N N 209 
LYS CG   C  N N 210 
LYS CD   C  N N 211 
LYS CE   C  N N 212 
LYS NZ   N  N N 213 
LYS OXT  O  N N 214 
LYS H    H  N N 215 
LYS H2   H  N N 216 
LYS HA   H  N N 217 
LYS HB2  H  N N 218 
LYS HB3  H  N N 219 
LYS HG2  H  N N 220 
LYS HG3  H  N N 221 
LYS HD2  H  N N 222 
LYS HD3  H  N N 223 
LYS HE2  H  N N 224 
LYS HE3  H  N N 225 
LYS HZ1  H  N N 226 
LYS HZ2  H  N N 227 
LYS HZ3  H  N N 228 
LYS HXT  H  N N 229 
MSE N    N  N N 230 
MSE CA   C  N S 231 
MSE C    C  N N 232 
MSE O    O  N N 233 
MSE OXT  O  N N 234 
MSE CB   C  N N 235 
MSE CG   C  N N 236 
MSE SE   SE N N 237 
MSE CE   C  N N 238 
MSE H    H  N N 239 
MSE H2   H  N N 240 
MSE HA   H  N N 241 
MSE HXT  H  N N 242 
MSE HB2  H  N N 243 
MSE HB3  H  N N 244 
MSE HG2  H  N N 245 
MSE HG3  H  N N 246 
MSE HE1  H  N N 247 
MSE HE2  H  N N 248 
MSE HE3  H  N N 249 
PHE N    N  N N 250 
PHE CA   C  N S 251 
PHE C    C  N N 252 
PHE O    O  N N 253 
PHE CB   C  N N 254 
PHE CG   C  Y N 255 
PHE CD1  C  Y N 256 
PHE CD2  C  Y N 257 
PHE CE1  C  Y N 258 
PHE CE2  C  Y N 259 
PHE CZ   C  Y N 260 
PHE OXT  O  N N 261 
PHE H    H  N N 262 
PHE H2   H  N N 263 
PHE HA   H  N N 264 
PHE HB2  H  N N 265 
PHE HB3  H  N N 266 
PHE HD1  H  N N 267 
PHE HD2  H  N N 268 
PHE HE1  H  N N 269 
PHE HE2  H  N N 270 
PHE HZ   H  N N 271 
PHE HXT  H  N N 272 
PRO N    N  N N 273 
PRO CA   C  N S 274 
PRO C    C  N N 275 
PRO O    O  N N 276 
PRO CB   C  N N 277 
PRO CG   C  N N 278 
PRO CD   C  N N 279 
PRO OXT  O  N N 280 
PRO H    H  N N 281 
PRO HA   H  N N 282 
PRO HB2  H  N N 283 
PRO HB3  H  N N 284 
PRO HG2  H  N N 285 
PRO HG3  H  N N 286 
PRO HD2  H  N N 287 
PRO HD3  H  N N 288 
PRO HXT  H  N N 289 
SER N    N  N N 290 
SER CA   C  N S 291 
SER C    C  N N 292 
SER O    O  N N 293 
SER CB   C  N N 294 
SER OG   O  N N 295 
SER OXT  O  N N 296 
SER H    H  N N 297 
SER H2   H  N N 298 
SER HA   H  N N 299 
SER HB2  H  N N 300 
SER HB3  H  N N 301 
SER HG   H  N N 302 
SER HXT  H  N N 303 
THR N    N  N N 304 
THR CA   C  N S 305 
THR C    C  N N 306 
THR O    O  N N 307 
THR CB   C  N R 308 
THR OG1  O  N N 309 
THR CG2  C  N N 310 
THR OXT  O  N N 311 
THR H    H  N N 312 
THR H2   H  N N 313 
THR HA   H  N N 314 
THR HB   H  N N 315 
THR HG1  H  N N 316 
THR HG21 H  N N 317 
THR HG22 H  N N 318 
THR HG23 H  N N 319 
THR HXT  H  N N 320 
TRP N    N  N N 321 
TRP CA   C  N S 322 
TRP C    C  N N 323 
TRP O    O  N N 324 
TRP CB   C  N N 325 
TRP CG   C  Y N 326 
TRP CD1  C  Y N 327 
TRP CD2  C  Y N 328 
TRP NE1  N  Y N 329 
TRP CE2  C  Y N 330 
TRP CE3  C  Y N 331 
TRP CZ2  C  Y N 332 
TRP CZ3  C  Y N 333 
TRP CH2  C  Y N 334 
TRP OXT  O  N N 335 
TRP H    H  N N 336 
TRP H2   H  N N 337 
TRP HA   H  N N 338 
TRP HB2  H  N N 339 
TRP HB3  H  N N 340 
TRP HD1  H  N N 341 
TRP HE1  H  N N 342 
TRP HE3  H  N N 343 
TRP HZ2  H  N N 344 
TRP HZ3  H  N N 345 
TRP HH2  H  N N 346 
TRP HXT  H  N N 347 
TYR N    N  N N 348 
TYR CA   C  N S 349 
TYR C    C  N N 350 
TYR O    O  N N 351 
TYR CB   C  N N 352 
TYR CG   C  Y N 353 
TYR CD1  C  Y N 354 
TYR CD2  C  Y N 355 
TYR CE1  C  Y N 356 
TYR CE2  C  Y N 357 
TYR CZ   C  Y N 358 
TYR OH   O  N N 359 
TYR OXT  O  N N 360 
TYR H    H  N N 361 
TYR H2   H  N N 362 
TYR HA   H  N N 363 
TYR HB2  H  N N 364 
TYR HB3  H  N N 365 
TYR HD1  H  N N 366 
TYR HD2  H  N N 367 
TYR HE1  H  N N 368 
TYR HE2  H  N N 369 
TYR HH   H  N N 370 
TYR HXT  H  N N 371 
VAL N    N  N N 372 
VAL CA   C  N S 373 
VAL C    C  N N 374 
VAL O    O  N N 375 
VAL CB   C  N N 376 
VAL CG1  C  N N 377 
VAL CG2  C  N N 378 
VAL OXT  O  N N 379 
VAL H    H  N N 380 
VAL H2   H  N N 381 
VAL HA   H  N N 382 
VAL HB   H  N N 383 
VAL HG11 H  N N 384 
VAL HG12 H  N N 385 
VAL HG13 H  N N 386 
VAL HG21 H  N N 387 
VAL HG22 H  N N 388 
VAL HG23 H  N N 389 
VAL HXT  H  N N 390 
# 
loop_
_chem_comp_bond.comp_id 
_chem_comp_bond.atom_id_1 
_chem_comp_bond.atom_id_2 
_chem_comp_bond.value_order 
_chem_comp_bond.pdbx_aromatic_flag 
_chem_comp_bond.pdbx_stereo_config 
_chem_comp_bond.pdbx_ordinal 
ALA N   CA   sing N N 1   
ALA N   H    sing N N 2   
ALA N   H2   sing N N 3   
ALA CA  C    sing N N 4   
ALA CA  CB   sing N N 5   
ALA CA  HA   sing N N 6   
ALA C   O    doub N N 7   
ALA C   OXT  sing N N 8   
ALA CB  HB1  sing N N 9   
ALA CB  HB2  sing N N 10  
ALA CB  HB3  sing N N 11  
ALA OXT HXT  sing N N 12  
ARG N   CA   sing N N 13  
ARG N   H    sing N N 14  
ARG N   H2   sing N N 15  
ARG CA  C    sing N N 16  
ARG CA  CB   sing N N 17  
ARG CA  HA   sing N N 18  
ARG C   O    doub N N 19  
ARG C   OXT  sing N N 20  
ARG CB  CG   sing N N 21  
ARG CB  HB2  sing N N 22  
ARG CB  HB3  sing N N 23  
ARG CG  CD   sing N N 24  
ARG CG  HG2  sing N N 25  
ARG CG  HG3  sing N N 26  
ARG CD  NE   sing N N 27  
ARG CD  HD2  sing N N 28  
ARG CD  HD3  sing N N 29  
ARG NE  CZ   sing N N 30  
ARG NE  HE   sing N N 31  
ARG CZ  NH1  sing N N 32  
ARG CZ  NH2  doub N N 33  
ARG NH1 HH11 sing N N 34  
ARG NH1 HH12 sing N N 35  
ARG NH2 HH21 sing N N 36  
ARG NH2 HH22 sing N N 37  
ARG OXT HXT  sing N N 38  
ASN N   CA   sing N N 39  
ASN N   H    sing N N 40  
ASN N   H2   sing N N 41  
ASN CA  C    sing N N 42  
ASN CA  CB   sing N N 43  
ASN CA  HA   sing N N 44  
ASN C   O    doub N N 45  
ASN C   OXT  sing N N 46  
ASN CB  CG   sing N N 47  
ASN CB  HB2  sing N N 48  
ASN CB  HB3  sing N N 49  
ASN CG  OD1  doub N N 50  
ASN CG  ND2  sing N N 51  
ASN ND2 HD21 sing N N 52  
ASN ND2 HD22 sing N N 53  
ASN OXT HXT  sing N N 54  
ASP N   CA   sing N N 55  
ASP N   H    sing N N 56  
ASP N   H2   sing N N 57  
ASP CA  C    sing N N 58  
ASP CA  CB   sing N N 59  
ASP CA  HA   sing N N 60  
ASP C   O    doub N N 61  
ASP C   OXT  sing N N 62  
ASP CB  CG   sing N N 63  
ASP CB  HB2  sing N N 64  
ASP CB  HB3  sing N N 65  
ASP CG  OD1  doub N N 66  
ASP CG  OD2  sing N N 67  
ASP OD2 HD2  sing N N 68  
ASP OXT HXT  sing N N 69  
CYS N   CA   sing N N 70  
CYS N   H    sing N N 71  
CYS N   H2   sing N N 72  
CYS CA  C    sing N N 73  
CYS CA  CB   sing N N 74  
CYS CA  HA   sing N N 75  
CYS C   O    doub N N 76  
CYS C   OXT  sing N N 77  
CYS CB  SG   sing N N 78  
CYS CB  HB2  sing N N 79  
CYS CB  HB3  sing N N 80  
CYS SG  HG   sing N N 81  
CYS OXT HXT  sing N N 82  
GLN N   CA   sing N N 83  
GLN N   H    sing N N 84  
GLN N   H2   sing N N 85  
GLN CA  C    sing N N 86  
GLN CA  CB   sing N N 87  
GLN CA  HA   sing N N 88  
GLN C   O    doub N N 89  
GLN C   OXT  sing N N 90  
GLN CB  CG   sing N N 91  
GLN CB  HB2  sing N N 92  
GLN CB  HB3  sing N N 93  
GLN CG  CD   sing N N 94  
GLN CG  HG2  sing N N 95  
GLN CG  HG3  sing N N 96  
GLN CD  OE1  doub N N 97  
GLN CD  NE2  sing N N 98  
GLN NE2 HE21 sing N N 99  
GLN NE2 HE22 sing N N 100 
GLN OXT HXT  sing N N 101 
GLU N   CA   sing N N 102 
GLU N   H    sing N N 103 
GLU N   H2   sing N N 104 
GLU CA  C    sing N N 105 
GLU CA  CB   sing N N 106 
GLU CA  HA   sing N N 107 
GLU C   O    doub N N 108 
GLU C   OXT  sing N N 109 
GLU CB  CG   sing N N 110 
GLU CB  HB2  sing N N 111 
GLU CB  HB3  sing N N 112 
GLU CG  CD   sing N N 113 
GLU CG  HG2  sing N N 114 
GLU CG  HG3  sing N N 115 
GLU CD  OE1  doub N N 116 
GLU CD  OE2  sing N N 117 
GLU OE2 HE2  sing N N 118 
GLU OXT HXT  sing N N 119 
GLY N   CA   sing N N 120 
GLY N   H    sing N N 121 
GLY N   H2   sing N N 122 
GLY CA  C    sing N N 123 
GLY CA  HA2  sing N N 124 
GLY CA  HA3  sing N N 125 
GLY C   O    doub N N 126 
GLY C   OXT  sing N N 127 
GLY OXT HXT  sing N N 128 
HIS N   CA   sing N N 129 
HIS N   H    sing N N 130 
HIS N   H2   sing N N 131 
HIS CA  C    sing N N 132 
HIS CA  CB   sing N N 133 
HIS CA  HA   sing N N 134 
HIS C   O    doub N N 135 
HIS C   OXT  sing N N 136 
HIS CB  CG   sing N N 137 
HIS CB  HB2  sing N N 138 
HIS CB  HB3  sing N N 139 
HIS CG  ND1  sing Y N 140 
HIS CG  CD2  doub Y N 141 
HIS ND1 CE1  doub Y N 142 
HIS ND1 HD1  sing N N 143 
HIS CD2 NE2  sing Y N 144 
HIS CD2 HD2  sing N N 145 
HIS CE1 NE2  sing Y N 146 
HIS CE1 HE1  sing N N 147 
HIS NE2 HE2  sing N N 148 
HIS OXT HXT  sing N N 149 
HOH O   H1   sing N N 150 
HOH O   H2   sing N N 151 
ILE N   CA   sing N N 152 
ILE N   H    sing N N 153 
ILE N   H2   sing N N 154 
ILE CA  C    sing N N 155 
ILE CA  CB   sing N N 156 
ILE CA  HA   sing N N 157 
ILE C   O    doub N N 158 
ILE C   OXT  sing N N 159 
ILE CB  CG1  sing N N 160 
ILE CB  CG2  sing N N 161 
ILE CB  HB   sing N N 162 
ILE CG1 CD1  sing N N 163 
ILE CG1 HG12 sing N N 164 
ILE CG1 HG13 sing N N 165 
ILE CG2 HG21 sing N N 166 
ILE CG2 HG22 sing N N 167 
ILE CG2 HG23 sing N N 168 
ILE CD1 HD11 sing N N 169 
ILE CD1 HD12 sing N N 170 
ILE CD1 HD13 sing N N 171 
ILE OXT HXT  sing N N 172 
LEU N   CA   sing N N 173 
LEU N   H    sing N N 174 
LEU N   H2   sing N N 175 
LEU CA  C    sing N N 176 
LEU CA  CB   sing N N 177 
LEU CA  HA   sing N N 178 
LEU C   O    doub N N 179 
LEU C   OXT  sing N N 180 
LEU CB  CG   sing N N 181 
LEU CB  HB2  sing N N 182 
LEU CB  HB3  sing N N 183 
LEU CG  CD1  sing N N 184 
LEU CG  CD2  sing N N 185 
LEU CG  HG   sing N N 186 
LEU CD1 HD11 sing N N 187 
LEU CD1 HD12 sing N N 188 
LEU CD1 HD13 sing N N 189 
LEU CD2 HD21 sing N N 190 
LEU CD2 HD22 sing N N 191 
LEU CD2 HD23 sing N N 192 
LEU OXT HXT  sing N N 193 
LYS N   CA   sing N N 194 
LYS N   H    sing N N 195 
LYS N   H2   sing N N 196 
LYS CA  C    sing N N 197 
LYS CA  CB   sing N N 198 
LYS CA  HA   sing N N 199 
LYS C   O    doub N N 200 
LYS C   OXT  sing N N 201 
LYS CB  CG   sing N N 202 
LYS CB  HB2  sing N N 203 
LYS CB  HB3  sing N N 204 
LYS CG  CD   sing N N 205 
LYS CG  HG2  sing N N 206 
LYS CG  HG3  sing N N 207 
LYS CD  CE   sing N N 208 
LYS CD  HD2  sing N N 209 
LYS CD  HD3  sing N N 210 
LYS CE  NZ   sing N N 211 
LYS CE  HE2  sing N N 212 
LYS CE  HE3  sing N N 213 
LYS NZ  HZ1  sing N N 214 
LYS NZ  HZ2  sing N N 215 
LYS NZ  HZ3  sing N N 216 
LYS OXT HXT  sing N N 217 
MSE N   CA   sing N N 218 
MSE N   H    sing N N 219 
MSE N   H2   sing N N 220 
MSE CA  C    sing N N 221 
MSE CA  CB   sing N N 222 
MSE CA  HA   sing N N 223 
MSE C   O    doub N N 224 
MSE C   OXT  sing N N 225 
MSE OXT HXT  sing N N 226 
MSE CB  CG   sing N N 227 
MSE CB  HB2  sing N N 228 
MSE CB  HB3  sing N N 229 
MSE CG  SE   sing N N 230 
MSE CG  HG2  sing N N 231 
MSE CG  HG3  sing N N 232 
MSE SE  CE   sing N N 233 
MSE CE  HE1  sing N N 234 
MSE CE  HE2  sing N N 235 
MSE CE  HE3  sing N N 236 
PHE N   CA   sing N N 237 
PHE N   H    sing N N 238 
PHE N   H2   sing N N 239 
PHE CA  C    sing N N 240 
PHE CA  CB   sing N N 241 
PHE CA  HA   sing N N 242 
PHE C   O    doub N N 243 
PHE C   OXT  sing N N 244 
PHE CB  CG   sing N N 245 
PHE CB  HB2  sing N N 246 
PHE CB  HB3  sing N N 247 
PHE CG  CD1  doub Y N 248 
PHE CG  CD2  sing Y N 249 
PHE CD1 CE1  sing Y N 250 
PHE CD1 HD1  sing N N 251 
PHE CD2 CE2  doub Y N 252 
PHE CD2 HD2  sing N N 253 
PHE CE1 CZ   doub Y N 254 
PHE CE1 HE1  sing N N 255 
PHE CE2 CZ   sing Y N 256 
PHE CE2 HE2  sing N N 257 
PHE CZ  HZ   sing N N 258 
PHE OXT HXT  sing N N 259 
PRO N   CA   sing N N 260 
PRO N   CD   sing N N 261 
PRO N   H    sing N N 262 
PRO CA  C    sing N N 263 
PRO CA  CB   sing N N 264 
PRO CA  HA   sing N N 265 
PRO C   O    doub N N 266 
PRO C   OXT  sing N N 267 
PRO CB  CG   sing N N 268 
PRO CB  HB2  sing N N 269 
PRO CB  HB3  sing N N 270 
PRO CG  CD   sing N N 271 
PRO CG  HG2  sing N N 272 
PRO CG  HG3  sing N N 273 
PRO CD  HD2  sing N N 274 
PRO CD  HD3  sing N N 275 
PRO OXT HXT  sing N N 276 
SER N   CA   sing N N 277 
SER N   H    sing N N 278 
SER N   H2   sing N N 279 
SER CA  C    sing N N 280 
SER CA  CB   sing N N 281 
SER CA  HA   sing N N 282 
SER C   O    doub N N 283 
SER C   OXT  sing N N 284 
SER CB  OG   sing N N 285 
SER CB  HB2  sing N N 286 
SER CB  HB3  sing N N 287 
SER OG  HG   sing N N 288 
SER OXT HXT  sing N N 289 
THR N   CA   sing N N 290 
THR N   H    sing N N 291 
THR N   H2   sing N N 292 
THR CA  C    sing N N 293 
THR CA  CB   sing N N 294 
THR CA  HA   sing N N 295 
THR C   O    doub N N 296 
THR C   OXT  sing N N 297 
THR CB  OG1  sing N N 298 
THR CB  CG2  sing N N 299 
THR CB  HB   sing N N 300 
THR OG1 HG1  sing N N 301 
THR CG2 HG21 sing N N 302 
THR CG2 HG22 sing N N 303 
THR CG2 HG23 sing N N 304 
THR OXT HXT  sing N N 305 
TRP N   CA   sing N N 306 
TRP N   H    sing N N 307 
TRP N   H2   sing N N 308 
TRP CA  C    sing N N 309 
TRP CA  CB   sing N N 310 
TRP CA  HA   sing N N 311 
TRP C   O    doub N N 312 
TRP C   OXT  sing N N 313 
TRP CB  CG   sing N N 314 
TRP CB  HB2  sing N N 315 
TRP CB  HB3  sing N N 316 
TRP CG  CD1  doub Y N 317 
TRP CG  CD2  sing Y N 318 
TRP CD1 NE1  sing Y N 319 
TRP CD1 HD1  sing N N 320 
TRP CD2 CE2  doub Y N 321 
TRP CD2 CE3  sing Y N 322 
TRP NE1 CE2  sing Y N 323 
TRP NE1 HE1  sing N N 324 
TRP CE2 CZ2  sing Y N 325 
TRP CE3 CZ3  doub Y N 326 
TRP CE3 HE3  sing N N 327 
TRP CZ2 CH2  doub Y N 328 
TRP CZ2 HZ2  sing N N 329 
TRP CZ3 CH2  sing Y N 330 
TRP CZ3 HZ3  sing N N 331 
TRP CH2 HH2  sing N N 332 
TRP OXT HXT  sing N N 333 
TYR N   CA   sing N N 334 
TYR N   H    sing N N 335 
TYR N   H2   sing N N 336 
TYR CA  C    sing N N 337 
TYR CA  CB   sing N N 338 
TYR CA  HA   sing N N 339 
TYR C   O    doub N N 340 
TYR C   OXT  sing N N 341 
TYR CB  CG   sing N N 342 
TYR CB  HB2  sing N N 343 
TYR CB  HB3  sing N N 344 
TYR CG  CD1  doub Y N 345 
TYR CG  CD2  sing Y N 346 
TYR CD1 CE1  sing Y N 347 
TYR CD1 HD1  sing N N 348 
TYR CD2 CE2  doub Y N 349 
TYR CD2 HD2  sing N N 350 
TYR CE1 CZ   doub Y N 351 
TYR CE1 HE1  sing N N 352 
TYR CE2 CZ   sing Y N 353 
TYR CE2 HE2  sing N N 354 
TYR CZ  OH   sing N N 355 
TYR OH  HH   sing N N 356 
TYR OXT HXT  sing N N 357 
VAL N   CA   sing N N 358 
VAL N   H    sing N N 359 
VAL N   H2   sing N N 360 
VAL CA  C    sing N N 361 
VAL CA  CB   sing N N 362 
VAL CA  HA   sing N N 363 
VAL C   O    doub N N 364 
VAL C   OXT  sing N N 365 
VAL CB  CG1  sing N N 366 
VAL CB  CG2  sing N N 367 
VAL CB  HB   sing N N 368 
VAL CG1 HG11 sing N N 369 
VAL CG1 HG12 sing N N 370 
VAL CG1 HG13 sing N N 371 
VAL CG2 HG21 sing N N 372 
VAL CG2 HG22 sing N N 373 
VAL CG2 HG23 sing N N 374 
VAL OXT HXT  sing N N 375 
# 
_atom_sites.entry_id                    3FNI 
_atom_sites.fract_transf_matrix[1][1]   -0.02577020 
_atom_sites.fract_transf_matrix[1][2]   -0.00119037 
_atom_sites.fract_transf_matrix[1][3]   0.02452081 
_atom_sites.fract_transf_matrix[2][1]   0.00803326 
_atom_sites.fract_transf_matrix[2][2]   0.00916389 
_atom_sites.fract_transf_matrix[2][3]   0.00888744 
_atom_sites.fract_transf_matrix[3][1]   -0.00583224 
_atom_sites.fract_transf_matrix[3][2]   0.01055998 
_atom_sites.fract_transf_matrix[3][3]   -0.00561676 
_atom_sites.fract_transf_vector[1]      0.341434 
_atom_sites.fract_transf_vector[2]      0.009616 
_atom_sites.fract_transf_vector[3]      0.174229 
# 
loop_
_atom_type.symbol 
C  
N  
O  
S  
SE 
# 
loop_
_atom_site.group_PDB 
_atom_site.id 
_atom_site.type_symbol 
_atom_site.label_atom_id 
_atom_site.label_alt_id 
_atom_site.label_comp_id 
_atom_site.label_asym_id 
_atom_site.label_entity_id 
_atom_site.label_seq_id 
_atom_site.pdbx_PDB_ins_code 
_atom_site.Cartn_x 
_atom_site.Cartn_y 
_atom_site.Cartn_z 
_atom_site.occupancy 
_atom_site.B_iso_or_equiv 
_atom_site.pdbx_formal_charge 
_atom_site.auth_seq_id 
_atom_site.auth_comp_id 
_atom_site.auth_asym_id 
_atom_site.auth_atom_id 
_atom_site.pdbx_PDB_model_num 
ATOM   1    N  N   . LYS A 1 2   ? -7.325  -16.980 10.867  1.00 41.07 ? 2   LYS A N   1 
ATOM   2    C  CA  . LYS A 1 2   ? -8.794  -17.013 11.107  1.00 41.46 ? 2   LYS A CA  1 
ATOM   3    C  C   . LYS A 1 2   ? -9.400  -15.609 11.013  1.00 43.51 ? 2   LYS A C   1 
ATOM   4    O  O   . LYS A 1 2   ? -10.582 -15.408 11.298  1.00 37.30 ? 2   LYS A O   1 
ATOM   5    C  CB  . LYS A 1 2   ? -9.081  -17.621 12.484  1.00 49.82 ? 2   LYS A CB  1 
ATOM   6    C  CG  . LYS A 1 2   ? -8.394  -18.967 12.720  1.00 54.78 ? 2   LYS A CG  1 
ATOM   7    C  CD  . LYS A 1 2   ? -8.781  -19.601 14.064  1.00 55.26 ? 2   LYS A CD  1 
ATOM   8    C  CE  . LYS A 1 2   ? -10.162 -20.250 14.013  1.00 48.11 ? 2   LYS A CE  1 
ATOM   9    N  NZ  . LYS A 1 2   ? -11.234 -19.298 13.608  1.00 49.38 ? 2   LYS A NZ  1 
ATOM   10   N  N   . ALA A 1 3   ? -8.580  -14.641 10.608  1.00 38.83 ? 3   ALA A N   1 
ATOM   11   C  CA  . ALA A 1 3   ? -9.028  -13.260 10.460  1.00 34.10 ? 3   ALA A CA  1 
ATOM   12   C  C   . ALA A 1 3   ? -9.556  -13.032 9.046   1.00 29.03 ? 3   ALA A C   1 
ATOM   13   O  O   . ALA A 1 3   ? -9.153  -13.718 8.109   1.00 29.58 ? 3   ALA A O   1 
ATOM   14   C  CB  . ALA A 1 3   ? -7.880  -12.300 10.747  1.00 26.61 ? 3   ALA A CB  1 
ATOM   15   N  N   . GLU A 1 4   ? -10.452 -12.062 8.904   1.00 27.56 ? 4   GLU A N   1 
ATOM   16   C  CA  . GLU A 1 4   ? -11.036 -11.730 7.610   1.00 25.19 ? 4   GLU A CA  1 
ATOM   17   C  C   . GLU A 1 4   ? -9.976  -11.383 6.555   1.00 24.17 ? 4   GLU A C   1 
ATOM   18   O  O   . GLU A 1 4   ? -8.976  -10.718 6.846   1.00 13.89 ? 4   GLU A O   1 
ATOM   19   C  CB  . GLU A 1 4   ? -12.027 -10.564 7.765   1.00 22.34 ? 4   GLU A CB  1 
ATOM   20   C  CG  . GLU A 1 4   ? -13.249 -10.883 8.634   1.00 20.28 ? 4   GLU A CG  1 
ATOM   21   C  CD  . GLU A 1 4   ? -14.295 -9.771  8.624   1.00 22.55 ? 4   GLU A CD  1 
ATOM   22   O  OE1 . GLU A 1 4   ? -15.391 -9.970  9.179   1.00 19.37 ? 4   GLU A OE1 1 
ATOM   23   O  OE2 . GLU A 1 4   ? -14.021 -8.695  8.058   1.00 37.11 ? 4   GLU A OE2 1 
ATOM   24   N  N   . THR A 1 5   ? -10.203 -11.863 5.337   1.00 17.52 ? 5   THR A N   1 
ATOM   25   C  CA  . THR A 1 5   ? -9.313  -11.615 4.206   1.00 14.75 ? 5   THR A CA  1 
ATOM   26   C  C   . THR A 1 5   ? -9.224  -10.110 4.002   1.00 20.80 ? 5   THR A C   1 
ATOM   27   O  O   . THR A 1 5   ? -10.226 -9.454  3.726   1.00 21.20 ? 5   THR A O   1 
ATOM   28   C  CB  . THR A 1 5   ? -9.874  -12.269 2.943   1.00 21.44 ? 5   THR A CB  1 
ATOM   29   O  OG1 . THR A 1 5   ? -9.991  -13.679 3.168   1.00 20.59 ? 5   THR A OG1 1 
ATOM   30   C  CG2 . THR A 1 5   ? -8.969  -11.996 1.740   1.00 18.60 ? 5   THR A CG2 1 
ATOM   31   N  N   . SER A 1 6   ? -8.019  -9.570  4.118   1.00 24.44 ? 6   SER A N   1 
ATOM   32   C  CA  . SER A 1 6   ? -7.835  -8.137  3.997   1.00 21.62 ? 6   SER A CA  1 
ATOM   33   C  C   . SER A 1 6   ? -6.572  -7.746  3.245   1.00 20.31 ? 6   SER A C   1 
ATOM   34   O  O   . SER A 1 6   ? -5.677  -8.561  3.019   1.00 18.40 ? 6   SER A O   1 
ATOM   35   C  CB  . SER A 1 6   ? -7.806  -7.527  5.405   1.00 19.74 ? 6   SER A CB  1 
ATOM   36   O  OG  . SER A 1 6   ? -7.596  -6.130  5.369   1.00 25.87 ? 6   SER A OG  1 
ATOM   37   N  N   . ILE A 1 7   ? -6.522  -6.480  2.853   1.00 18.60 ? 7   ILE A N   1 
ATOM   38   C  CA  . ILE A 1 7   ? -5.382  -5.932  2.150   1.00 19.32 ? 7   ILE A CA  1 
ATOM   39   C  C   . ILE A 1 7   ? -4.940  -4.741  2.983   1.00 14.53 ? 7   ILE A C   1 
ATOM   40   O  O   . ILE A 1 7   ? -5.763  -3.923  3.390   1.00 12.97 ? 7   ILE A O   1 
ATOM   41   C  CB  . ILE A 1 7   ? -5.775  -5.507  0.718   1.00 19.61 ? 7   ILE A CB  1 
ATOM   42   C  CG1 . ILE A 1 7   ? -4.720  -4.576  0.124   1.00 32.33 ? 7   ILE A CG1 1 
ATOM   43   C  CG2 . ILE A 1 7   ? -7.136  -4.854  0.737   1.00 39.08 ? 7   ILE A CG2 1 
ATOM   44   C  CD1 . ILE A 1 7   ? -4.844  -3.131  0.570   1.00 28.75 ? 7   ILE A CD1 1 
ATOM   45   N  N   . GLY A 1 8   ? -3.643  -4.661  3.256   1.00 13.04 ? 8   GLY A N   1 
ATOM   46   C  CA  . GLY A 1 8   ? -3.127  -3.571  4.065   1.00 11.27 ? 8   GLY A CA  1 
ATOM   47   C  C   . GLY A 1 8   ? -2.736  -2.343  3.274   1.00 10.83 ? 8   GLY A C   1 
ATOM   48   O  O   . GLY A 1 8   ? -2.024  -2.430  2.272   1.00 14.42 ? 8   GLY A O   1 
ATOM   49   N  N   . VAL A 1 9   ? -3.209  -1.194  3.743   1.00 15.16 ? 9   VAL A N   1 
ATOM   50   C  CA  . VAL A 1 9   ? -2.934  0.097   3.128   1.00 13.76 ? 9   VAL A CA  1 
ATOM   51   C  C   . VAL A 1 9   ? -2.104  0.903   4.125   1.00 25.15 ? 9   VAL A C   1 
ATOM   52   O  O   . VAL A 1 9   ? -2.583  1.264   5.201   1.00 10.82 ? 9   VAL A O   1 
ATOM   53   C  CB  . VAL A 1 9   ? -4.249  0.837   2.814   1.00 17.71 ? 9   VAL A CB  1 
ATOM   54   C  CG1 . VAL A 1 9   ? -3.955  2.186   2.192   1.00 16.04 ? 9   VAL A CG1 1 
ATOM   55   C  CG2 . VAL A 1 9   ? -5.100  -0.007  1.871   1.00 10.30 ? 9   VAL A CG2 1 
ATOM   56   N  N   . PHE A 1 10  ? -0.852  1.174   3.766   1.00 23.32 ? 10  PHE A N   1 
ATOM   57   C  CA  . PHE A 1 10  ? 0.045   1.908   4.647   1.00 18.05 ? 10  PHE A CA  1 
ATOM   58   C  C   . PHE A 1 10  ? 0.538   3.198   4.017   1.00 20.85 ? 10  PHE A C   1 
ATOM   59   O  O   . PHE A 1 10  ? 1.126   3.183   2.936   1.00 27.23 ? 10  PHE A O   1 
ATOM   60   C  CB  . PHE A 1 10  ? 1.258   1.047   4.997   1.00 21.44 ? 10  PHE A CB  1 
ATOM   61   C  CG  . PHE A 1 10  ? 0.917   -0.350  5.415   1.00 18.44 ? 10  PHE A CG  1 
ATOM   62   C  CD1 . PHE A 1 10  ? 0.468   -1.283  4.484   1.00 33.42 ? 10  PHE A CD1 1 
ATOM   63   C  CD2 . PHE A 1 10  ? 1.079   -0.746  6.736   1.00 17.86 ? 10  PHE A CD2 1 
ATOM   64   C  CE1 . PHE A 1 10  ? 0.189   -2.597  4.862   1.00 19.17 ? 10  PHE A CE1 1 
ATOM   65   C  CE2 . PHE A 1 10  ? 0.803   -2.053  7.130   1.00 21.27 ? 10  PHE A CE2 1 
ATOM   66   C  CZ  . PHE A 1 10  ? 0.358   -2.982  6.190   1.00 27.50 ? 10  PHE A CZ  1 
ATOM   67   N  N   . TYR A 1 11  ? 0.310   4.314   4.699   1.00 17.36 ? 11  TYR A N   1 
ATOM   68   C  CA  . TYR A 1 11  ? 0.746   5.602   4.190   1.00 18.86 ? 11  TYR A CA  1 
ATOM   69   C  C   . TYR A 1 11  ? 0.728   6.658   5.291   1.00 20.73 ? 11  TYR A C   1 
ATOM   70   O  O   . TYR A 1 11  ? 0.221   6.413   6.383   1.00 22.05 ? 11  TYR A O   1 
ATOM   71   C  CB  . TYR A 1 11  ? -0.147  6.046   3.026   1.00 15.27 ? 11  TYR A CB  1 
ATOM   72   C  CG  . TYR A 1 11  ? -1.555  6.437   3.425   1.00 17.85 ? 11  TYR A CG  1 
ATOM   73   C  CD1 . TYR A 1 11  ? -2.537  5.472   3.644   1.00 16.32 ? 11  TYR A CD1 1 
ATOM   74   C  CD2 . TYR A 1 11  ? -1.905  7.780   3.579   1.00 20.02 ? 11  TYR A CD2 1 
ATOM   75   C  CE1 . TYR A 1 11  ? -3.838  5.834   4.006   1.00 20.93 ? 11  TYR A CE1 1 
ATOM   76   C  CE2 . TYR A 1 11  ? -3.203  8.155   3.942   1.00 23.61 ? 11  TYR A CE2 1 
ATOM   77   C  CZ  . TYR A 1 11  ? -4.164  7.179   4.152   1.00 21.01 ? 11  TYR A CZ  1 
ATOM   78   O  OH  . TYR A 1 11  ? -5.449  7.548   4.492   1.00 19.81 ? 11  TYR A OH  1 
ATOM   79   N  N   . VAL A 1 12  ? 1.286   7.830   5.002   1.00 19.57 ? 12  VAL A N   1 
ATOM   80   C  CA  . VAL A 1 12  ? 1.319   8.919   5.976   1.00 21.76 ? 12  VAL A CA  1 
ATOM   81   C  C   . VAL A 1 12  ? 0.115   9.840   5.750   1.00 16.80 ? 12  VAL A C   1 
ATOM   82   O  O   . VAL A 1 12  ? 0.040   10.563  4.754   1.00 15.43 ? 12  VAL A O   1 
ATOM   83   C  CB  . VAL A 1 12  ? 2.672   9.704   5.880   1.00 28.91 ? 12  VAL A CB  1 
ATOM   84   C  CG1 . VAL A 1 12  ? 3.063   9.896   4.421   1.00 28.19 ? 12  VAL A CG1 1 
ATOM   85   C  CG2 . VAL A 1 12  ? 2.560   11.057  6.589   1.00 18.17 ? 12  VAL A CG2 1 
ATOM   86   N  N   . SER A 1 13  ? -0.841  9.797   6.673   1.00 14.82 ? 13  SER A N   1 
ATOM   87   C  CA  . SER A 1 13  ? -2.038  10.612  6.531   1.00 21.36 ? 13  SER A CA  1 
ATOM   88   C  C   . SER A 1 13  ? -1.732  12.099  6.498   1.00 20.85 ? 13  SER A C   1 
ATOM   89   O  O   . SER A 1 13  ? -0.770  12.569  7.108   1.00 21.14 ? 13  SER A O   1 
ATOM   90   C  CB  . SER A 1 13  ? -3.047  10.313  7.651   1.00 30.58 ? 13  SER A CB  1 
ATOM   91   O  OG  . SER A 1 13  ? -2.605  10.813  8.898   1.00 39.84 ? 13  SER A OG  1 
ATOM   92   N  N   . GLU A 1 14  ? -2.565  12.822  5.756   1.00 22.17 ? 14  GLU A N   1 
ATOM   93   C  CA  . GLU A 1 14  ? -2.465  14.268  5.592   1.00 21.94 ? 14  GLU A CA  1 
ATOM   94   C  C   . GLU A 1 14  ? -1.211  14.756  4.875   1.00 22.84 ? 14  GLU A C   1 
ATOM   95   O  O   . GLU A 1 14  ? -1.007  15.963  4.758   1.00 30.92 ? 14  GLU A O   1 
ATOM   96   C  CB  . GLU A 1 14  ? -2.576  14.968  6.947   1.00 21.73 ? 14  GLU A CB  1 
ATOM   97   C  CG  . GLU A 1 14  ? -3.728  14.484  7.820   1.00 25.91 ? 14  GLU A CG  1 
ATOM   98   C  CD  . GLU A 1 14  ? -4.163  15.531  8.826   1.00 26.36 ? 14  GLU A CD  1 
ATOM   99   O  OE1 . GLU A 1 14  ? -4.564  15.156  9.947   1.00 33.26 ? 14  GLU A OE1 1 
ATOM   100  O  OE2 . GLU A 1 14  ? -4.113  16.730  8.482   1.00 26.07 ? 14  GLU A OE2 1 
ATOM   101  N  N   . TYR A 1 15  ? -0.364  13.837  4.414   1.00 23.94 ? 15  TYR A N   1 
ATOM   102  C  CA  . TYR A 1 15  ? 0.842   14.229  3.679   1.00 21.34 ? 15  TYR A CA  1 
ATOM   103  C  C   . TYR A 1 15  ? 0.481   14.260  2.197   1.00 22.77 ? 15  TYR A C   1 
ATOM   104  O  O   . TYR A 1 15  ? 0.129   13.233  1.620   1.00 16.62 ? 15  TYR A O   1 
ATOM   105  C  CB  . TYR A 1 15  ? 1.995   13.234  3.908   1.00 20.58 ? 15  TYR A CB  1 
ATOM   106  C  CG  . TYR A 1 15  ? 3.166   13.419  2.951   1.00 15.27 ? 15  TYR A CG  1 
ATOM   107  C  CD1 . TYR A 1 15  ? 3.712   12.328  2.280   1.00 18.81 ? 15  TYR A CD1 1 
ATOM   108  C  CD2 . TYR A 1 15  ? 3.679   14.689  2.666   1.00 23.21 ? 15  TYR A CD2 1 
ATOM   109  C  CE1 . TYR A 1 15  ? 4.722   12.481  1.342   1.00 13.44 ? 15  TYR A CE1 1 
ATOM   110  C  CE2 . TYR A 1 15  ? 4.700   14.859  1.722   1.00 16.03 ? 15  TYR A CE2 1 
ATOM   111  C  CZ  . TYR A 1 15  ? 5.211   13.741  1.057   1.00 22.64 ? 15  TYR A CZ  1 
ATOM   112  O  OH  . TYR A 1 15  ? 6.176   13.870  0.077   1.00 17.11 ? 15  TYR A OH  1 
ATOM   113  N  N   . GLY A 1 16  ? 0.568   15.439  1.586   1.00 20.49 ? 16  GLY A N   1 
ATOM   114  C  CA  . GLY A 1 16  ? 0.224   15.564  0.184   1.00 20.81 ? 16  GLY A CA  1 
ATOM   115  C  C   . GLY A 1 16  ? -1.213  15.132  -0.045  1.00 22.13 ? 16  GLY A C   1 
ATOM   116  O  O   . GLY A 1 16  ? -2.077  15.368  0.797   1.00 27.90 ? 16  GLY A O   1 
ATOM   117  N  N   . TYR A 1 17  ? -1.472  14.493  -1.180  1.00 21.76 ? 17  TYR A N   1 
ATOM   118  C  CA  . TYR A 1 17  ? -2.814  14.016  -1.509  1.00 17.81 ? 17  TYR A CA  1 
ATOM   119  C  C   . TYR A 1 17  ? -2.997  12.548  -1.124  1.00 18.23 ? 17  TYR A C   1 
ATOM   120  O  O   . TYR A 1 17  ? -3.867  11.857  -1.656  1.00 18.32 ? 17  TYR A O   1 
ATOM   121  C  CB  . TYR A 1 17  ? -3.059  14.183  -3.002  1.00 21.48 ? 17  TYR A CB  1 
ATOM   122  C  CG  . TYR A 1 17  ? -3.112  15.623  -3.442  1.00 31.70 ? 17  TYR A CG  1 
ATOM   123  C  CD1 . TYR A 1 17  ? -4.290  16.360  -3.333  1.00 31.85 ? 17  TYR A CD1 1 
ATOM   124  C  CD2 . TYR A 1 17  ? -1.978  16.260  -3.950  1.00 36.59 ? 17  TYR A CD2 1 
ATOM   125  C  CE1 . TYR A 1 17  ? -4.340  17.697  -3.717  1.00 32.77 ? 17  TYR A CE1 1 
ATOM   126  C  CE2 . TYR A 1 17  ? -2.017  17.599  -4.337  1.00 37.79 ? 17  TYR A CE2 1 
ATOM   127  C  CZ  . TYR A 1 17  ? -3.205  18.309  -4.218  1.00 36.28 ? 17  TYR A CZ  1 
ATOM   128  O  OH  . TYR A 1 17  ? -3.258  19.627  -4.608  1.00 40.63 ? 17  TYR A OH  1 
ATOM   129  N  N   . SER A 1 18  ? -2.174  12.083  -0.191  1.00 14.82 ? 18  SER A N   1 
ATOM   130  C  CA  . SER A 1 18  ? -2.216  10.698  0.258   1.00 21.79 ? 18  SER A CA  1 
ATOM   131  C  C   . SER A 1 18  ? -3.585  10.228  0.707   1.00 19.30 ? 18  SER A C   1 
ATOM   132  O  O   . SER A 1 18  ? -4.012  9.123   0.382   1.00 13.80 ? 18  SER A O   1 
ATOM   133  C  CB  . SER A 1 18  ? -1.230  10.493  1.403   1.00 12.22 ? 18  SER A CB  1 
ATOM   134  O  OG  . SER A 1 18  ? 0.084   10.667  0.945   1.00 14.94 ? 18  SER A OG  1 
ATOM   135  N  N   . ASP A 1 19  ? -4.252  11.073  1.482   1.00 20.18 ? 19  ASP A N   1 
ATOM   136  C  CA  . ASP A 1 19  ? -5.564  10.763  2.008   1.00 15.63 ? 19  ASP A CA  1 
ATOM   137  C  C   . ASP A 1 19  ? -6.559  10.461  0.878   1.00 21.28 ? 19  ASP A C   1 
ATOM   138  O  O   . ASP A 1 19  ? -7.245  9.442   0.900   1.00 13.40 ? 19  ASP A O   1 
ATOM   139  C  CB  . ASP A 1 19  ? -6.048  11.934  2.874   1.00 22.83 ? 19  ASP A CB  1 
ATOM   140  C  CG  . ASP A 1 19  ? -5.380  11.976  4.254   1.00 28.30 ? 19  ASP A CG  1 
ATOM   141  O  OD1 . ASP A 1 19  ? -4.264  11.436  4.426   1.00 29.06 ? 19  ASP A OD1 1 
ATOM   142  O  OD2 . ASP A 1 19  ? -5.974  12.573  5.176   1.00 34.50 ? 19  ASP A OD2 1 
ATOM   143  N  N   . ARG A 1 20  ? -6.620  11.335  -0.121  1.00 19.59 ? 20  ARG A N   1 
ATOM   144  C  CA  . ARG A 1 20  ? -7.546  11.135  -1.232  1.00 19.51 ? 20  ARG A CA  1 
ATOM   145  C  C   . ARG A 1 20  ? -7.089  10.024  -2.178  1.00 18.51 ? 20  ARG A C   1 
ATOM   146  O  O   . ARG A 1 20  ? -7.910  9.280   -2.715  1.00 22.76 ? 20  ARG A O   1 
ATOM   147  C  CB  . ARG A 1 20  ? -7.736  12.449  -1.996  1.00 18.27 ? 20  ARG A CB  1 
ATOM   148  C  CG  . ARG A 1 20  ? -8.275  13.588  -1.125  1.00 23.62 ? 20  ARG A CG  1 
ATOM   149  C  CD  . ARG A 1 20  ? -8.453  14.861  -1.930  1.00 37.76 ? 20  ARG A CD  1 
ATOM   150  N  NE  . ARG A 1 20  ? -9.478  14.712  -2.962  1.00 40.67 ? 20  ARG A NE  1 
ATOM   151  C  CZ  . ARG A 1 20  ? -9.730  15.613  -3.907  1.00 49.02 ? 20  ARG A CZ  1 
ATOM   152  N  NH1 . ARG A 1 20  ? -9.027  16.737  -3.957  1.00 45.36 ? 20  ARG A NH1 1 
ATOM   153  N  NH2 . ARG A 1 20  ? -10.686 15.389  -4.803  1.00 46.35 ? 20  ARG A NH2 1 
ATOM   154  N  N   . LEU A 1 21  ? -5.781  9.906   -2.377  1.00 17.43 ? 21  LEU A N   1 
ATOM   155  C  CA  . LEU A 1 21  ? -5.251  8.868   -3.251  1.00 13.39 ? 21  LEU A CA  1 
ATOM   156  C  C   . LEU A 1 21  ? -5.518  7.482   -2.665  1.00 15.88 ? 21  LEU A C   1 
ATOM   157  O  O   . LEU A 1 21  ? -5.954  6.565   -3.377  1.00 13.29 ? 21  LEU A O   1 
ATOM   158  C  CB  . LEU A 1 21  ? -3.749  9.073   -3.470  1.00 13.41 ? 21  LEU A CB  1 
ATOM   159  C  CG  . LEU A 1 21  ? -3.398  10.288  -4.330  1.00 8.37  ? 21  LEU A CG  1 
ATOM   160  C  CD1 . LEU A 1 21  ? -1.914  10.522  -4.283  1.00 15.14 ? 21  LEU A CD1 1 
ATOM   161  C  CD2 . LEU A 1 21  ? -3.867  10.077  -5.755  1.00 10.83 ? 21  LEU A CD2 1 
ATOM   162  N  N   . ALA A 1 22  ? -5.268  7.337   -1.367  1.00 5.59  ? 22  ALA A N   1 
ATOM   163  C  CA  . ALA A 1 22  ? -5.496  6.070   -0.684  1.00 10.36 ? 22  ALA A CA  1 
ATOM   164  C  C   . ALA A 1 22  ? -6.990  5.761   -0.624  1.00 15.05 ? 22  ALA A C   1 
ATOM   165  O  O   . ALA A 1 22  ? -7.398  4.617   -0.810  1.00 16.73 ? 22  ALA A O   1 
ATOM   166  C  CB  . ALA A 1 22  ? -4.912  6.109   0.724   1.00 9.42  ? 22  ALA A CB  1 
ATOM   167  N  N   . GLN A 1 23  ? -7.806  6.780   -0.374  1.00 7.59  ? 23  GLN A N   1 
ATOM   168  C  CA  . GLN A 1 23  ? -9.240  6.569   -0.301  1.00 12.01 ? 23  GLN A CA  1 
ATOM   169  C  C   . GLN A 1 23  ? -9.814  6.027   -1.613  1.00 11.37 ? 23  GLN A C   1 
ATOM   170  O  O   . GLN A 1 23  ? -10.691 5.166   -1.603  1.00 17.57 ? 23  GLN A O   1 
ATOM   171  C  CB  . GLN A 1 23  ? -9.959  7.866   0.078   1.00 12.16 ? 23  GLN A CB  1 
ATOM   172  C  CG  . GLN A 1 23  ? -11.452 7.676   0.258   1.00 11.55 ? 23  GLN A CG  1 
ATOM   173  C  CD  . GLN A 1 23  ? -11.763 6.597   1.281   1.00 22.03 ? 23  GLN A CD  1 
ATOM   174  O  OE1 . GLN A 1 23  ? -12.540 5.678   1.019   1.00 26.54 ? 23  GLN A OE1 1 
ATOM   175  N  NE2 . GLN A 1 23  ? -11.151 6.704   2.455   1.00 23.40 ? 23  GLN A NE2 1 
ATOM   176  N  N   . ALA A 1 24  ? -9.315  6.531   -2.736  1.00 16.73 ? 24  ALA A N   1 
ATOM   177  C  CA  . ALA A 1 24  ? -9.776  6.100   -4.050  1.00 18.72 ? 24  ALA A CA  1 
ATOM   178  C  C   . ALA A 1 24  ? -9.416  4.636   -4.267  1.00 18.35 ? 24  ALA A C   1 
ATOM   179  O  O   . ALA A 1 24  ? -10.239 3.845   -4.727  1.00 17.74 ? 24  ALA A O   1 
ATOM   180  C  CB  . ALA A 1 24  ? -9.137  6.974   -5.141  1.00 20.38 ? 24  ALA A CB  1 
ATOM   181  N  N   . ILE A 1 25  ? -8.172  4.289   -3.946  1.00 25.01 ? 25  ILE A N   1 
ATOM   182  C  CA  . ILE A 1 25  ? -7.690  2.921   -4.082  1.00 19.37 ? 25  ILE A CA  1 
ATOM   183  C  C   . ILE A 1 25  ? -8.540  2.024   -3.188  1.00 23.22 ? 25  ILE A C   1 
ATOM   184  O  O   . ILE A 1 25  ? -9.005  0.959   -3.604  1.00 20.08 ? 25  ILE A O   1 
ATOM   185  C  CB  . ILE A 1 25  ? -6.209  2.812   -3.653  1.00 22.73 ? 25  ILE A CB  1 
ATOM   186  C  CG1 . ILE A 1 25  ? -5.366  3.773   -4.499  1.00 21.48 ? 25  ILE A CG1 1 
ATOM   187  C  CG2 . ILE A 1 25  ? -5.712  1.377   -3.817  1.00 15.53 ? 25  ILE A CG2 1 
ATOM   188  C  CD1 . ILE A 1 25  ? -3.942  3.930   -4.033  1.00 24.85 ? 25  ILE A CD1 1 
ATOM   189  N  N   . ILE A 1 26  ? -8.762  2.459   -1.956  1.00 18.98 ? 26  ILE A N   1 
ATOM   190  C  CA  . ILE A 1 26  ? -9.561  1.653   -1.046  1.00 19.80 ? 26  ILE A CA  1 
ATOM   191  C  C   . ILE A 1 26  ? -10.967 1.400   -1.605  1.00 21.54 ? 26  ILE A C   1 
ATOM   192  O  O   . ILE A 1 26  ? -11.476 0.287   -1.489  1.00 12.89 ? 26  ILE A O   1 
ATOM   193  C  CB  . ILE A 1 26  ? -9.660  2.314   0.339   1.00 15.00 ? 26  ILE A CB  1 
ATOM   194  C  CG1 . ILE A 1 26  ? -8.273  2.331   0.992   1.00 17.99 ? 26  ILE A CG1 1 
ATOM   195  C  CG2 . ILE A 1 26  ? -10.636 1.564   1.202   1.00 10.34 ? 26  ILE A CG2 1 
ATOM   196  C  CD1 . ILE A 1 26  ? -8.220  3.064   2.317   1.00 5.02  ? 26  ILE A CD1 1 
ATOM   197  N  N   . ASN A 1 27  ? -11.579 2.434   -2.200  1.00 16.66 ? 27  ASN A N   1 
ATOM   198  C  CA  . ASN A 1 27  ? -12.922 2.332   -2.786  1.00 15.12 ? 27  ASN A CA  1 
ATOM   199  C  C   . ASN A 1 27  ? -12.961 1.270   -3.888  1.00 19.91 ? 27  ASN A C   1 
ATOM   200  O  O   . ASN A 1 27  ? -13.964 0.567   -4.065  1.00 14.96 ? 27  ASN A O   1 
ATOM   201  C  CB  . ASN A 1 27  ? -13.365 3.681   -3.362  1.00 13.54 ? 27  ASN A CB  1 
ATOM   202  C  CG  . ASN A 1 27  ? -13.678 4.716   -2.284  1.00 14.93 ? 27  ASN A CG  1 
ATOM   203  O  OD1 . ASN A 1 27  ? -13.792 5.907   -2.574  1.00 20.75 ? 27  ASN A OD1 1 
ATOM   204  N  ND2 . ASN A 1 27  ? -13.822 4.266   -1.044  1.00 14.15 ? 27  ASN A ND2 1 
ATOM   205  N  N   . GLY A 1 28  ? -11.863 1.172   -4.630  1.00 10.05 ? 28  GLY A N   1 
ATOM   206  C  CA  . GLY A 1 28  ? -11.765 0.184   -5.680  1.00 16.11 ? 28  GLY A CA  1 
ATOM   207  C  C   . GLY A 1 28  ? -11.653 -1.198  -5.063  1.00 20.15 ? 28  GLY A C   1 
ATOM   208  O  O   . GLY A 1 28  ? -12.178 -2.173  -5.606  1.00 18.93 ? 28  GLY A O   1 
ATOM   209  N  N   . ILE A 1 29  ? -10.968 -1.282  -3.924  1.00 16.38 ? 29  ILE A N   1 
ATOM   210  C  CA  . ILE A 1 29  ? -10.798 -2.554  -3.219  1.00 21.70 ? 29  ILE A CA  1 
ATOM   211  C  C   . ILE A 1 29  ? -12.141 -3.019  -2.681  1.00 19.90 ? 29  ILE A C   1 
ATOM   212  O  O   . ILE A 1 29  ? -12.514 -4.185  -2.815  1.00 23.45 ? 29  ILE A O   1 
ATOM   213  C  CB  . ILE A 1 29  ? -9.819  -2.426  -2.020  1.00 16.56 ? 29  ILE A CB  1 
ATOM   214  C  CG1 . ILE A 1 29  ? -8.404  -2.160  -2.526  1.00 16.48 ? 29  ILE A CG1 1 
ATOM   215  C  CG2 . ILE A 1 29  ? -9.842  -3.709  -1.179  1.00 14.94 ? 29  ILE A CG2 1 
ATOM   216  C  CD1 . ILE A 1 29  ? -7.414  -1.868  -1.428  1.00 13.58 ? 29  ILE A CD1 1 
ATOM   217  N  N   . THR A 1 30  ? -12.850 -2.081  -2.067  1.00 19.86 ? 30  THR A N   1 
ATOM   218  C  CA  . THR A 1 30  ? -14.162 -2.315  -1.482  1.00 18.11 ? 30  THR A CA  1 
ATOM   219  C  C   . THR A 1 30  ? -15.141 -2.947  -2.464  1.00 13.40 ? 30  THR A C   1 
ATOM   220  O  O   . THR A 1 30  ? -15.939 -3.798  -2.085  1.00 16.99 ? 30  THR A O   1 
ATOM   221  C  CB  . THR A 1 30  ? -14.763 -0.988  -0.987  1.00 27.20 ? 30  THR A CB  1 
ATOM   222  O  OG1 . THR A 1 30  ? -13.896 -0.419  -0.002  1.00 29.70 ? 30  THR A OG1 1 
ATOM   223  C  CG2 . THR A 1 30  ? -16.143 -1.203  -0.390  1.00 37.31 ? 30  THR A CG2 1 
ATOM   224  N  N   . LYS A 1 31  ? -15.087 -2.519  -3.720  1.00 16.81 ? 31  LYS A N   1 
ATOM   225  C  CA  . LYS A 1 31  ? -15.985 -3.050  -4.739  1.00 25.13 ? 31  LYS A CA  1 
ATOM   226  C  C   . LYS A 1 31  ? -15.904 -4.564  -4.857  1.00 26.00 ? 31  LYS A C   1 
ATOM   227  O  O   . LYS A 1 31  ? -16.899 -5.216  -5.157  1.00 32.05 ? 31  LYS A O   1 
ATOM   228  C  CB  . LYS A 1 31  ? -15.667 -2.455  -6.111  1.00 20.06 ? 31  LYS A CB  1 
ATOM   229  C  CG  . LYS A 1 31  ? -15.995 -0.996  -6.274  1.00 23.53 ? 31  LYS A CG  1 
ATOM   230  C  CD  . LYS A 1 31  ? -15.784 -0.558  -7.721  1.00 28.13 ? 31  LYS A CD  1 
ATOM   231  C  CE  . LYS A 1 31  ? -15.947 0.951   -7.856  1.00 36.57 ? 31  LYS A CE  1 
ATOM   232  N  NZ  . LYS A 1 31  ? -15.743 1.447   -9.253  1.00 41.82 ? 31  LYS A NZ  1 
ATOM   233  N  N   . THR A 1 32  ? -14.719 -5.115  -4.620  1.00 20.95 ? 32  THR A N   1 
ATOM   234  C  CA  . THR A 1 32  ? -14.504 -6.550  -4.734  1.00 20.42 ? 32  THR A CA  1 
ATOM   235  C  C   . THR A 1 32  ? -14.891 -7.310  -3.478  1.00 22.38 ? 32  THR A C   1 
ATOM   236  O  O   . THR A 1 32  ? -14.756 -8.531  -3.420  1.00 31.33 ? 32  THR A O   1 
ATOM   237  C  CB  . THR A 1 32  ? -13.035 -6.856  -5.031  1.00 23.47 ? 32  THR A CB  1 
ATOM   238  O  OG1 . THR A 1 32  ? -12.249 -6.592  -3.861  1.00 18.47 ? 32  THR A OG1 1 
ATOM   239  C  CG2 . THR A 1 32  ? -12.542 -5.985  -6.177  1.00 12.05 ? 32  THR A CG2 1 
ATOM   240  N  N   . GLY A 1 33  ? -15.368 -6.587  -2.472  1.00 23.72 ? 33  GLY A N   1 
ATOM   241  C  CA  . GLY A 1 33  ? -15.764 -7.223  -1.232  1.00 19.37 ? 33  GLY A CA  1 
ATOM   242  C  C   . GLY A 1 33  ? -14.594 -7.645  -0.361  1.00 21.77 ? 33  GLY A C   1 
ATOM   243  O  O   . GLY A 1 33  ? -14.793 -8.344  0.628   1.00 25.67 ? 33  GLY A O   1 
ATOM   244  N  N   . VAL A 1 34  ? -13.378 -7.235  -0.720  1.00 19.61 ? 34  VAL A N   1 
ATOM   245  C  CA  . VAL A 1 34  ? -12.192 -7.577  0.062   1.00 17.22 ? 34  VAL A CA  1 
ATOM   246  C  C   . VAL A 1 34  ? -11.991 -6.525  1.158   1.00 19.68 ? 34  VAL A C   1 
ATOM   247  O  O   . VAL A 1 34  ? -12.148 -5.326  0.916   1.00 21.96 ? 34  VAL A O   1 
ATOM   248  C  CB  . VAL A 1 34  ? -10.930 -7.649  -0.838  1.00 16.95 ? 34  VAL A CB  1 
ATOM   249  C  CG1 . VAL A 1 34  ? -9.669  -7.791  0.011   1.00 8.22  ? 34  VAL A CG1 1 
ATOM   250  C  CG2 . VAL A 1 34  ? -11.049 -8.824  -1.785  1.00 16.38 ? 34  VAL A CG2 1 
ATOM   251  N  N   . GLY A 1 35  ? -11.658 -6.982  2.362   1.00 18.43 ? 35  GLY A N   1 
ATOM   252  C  CA  . GLY A 1 35  ? -11.460 -6.071  3.477   1.00 10.07 ? 35  GLY A CA  1 
ATOM   253  C  C   . GLY A 1 35  ? -10.191 -5.245  3.382   1.00 16.97 ? 35  GLY A C   1 
ATOM   254  O  O   . GLY A 1 35  ? -9.364  -5.467  2.504   1.00 17.49 ? 35  GLY A O   1 
ATOM   255  N  N   . VAL A 1 36  ? -10.026 -4.292  4.294   1.00 18.66 ? 36  VAL A N   1 
ATOM   256  C  CA  . VAL A 1 36  ? -8.845  -3.443  4.282   1.00 22.62 ? 36  VAL A CA  1 
ATOM   257  C  C   . VAL A 1 36  ? -8.474  -2.935  5.679   1.00 16.24 ? 36  VAL A C   1 
ATOM   258  O  O   . VAL A 1 36  ? -9.350  -2.675  6.502   1.00 13.63 ? 36  VAL A O   1 
ATOM   259  C  CB  . VAL A 1 36  ? -9.067  -2.229  3.339   1.00 29.81 ? 36  VAL A CB  1 
ATOM   260  C  CG1 . VAL A 1 36  ? -10.188 -1.364  3.867   1.00 33.60 ? 36  VAL A CG1 1 
ATOM   261  C  CG2 . VAL A 1 36  ? -7.797  -1.428  3.202   1.00 35.04 ? 36  VAL A CG2 1 
ATOM   262  N  N   . ASP A 1 37  ? -7.173  -2.828  5.942   1.00 12.48 ? 37  ASP A N   1 
ATOM   263  C  CA  . ASP A 1 37  ? -6.678  -2.317  7.217   1.00 13.34 ? 37  ASP A CA  1 
ATOM   264  C  C   . ASP A 1 37  ? -5.763  -1.134  6.923   1.00 14.55 ? 37  ASP A C   1 
ATOM   265  O  O   . ASP A 1 37  ? -4.771  -1.260  6.203   1.00 21.24 ? 37  ASP A O   1 
ATOM   266  C  CB  . ASP A 1 37  ? -5.915  -3.397  7.998   1.00 17.06 ? 37  ASP A CB  1 
ATOM   267  C  CG  . ASP A 1 37  ? -6.824  -4.518  8.496   1.00 27.30 ? 37  ASP A CG  1 
ATOM   268  O  OD1 . ASP A 1 37  ? -7.165  -5.420  7.703   1.00 25.00 ? 37  ASP A OD1 1 
ATOM   269  O  OD2 . ASP A 1 37  ? -7.209  -4.495  9.680   1.00 28.00 ? 37  ASP A OD2 1 
ATOM   270  N  N   . VAL A 1 38  ? -6.103  0.020   7.478   1.00 10.90 ? 38  VAL A N   1 
ATOM   271  C  CA  . VAL A 1 38  ? -5.323  1.225   7.242   1.00 15.51 ? 38  VAL A CA  1 
ATOM   272  C  C   . VAL A 1 38  ? -4.385  1.547   8.401   1.00 22.57 ? 38  VAL A C   1 
ATOM   273  O  O   . VAL A 1 38  ? -4.783  1.545   9.570   1.00 17.77 ? 38  VAL A O   1 
ATOM   274  C  CB  . VAL A 1 38  ? -6.247  2.437   6.998   1.00 15.22 ? 38  VAL A CB  1 
ATOM   275  C  CG1 . VAL A 1 38  ? -5.436  3.623   6.515   1.00 16.55 ? 38  VAL A CG1 1 
ATOM   276  C  CG2 . VAL A 1 38  ? -7.320  2.072   5.985   1.00 18.85 ? 38  VAL A CG2 1 
ATOM   277  N  N   . VAL A 1 39  ? -3.138  1.837   8.058   1.00 18.57 ? 39  VAL A N   1 
ATOM   278  C  CA  . VAL A 1 39  ? -2.132  2.161   9.049   1.00 16.34 ? 39  VAL A CA  1 
ATOM   279  C  C   . VAL A 1 39  ? -1.435  3.465   8.685   1.00 17.00 ? 39  VAL A C   1 
ATOM   280  O  O   . VAL A 1 39  ? -0.979  3.638   7.558   1.00 22.80 ? 39  VAL A O   1 
ATOM   281  C  CB  . VAL A 1 39  ? -1.084  1.031   9.144   1.00 22.21 ? 39  VAL A CB  1 
ATOM   282  C  CG1 . VAL A 1 39  ? -0.045  1.359   10.200  1.00 10.21 ? 39  VAL A CG1 1 
ATOM   283  C  CG2 . VAL A 1 39  ? -1.774  -0.279  9.473   1.00 18.64 ? 39  VAL A CG2 1 
ATOM   284  N  N   . ASP A 1 40  ? -1.377  4.389   9.637   1.00 21.40 ? 40  ASP A N   1 
ATOM   285  C  CA  . ASP A 1 40  ? -0.715  5.666   9.414   1.00 19.62 ? 40  ASP A CA  1 
ATOM   286  C  C   . ASP A 1 40  ? 0.758   5.488   9.763   1.00 17.06 ? 40  ASP A C   1 
ATOM   287  O  O   . ASP A 1 40  ? 1.101   5.164   10.899  1.00 19.89 ? 40  ASP A O   1 
ATOM   288  C  CB  . ASP A 1 40  ? -1.348  6.756   10.287  1.00 29.77 ? 40  ASP A CB  1 
ATOM   289  C  CG  . ASP A 1 40  ? -0.566  8.066   10.260  1.00 32.45 ? 40  ASP A CG  1 
ATOM   290  O  OD1 . ASP A 1 40  ? 0.019   8.404   9.214   1.00 34.32 ? 40  ASP A OD1 1 
ATOM   291  O  OD2 . ASP A 1 40  ? -0.550  8.768   11.290  1.00 48.99 ? 40  ASP A OD2 1 
ATOM   292  N  N   . LEU A 1 41  ? 1.613   5.676   8.762   1.00 18.51 ? 41  LEU A N   1 
ATOM   293  C  CA  . LEU A 1 41  ? 3.057   5.539   8.913   1.00 27.42 ? 41  LEU A CA  1 
ATOM   294  C  C   . LEU A 1 41  ? 3.656   6.674   9.732   1.00 34.42 ? 41  LEU A C   1 
ATOM   295  O  O   . LEU A 1 41  ? 4.784   6.573   10.217  1.00 32.14 ? 41  LEU A O   1 
ATOM   296  C  CB  . LEU A 1 41  ? 3.727   5.516   7.541   1.00 23.59 ? 41  LEU A CB  1 
ATOM   297  C  CG  . LEU A 1 41  ? 3.457   4.307   6.648   1.00 20.73 ? 41  LEU A CG  1 
ATOM   298  C  CD1 . LEU A 1 41  ? 4.149   4.505   5.308   1.00 18.59 ? 41  LEU A CD1 1 
ATOM   299  C  CD2 . LEU A 1 41  ? 3.951   3.045   7.337   1.00 17.53 ? 41  LEU A CD2 1 
ATOM   300  N  N   . GLY A 1 42  ? 2.901   7.758   9.864   1.00 31.39 ? 42  GLY A N   1 
ATOM   301  C  CA  . GLY A 1 42  ? 3.365   8.897   10.629  1.00 39.01 ? 42  GLY A CA  1 
ATOM   302  C  C   . GLY A 1 42  ? 3.120   8.718   12.114  1.00 40.54 ? 42  GLY A C   1 
ATOM   303  O  O   . GLY A 1 42  ? 3.899   9.201   12.935  1.00 46.96 ? 42  GLY A O   1 
ATOM   304  N  N   . ALA A 1 43  ? 2.037   8.031   12.465  1.00 42.93 ? 43  ALA A N   1 
ATOM   305  C  CA  . ALA A 1 43  ? 1.709   7.794   13.865  1.00 41.82 ? 43  ALA A CA  1 
ATOM   306  C  C   . ALA A 1 43  ? 2.446   6.555   14.360  1.00 48.86 ? 43  ALA A C   1 
ATOM   307  O  O   . ALA A 1 43  ? 2.480   5.531   13.676  1.00 54.56 ? 43  ALA A O   1 
ATOM   308  C  CB  . ALA A 1 43  ? 0.203   7.619   14.033  1.00 45.46 ? 43  ALA A CB  1 
ATOM   309  N  N   . ALA A 1 44  ? 3.037   6.656   15.549  1.00 53.28 ? 44  ALA A N   1 
ATOM   310  C  CA  . ALA A 1 44  ? 3.785   5.551   16.141  1.00 53.05 ? 44  ALA A CA  1 
ATOM   311  C  C   . ALA A 1 44  ? 2.953   4.278   16.190  1.00 49.76 ? 44  ALA A C   1 
ATOM   312  O  O   . ALA A 1 44  ? 1.762   4.315   16.499  1.00 55.21 ? 44  ALA A O   1 
ATOM   313  C  CB  . ALA A 1 44  ? 4.248   5.925   17.547  1.00 54.49 ? 44  ALA A CB  1 
ATOM   314  N  N   . VAL A 1 45  ? 3.585   3.150   15.887  1.00 47.15 ? 45  VAL A N   1 
ATOM   315  C  CA  . VAL A 1 45  ? 2.888   1.873   15.897  1.00 46.60 ? 45  VAL A CA  1 
ATOM   316  C  C   . VAL A 1 45  ? 3.664   0.792   16.631  1.00 44.93 ? 45  VAL A C   1 
ATOM   317  O  O   . VAL A 1 45  ? 4.894   0.822   16.695  1.00 42.31 ? 45  VAL A O   1 
ATOM   318  C  CB  . VAL A 1 45  ? 2.609   1.377   14.466  1.00 49.29 ? 45  VAL A CB  1 
ATOM   319  C  CG1 . VAL A 1 45  ? 1.589   2.275   13.788  1.00 45.06 ? 45  VAL A CG1 1 
ATOM   320  C  CG2 . VAL A 1 45  ? 3.902   1.354   13.673  1.00 53.05 ? 45  VAL A CG2 1 
ATOM   321  N  N   . ASP A 1 46  ? 2.921   -0.159  17.185  1.00 45.99 ? 46  ASP A N   1 
ATOM   322  C  CA  . ASP A 1 46  ? 3.489   -1.287  17.906  1.00 39.67 ? 46  ASP A CA  1 
ATOM   323  C  C   . ASP A 1 46  ? 4.098   -2.217  16.868  1.00 42.63 ? 46  ASP A C   1 
ATOM   324  O  O   . ASP A 1 46  ? 3.384   -2.852  16.090  1.00 44.43 ? 46  ASP A O   1 
ATOM   325  C  CB  . ASP A 1 46  ? 2.388   -2.013  18.679  1.00 42.25 ? 46  ASP A CB  1 
ATOM   326  C  CG  . ASP A 1 46  ? 2.922   -3.125  19.557  1.00 40.90 ? 46  ASP A CG  1 
ATOM   327  O  OD1 . ASP A 1 46  ? 3.650   -3.999  19.042  1.00 47.69 ? 46  ASP A OD1 1 
ATOM   328  O  OD2 . ASP A 1 46  ? 2.605   -3.124  20.764  1.00 42.24 ? 46  ASP A OD2 1 
ATOM   329  N  N   . LEU A 1 47  ? 5.420   -2.293  16.863  1.00 49.18 ? 47  LEU A N   1 
ATOM   330  C  CA  . LEU A 1 47  ? 6.148   -3.116  15.909  1.00 49.16 ? 47  LEU A CA  1 
ATOM   331  C  C   . LEU A 1 47  ? 5.690   -4.568  15.819  1.00 46.29 ? 47  LEU A C   1 
ATOM   332  O  O   . LEU A 1 47  ? 5.689   -5.154  14.737  1.00 41.04 ? 47  LEU A O   1 
ATOM   333  C  CB  . LEU A 1 47  ? 7.640   -3.077  16.233  1.00 46.89 ? 47  LEU A CB  1 
ATOM   334  C  CG  . LEU A 1 47  ? 8.248   -1.680  16.338  1.00 48.81 ? 47  LEU A CG  1 
ATOM   335  C  CD1 . LEU A 1 47  ? 9.735   -1.816  16.597  1.00 56.63 ? 47  LEU A CD1 1 
ATOM   336  C  CD2 . LEU A 1 47  ? 7.986   -0.885  15.063  1.00 45.89 ? 47  LEU A CD2 1 
ATOM   337  N  N   . GLN A 1 48  ? 5.308   -5.153  16.948  1.00 41.10 ? 48  GLN A N   1 
ATOM   338  C  CA  . GLN A 1 48  ? 4.883   -6.545  16.940  1.00 38.30 ? 48  GLN A CA  1 
ATOM   339  C  C   . GLN A 1 48  ? 3.502   -6.742  16.337  1.00 32.15 ? 48  GLN A C   1 
ATOM   340  O  O   . GLN A 1 48  ? 3.251   -7.741  15.660  1.00 31.22 ? 48  GLN A O   1 
ATOM   341  C  CB  . GLN A 1 48  ? 4.915   -7.127  18.351  1.00 36.46 ? 48  GLN A CB  1 
ATOM   342  C  CG  . GLN A 1 48  ? 4.915   -8.641  18.355  1.00 41.98 ? 48  GLN A CG  1 
ATOM   343  C  CD  . GLN A 1 48  ? 5.976   -9.214  17.425  1.00 52.97 ? 48  GLN A CD  1 
ATOM   344  O  OE1 . GLN A 1 48  ? 7.171   -8.945  17.582  1.00 48.17 ? 48  GLN A OE1 1 
ATOM   345  N  NE2 . GLN A 1 48  ? 5.539   -10.003 16.441  1.00 47.45 ? 48  GLN A NE2 1 
ATOM   346  N  N   . GLU A 1 49  ? 2.608   -5.792  16.584  1.00 27.46 ? 49  GLU A N   1 
ATOM   347  C  CA  . GLU A 1 49  ? 1.264   -5.890  16.043  1.00 30.42 ? 49  GLU A CA  1 
ATOM   348  C  C   . GLU A 1 49  ? 1.320   -5.498  14.572  1.00 23.83 ? 49  GLU A C   1 
ATOM   349  O  O   . GLU A 1 49  ? 0.490   -5.933  13.775  1.00 28.14 ? 49  GLU A O   1 
ATOM   350  C  CB  . GLU A 1 49  ? 0.298   -4.988  16.819  1.00 32.89 ? 49  GLU A CB  1 
ATOM   351  C  CG  . GLU A 1 49  ? 0.311   -3.526  16.411  1.00 47.94 ? 49  GLU A CG  1 
ATOM   352  C  CD  . GLU A 1 49  ? -0.731  -2.698  17.151  1.00 54.52 ? 49  GLU A CD  1 
ATOM   353  O  OE1 . GLU A 1 49  ? -0.920  -1.520  16.776  1.00 61.21 ? 49  GLU A OE1 1 
ATOM   354  O  OE2 . GLU A 1 49  ? -1.357  -3.216  18.106  1.00 48.84 ? 49  GLU A OE2 1 
ATOM   355  N  N   . LEU A 1 50  ? 2.311   -4.683  14.214  1.00 24.10 ? 50  LEU A N   1 
ATOM   356  C  CA  . LEU A 1 50  ? 2.493   -4.258  12.826  1.00 23.45 ? 50  LEU A CA  1 
ATOM   357  C  C   . LEU A 1 50  ? 2.964   -5.445  11.991  1.00 19.75 ? 50  LEU A C   1 
ATOM   358  O  O   . LEU A 1 50  ? 2.596   -5.567  10.823  1.00 17.73 ? 50  LEU A O   1 
ATOM   359  C  CB  . LEU A 1 50  ? 3.519   -3.123  12.728  1.00 18.34 ? 50  LEU A CB  1 
ATOM   360  C  CG  . LEU A 1 50  ? 3.890   -2.662  11.309  1.00 28.06 ? 50  LEU A CG  1 
ATOM   361  C  CD1 . LEU A 1 50  ? 2.640   -2.230  10.548  1.00 20.82 ? 50  LEU A CD1 1 
ATOM   362  C  CD2 . LEU A 1 50  ? 4.896   -1.507  11.389  1.00 20.03 ? 50  LEU A CD2 1 
ATOM   363  N  N   . ARG A 1 51  ? 3.784   -6.308  12.591  1.00 21.39 ? 51  ARG A N   1 
ATOM   364  C  CA  . ARG A 1 51  ? 4.285   -7.501  11.902  1.00 25.78 ? 51  ARG A CA  1 
ATOM   365  C  C   . ARG A 1 51  ? 3.128   -8.474  11.703  1.00 20.64 ? 51  ARG A C   1 
ATOM   366  O  O   . ARG A 1 51  ? 3.036   -9.148  10.681  1.00 20.23 ? 51  ARG A O   1 
ATOM   367  C  CB  . ARG A 1 51  ? 5.362   -8.218  12.724  1.00 23.19 ? 51  ARG A CB  1 
ATOM   368  C  CG  . ARG A 1 51  ? 6.664   -7.474  12.913  1.00 28.69 ? 51  ARG A CG  1 
ATOM   369  C  CD  . ARG A 1 51  ? 7.770   -8.440  13.355  1.00 40.54 ? 51  ARG A CD  1 
ATOM   370  N  NE  . ARG A 1 51  ? 9.060   -7.768  13.476  1.00 47.36 ? 51  ARG A NE  1 
ATOM   371  C  CZ  . ARG A 1 51  ? 9.336   -6.845  14.391  1.00 53.92 ? 51  ARG A CZ  1 
ATOM   372  N  NH1 . ARG A 1 51  ? 8.414   -6.488  15.277  1.00 46.74 ? 51  ARG A NH1 1 
ATOM   373  N  NH2 . ARG A 1 51  ? 10.525  -6.260  14.408  1.00 57.36 ? 51  ARG A NH2 1 
ATOM   374  N  N   . GLU A 1 52  ? 2.261   -8.546  12.707  1.00 21.90 ? 52  GLU A N   1 
ATOM   375  C  CA  . GLU A 1 52  ? 1.107   -9.425  12.669  1.00 28.69 ? 52  GLU A CA  1 
ATOM   376  C  C   . GLU A 1 52  ? 0.108   -8.996  11.620  1.00 24.36 ? 52  GLU A C   1 
ATOM   377  O  O   . GLU A 1 52  ? -0.523  -9.832  10.974  1.00 27.35 ? 52  GLU A O   1 
ATOM   378  C  CB  . GLU A 1 52  ? 0.384   -9.424  14.004  1.00 29.58 ? 52  GLU A CB  1 
ATOM   379  C  CG  . GLU A 1 52  ? 1.050   -10.186 15.111  1.00 39.49 ? 52  GLU A CG  1 
ATOM   380  C  CD  . GLU A 1 52  ? 0.087   -10.412 16.245  1.00 41.21 ? 52  GLU A CD  1 
ATOM   381  O  OE1 . GLU A 1 52  ? -0.331  -9.414  16.880  1.00 41.08 ? 52  GLU A OE1 1 
ATOM   382  O  OE2 . GLU A 1 52  ? -0.273  -11.584 16.484  1.00 48.68 ? 52  GLU A OE2 1 
ATOM   383  N  N   . LEU A 1 53  ? -0.062  -7.687  11.479  1.00 22.43 ? 53  LEU A N   1 
ATOM   384  C  CA  . LEU A 1 53  ? -1.006  -7.161  10.507  1.00 25.06 ? 53  LEU A CA  1 
ATOM   385  C  C   . LEU A 1 53  ? -0.538  -7.487  9.106   1.00 23.13 ? 53  LEU A C   1 
ATOM   386  O  O   . LEU A 1 53  ? -1.295  -8.025  8.301   1.00 23.58 ? 53  LEU A O   1 
ATOM   387  C  CB  . LEU A 1 53  ? -1.163  -5.649  10.675  1.00 26.71 ? 53  LEU A CB  1 
ATOM   388  C  CG  . LEU A 1 53  ? -1.788  -4.853  9.525   1.00 29.45 ? 53  LEU A CG  1 
ATOM   389  C  CD1 . LEU A 1 53  ? -3.016  -5.551  8.951   1.00 30.29 ? 53  LEU A CD1 1 
ATOM   390  C  CD2 . LEU A 1 53  ? -2.154  -3.488  10.058  1.00 27.95 ? 53  LEU A CD2 1 
ATOM   391  N  N   . VAL A 1 54  ? 0.714   -7.155  8.819   1.00 24.50 ? 54  VAL A N   1 
ATOM   392  C  CA  . VAL A 1 54  ? 1.276   -7.432  7.506   1.00 22.53 ? 54  VAL A CA  1 
ATOM   393  C  C   . VAL A 1 54  ? 1.171   -8.926  7.250   1.00 20.74 ? 54  VAL A C   1 
ATOM   394  O  O   . VAL A 1 54  ? 0.855   -9.356  6.139   1.00 26.50 ? 54  VAL A O   1 
ATOM   395  C  CB  . VAL A 1 54  ? 2.755   -6.999  7.434   1.00 20.14 ? 54  VAL A CB  1 
ATOM   396  C  CG1 . VAL A 1 54  ? 3.378   -7.487  6.136   1.00 15.80 ? 54  VAL A CG1 1 
ATOM   397  C  CG2 . VAL A 1 54  ? 2.851   -5.476  7.526   1.00 12.82 ? 54  VAL A CG2 1 
ATOM   398  N  N   . GLY A 1 55  ? 1.430   -9.704  8.295   1.00 14.14 ? 55  GLY A N   1 
ATOM   399  C  CA  . GLY A 1 55  ? 1.369   -11.149 8.197   1.00 15.74 ? 55  GLY A CA  1 
ATOM   400  C  C   . GLY A 1 55  ? 0.027   -11.713 7.760   1.00 21.52 ? 55  GLY A C   1 
ATOM   401  O  O   . GLY A 1 55  ? -0.023  -12.732 7.067   1.00 16.70 ? 55  GLY A O   1 
ATOM   402  N  N   . ARG A 1 56  ? -1.065  -11.069 8.158   1.00 20.62 ? 56  ARG A N   1 
ATOM   403  C  CA  . ARG A 1 56  ? -2.377  -11.569 7.771   1.00 15.92 ? 56  ARG A CA  1 
ATOM   404  C  C   . ARG A 1 56  ? -2.998  -10.845 6.576   1.00 15.59 ? 56  ARG A C   1 
ATOM   405  O  O   . ARG A 1 56  ? -4.178  -11.034 6.282   1.00 22.54 ? 56  ARG A O   1 
ATOM   406  C  CB  . ARG A 1 56  ? -3.335  -11.549 8.963   1.00 5.36  ? 56  ARG A CB  1 
ATOM   407  C  CG  . ARG A 1 56  ? -3.677  -10.178 9.473   1.00 16.99 ? 56  ARG A CG  1 
ATOM   408  C  CD  . ARG A 1 56  ? -4.765  -10.265 10.534  1.00 10.02 ? 56  ARG A CD  1 
ATOM   409  N  NE  . ARG A 1 56  ? -5.068  -8.963  11.115  1.00 17.27 ? 56  ARG A NE  1 
ATOM   410  C  CZ  . ARG A 1 56  ? -5.697  -7.977  10.480  1.00 13.17 ? 56  ARG A CZ  1 
ATOM   411  N  NH1 . ARG A 1 56  ? -6.107  -8.123  9.229   1.00 13.93 ? 56  ARG A NH1 1 
ATOM   412  N  NH2 . ARG A 1 56  ? -5.907  -6.833  11.103  1.00 25.43 ? 56  ARG A NH2 1 
ATOM   413  N  N   . CYS A 1 57  ? -2.207  -10.030 5.882   1.00 16.20 ? 57  CYS A N   1 
ATOM   414  C  CA  . CYS A 1 57  ? -2.696  -9.330  4.691   1.00 18.26 ? 57  CYS A CA  1 
ATOM   415  C  C   . CYS A 1 57  ? -2.290  -10.106 3.437   1.00 19.12 ? 57  CYS A C   1 
ATOM   416  O  O   . CYS A 1 57  ? -1.149  -10.549 3.316   1.00 14.84 ? 57  CYS A O   1 
ATOM   417  C  CB  . CYS A 1 57  ? -2.136  -7.899  4.616   1.00 16.50 ? 57  CYS A CB  1 
ATOM   418  S  SG  . CYS A 1 57  ? -2.927  -6.709  5.775   1.00 27.29 ? 57  CYS A SG  1 
ATOM   419  N  N   . THR A 1 58  ? -3.231  -10.278 2.514   1.00 17.91 ? 58  THR A N   1 
ATOM   420  C  CA  . THR A 1 58  ? -2.970  -10.988 1.265   1.00 16.39 ? 58  THR A CA  1 
ATOM   421  C  C   . THR A 1 58  ? -2.454  -9.961  0.254   1.00 19.42 ? 58  THR A C   1 
ATOM   422  O  O   . THR A 1 58  ? -1.675  -10.291 -0.640  1.00 19.88 ? 58  THR A O   1 
ATOM   423  C  CB  . THR A 1 58  ? -4.266  -11.656 0.727   1.00 20.27 ? 58  THR A CB  1 
ATOM   424  O  OG1 . THR A 1 58  ? -4.846  -12.465 1.759   1.00 25.18 ? 58  THR A OG1 1 
ATOM   425  C  CG2 . THR A 1 58  ? -3.973  -12.536 -0.477  1.00 12.77 ? 58  THR A CG2 1 
ATOM   426  N  N   . GLY A 1 59  ? -2.893  -8.713  0.416   1.00 13.44 ? 59  GLY A N   1 
ATOM   427  C  CA  . GLY A 1 59  ? -2.472  -7.637  -0.469  1.00 15.18 ? 59  GLY A CA  1 
ATOM   428  C  C   . GLY A 1 59  ? -1.899  -6.446  0.285   1.00 16.12 ? 59  GLY A C   1 
ATOM   429  O  O   . GLY A 1 59  ? -2.177  -6.269  1.471   1.00 13.47 ? 59  GLY A O   1 
ATOM   430  N  N   . LEU A 1 60  ? -1.101  -5.623  -0.394  1.00 17.51 ? 60  LEU A N   1 
ATOM   431  C  CA  . LEU A 1 60  ? -0.495  -4.456  0.246   1.00 17.87 ? 60  LEU A CA  1 
ATOM   432  C  C   . LEU A 1 60  ? -0.471  -3.212  -0.641  1.00 19.54 ? 60  LEU A C   1 
ATOM   433  O  O   . LEU A 1 60  ? -0.291  -3.291  -1.855  1.00 15.50 ? 60  LEU A O   1 
ATOM   434  C  CB  . LEU A 1 60  ? 0.929   -4.790  0.693   1.00 27.62 ? 60  LEU A CB  1 
ATOM   435  C  CG  . LEU A 1 60  ? 1.074   -5.987  1.636   1.00 28.80 ? 60  LEU A CG  1 
ATOM   436  C  CD1 . LEU A 1 60  ? 2.514   -6.445  1.665   1.00 24.59 ? 60  LEU A CD1 1 
ATOM   437  C  CD2 . LEU A 1 60  ? 0.588   -5.609  3.025   1.00 28.98 ? 60  LEU A CD2 1 
ATOM   438  N  N   . VAL A 1 61  ? -0.663  -2.057  -0.017  1.00 15.84 ? 61  VAL A N   1 
ATOM   439  C  CA  . VAL A 1 61  ? -0.645  -0.799  -0.733  1.00 13.95 ? 61  VAL A CA  1 
ATOM   440  C  C   . VAL A 1 61  ? 0.170   0.154   0.116   1.00 23.95 ? 61  VAL A C   1 
ATOM   441  O  O   . VAL A 1 61  ? -0.120  0.355   1.298   1.00 18.43 ? 61  VAL A O   1 
ATOM   442  C  CB  . VAL A 1 61  ? -2.069  -0.256  -0.949  1.00 16.86 ? 61  VAL A CB  1 
ATOM   443  C  CG1 . VAL A 1 61  ? -2.030  1.038   -1.757  1.00 5.80  ? 61  VAL A CG1 1 
ATOM   444  C  CG2 . VAL A 1 61  ? -2.904  -1.304  -1.677  1.00 18.36 ? 61  VAL A CG2 1 
ATOM   445  N  N   . ILE A 1 62  ? 1.204   0.725   -0.494  1.00 29.57 ? 62  ILE A N   1 
ATOM   446  C  CA  . ILE A 1 62  ? 2.094   1.639   0.203   1.00 26.83 ? 62  ILE A CA  1 
ATOM   447  C  C   . ILE A 1 62  ? 2.122   3.032   -0.408  1.00 24.46 ? 62  ILE A C   1 
ATOM   448  O  O   . ILE A 1 62  ? 2.156   3.189   -1.626  1.00 12.97 ? 62  ILE A O   1 
ATOM   449  C  CB  . ILE A 1 62  ? 3.539   1.094   0.224   1.00 23.74 ? 62  ILE A CB  1 
ATOM   450  C  CG1 . ILE A 1 62  ? 3.550   -0.358  0.709   1.00 24.09 ? 62  ILE A CG1 1 
ATOM   451  C  CG2 . ILE A 1 62  ? 4.409   1.970   1.118   1.00 17.82 ? 62  ILE A CG2 1 
ATOM   452  C  CD1 . ILE A 1 62  ? 2.912   -0.568  2.056   1.00 34.65 ? 62  ILE A CD1 1 
ATOM   453  N  N   . GLY A 1 63  ? 2.099   4.038   0.463   1.00 20.79 ? 63  GLY A N   1 
ATOM   454  C  CA  . GLY A 1 63  ? 2.159   5.419   0.024   1.00 19.17 ? 63  GLY A CA  1 
ATOM   455  C  C   . GLY A 1 63  ? 3.525   5.940   0.429   1.00 19.06 ? 63  GLY A C   1 
ATOM   456  O  O   . GLY A 1 63  ? 4.008   5.613   1.509   1.00 18.69 ? 63  GLY A O   1 
HETATM 457  N  N   . MSE A 1 64  ? 4.160   6.735   -0.425  1.00 14.64 ? 64  MSE A N   1 
HETATM 458  C  CA  . MSE A 1 64  ? 5.481   7.262   -0.113  1.00 16.72 ? 64  MSE A CA  1 
HETATM 459  C  C   . MSE A 1 64  ? 5.466   8.259   1.043   1.00 23.64 ? 64  MSE A C   1 
HETATM 460  O  O   . MSE A 1 64  ? 4.503   9.005   1.232   1.00 23.86 ? 64  MSE A O   1 
HETATM 461  C  CB  . MSE A 1 64  ? 6.098   7.917   -1.350  1.00 17.86 ? 64  MSE A CB  1 
HETATM 462  C  CG  . MSE A 1 64  ? 6.230   6.983   -2.548  1.00 18.79 ? 64  MSE A CG  1 
HETATM 463  SE SE  . MSE A 1 64  ? 7.040   5.277   -2.102  1.00 34.35 ? 64  MSE A SE  1 
HETATM 464  C  CE  . MSE A 1 64  ? 8.766   5.923   -1.499  1.00 11.99 ? 64  MSE A CE  1 
ATOM   465  N  N   . SER A 1 65  ? 6.544   8.259   1.819   1.00 24.27 ? 65  SER A N   1 
ATOM   466  C  CA  . SER A 1 65  ? 6.667   9.158   2.952   1.00 23.32 ? 65  SER A CA  1 
ATOM   467  C  C   . SER A 1 65  ? 7.586   10.328  2.642   1.00 24.70 ? 65  SER A C   1 
ATOM   468  O  O   . SER A 1 65  ? 8.381   10.285  1.695   1.00 19.01 ? 65  SER A O   1 
ATOM   469  C  CB  . SER A 1 65  ? 7.191   8.408   4.171   1.00 26.15 ? 65  SER A CB  1 
ATOM   470  O  OG  . SER A 1 65  ? 6.155   7.647   4.768   1.00 43.54 ? 65  SER A OG  1 
ATOM   471  N  N   . PRO A 1 66  ? 7.493   11.398  3.445   1.00 22.32 ? 66  PRO A N   1 
ATOM   472  C  CA  . PRO A 1 66  ? 8.339   12.568  3.218   1.00 22.99 ? 66  PRO A CA  1 
ATOM   473  C  C   . PRO A 1 66  ? 9.803   12.255  3.487   1.00 23.20 ? 66  PRO A C   1 
ATOM   474  O  O   . PRO A 1 66  ? 10.131  11.555  4.441   1.00 25.80 ? 66  PRO A O   1 
ATOM   475  C  CB  . PRO A 1 66  ? 7.780   13.597  4.200   1.00 16.37 ? 66  PRO A CB  1 
ATOM   476  C  CG  . PRO A 1 66  ? 6.360   13.153  4.405   1.00 20.99 ? 66  PRO A CG  1 
ATOM   477  C  CD  . PRO A 1 66  ? 6.494   11.671  4.493   1.00 17.91 ? 66  PRO A CD  1 
ATOM   478  N  N   . ALA A 1 67  ? 10.676  12.768  2.630   1.00 20.87 ? 67  ALA A N   1 
ATOM   479  C  CA  . ALA A 1 67  ? 12.103  12.565  2.787   1.00 31.16 ? 67  ALA A CA  1 
ATOM   480  C  C   . ALA A 1 67  ? 12.580  13.347  4.007   1.00 41.02 ? 67  ALA A C   1 
ATOM   481  O  O   . ALA A 1 67  ? 13.759  13.309  4.359   1.00 52.93 ? 67  ALA A O   1 
ATOM   482  C  CB  . ALA A 1 67  ? 12.835  13.033  1.546   1.00 35.31 ? 67  ALA A CB  1 
ATOM   483  N  N   . ALA A 1 68  ? 11.652  14.050  4.653   1.00 39.85 ? 68  ALA A N   1 
ATOM   484  C  CA  . ALA A 1 68  ? 11.962  14.847  5.834   1.00 40.10 ? 68  ALA A CA  1 
ATOM   485  C  C   . ALA A 1 68  ? 11.700  14.075  7.129   1.00 41.09 ? 68  ALA A C   1 
ATOM   486  O  O   . ALA A 1 68  ? 12.206  14.447  8.187   1.00 41.77 ? 68  ALA A O   1 
ATOM   487  C  CB  . ALA A 1 68  ? 11.140  16.149  5.822   1.00 40.98 ? 68  ALA A CB  1 
ATOM   488  N  N   . SER A 1 69  ? 10.908  13.007  7.047   1.00 41.38 ? 69  SER A N   1 
ATOM   489  C  CA  . SER A 1 69  ? 10.598  12.192  8.224   1.00 42.64 ? 69  SER A CA  1 
ATOM   490  C  C   . SER A 1 69  ? 11.267  10.826  8.143   1.00 39.12 ? 69  SER A C   1 
ATOM   491  O  O   . SER A 1 69  ? 10.809  9.866   8.765   1.00 37.37 ? 69  SER A O   1 
ATOM   492  C  CB  . SER A 1 69  ? 9.084   11.989  8.360   1.00 45.56 ? 69  SER A CB  1 
ATOM   493  O  OG  . SER A 1 69  ? 8.398   13.222  8.436   1.00 53.51 ? 69  SER A OG  1 
ATOM   494  N  N   . ALA A 1 70  ? 12.350  10.747  7.377   1.00 35.31 ? 70  ALA A N   1 
ATOM   495  C  CA  . ALA A 1 70  ? 13.081  9.499   7.195   1.00 37.50 ? 70  ALA A CA  1 
ATOM   496  C  C   . ALA A 1 70  ? 13.375  8.768   8.505   1.00 39.03 ? 70  ALA A C   1 
ATOM   497  O  O   . ALA A 1 70  ? 12.898  7.653   8.726   1.00 34.63 ? 70  ALA A O   1 
ATOM   498  C  CB  . ALA A 1 70  ? 14.385  9.771   6.445   1.00 40.06 ? 70  ALA A CB  1 
ATOM   499  N  N   . ALA A 1 71  ? 14.157  9.404   9.372   1.00 39.12 ? 71  ALA A N   1 
ATOM   500  C  CA  . ALA A 1 71  ? 14.537  8.815   10.652  1.00 42.75 ? 71  ALA A CA  1 
ATOM   501  C  C   . ALA A 1 71  ? 13.378  8.177   11.410  1.00 45.71 ? 71  ALA A C   1 
ATOM   502  O  O   . ALA A 1 71  ? 13.454  7.018   11.827  1.00 46.59 ? 71  ALA A O   1 
ATOM   503  C  CB  . ALA A 1 71  ? 15.207  9.876   11.529  1.00 46.67 ? 71  ALA A CB  1 
ATOM   504  N  N   . SER A 1 72  ? 12.306  8.938   11.583  1.00 44.28 ? 72  SER A N   1 
ATOM   505  C  CA  . SER A 1 72  ? 11.139  8.469   12.321  1.00 45.40 ? 72  SER A CA  1 
ATOM   506  C  C   . SER A 1 72  ? 10.263  7.443   11.597  1.00 45.50 ? 72  SER A C   1 
ATOM   507  O  O   . SER A 1 72  ? 9.646   6.589   12.237  1.00 40.08 ? 72  SER A O   1 
ATOM   508  C  CB  . SER A 1 72  ? 10.282  9.670   12.720  1.00 47.78 ? 72  SER A CB  1 
ATOM   509  O  OG  . SER A 1 72  ? 9.903   10.417  11.578  1.00 48.97 ? 72  SER A OG  1 
ATOM   510  N  N   . ILE A 1 73  ? 10.220  7.521   10.270  1.00 41.53 ? 73  ILE A N   1 
ATOM   511  C  CA  . ILE A 1 73  ? 9.395   6.623   9.467   1.00 41.28 ? 73  ILE A CA  1 
ATOM   512  C  C   . ILE A 1 73  ? 10.028  5.256   9.164   1.00 34.64 ? 73  ILE A C   1 
ATOM   513  O  O   . ILE A 1 73  ? 9.333   4.244   9.122   1.00 33.69 ? 73  ILE A O   1 
ATOM   514  C  CB  . ILE A 1 73  ? 9.023   7.292   8.118   1.00 43.95 ? 73  ILE A CB  1 
ATOM   515  C  CG1 . ILE A 1 73  ? 7.691   6.743   7.607   1.00 46.71 ? 73  ILE A CG1 1 
ATOM   516  C  CG2 . ILE A 1 73  ? 10.118  7.049   7.087   1.00 48.11 ? 73  ILE A CG2 1 
ATOM   517  C  CD1 . ILE A 1 73  ? 6.499   7.573   8.043   1.00 50.60 ? 73  ILE A CD1 1 
ATOM   518  N  N   . GLN A 1 74  ? 11.341  5.235   8.952   1.00 36.08 ? 74  GLN A N   1 
ATOM   519  C  CA  . GLN A 1 74  ? 12.055  4.001   8.625   1.00 38.38 ? 74  GLN A CA  1 
ATOM   520  C  C   . GLN A 1 74  ? 11.814  2.824   9.572   1.00 37.22 ? 74  GLN A C   1 
ATOM   521  O  O   . GLN A 1 74  ? 11.943  1.668   9.172   1.00 34.20 ? 74  GLN A O   1 
ATOM   522  C  CB  . GLN A 1 74  ? 13.558  4.284   8.514   1.00 44.71 ? 74  GLN A CB  1 
ATOM   523  C  CG  . GLN A 1 74  ? 13.979  4.840   7.151   1.00 48.54 ? 74  GLN A CG  1 
ATOM   524  C  CD  . GLN A 1 74  ? 15.129  5.831   7.243   1.00 55.83 ? 74  GLN A CD  1 
ATOM   525  O  OE1 . GLN A 1 74  ? 15.723  6.212   6.230   1.00 45.85 ? 74  GLN A OE1 1 
ATOM   526  N  NE2 . GLN A 1 74  ? 15.440  6.264   8.462   1.00 61.70 ? 74  GLN A NE2 1 
ATOM   527  N  N   . GLY A 1 75  ? 11.466  3.116   10.821  1.00 36.27 ? 75  GLY A N   1 
ATOM   528  C  CA  . GLY A 1 75  ? 11.210  2.049   11.768  1.00 35.21 ? 75  GLY A CA  1 
ATOM   529  C  C   . GLY A 1 75  ? 10.065  1.178   11.286  1.00 30.43 ? 75  GLY A C   1 
ATOM   530  O  O   . GLY A 1 75  ? 10.182  -0.045  11.206  1.00 32.38 ? 75  GLY A O   1 
ATOM   531  N  N   . ALA A 1 76  ? 8.948   1.815   10.958  1.00 24.95 ? 76  ALA A N   1 
ATOM   532  C  CA  . ALA A 1 76  ? 7.772   1.105   10.474  1.00 23.84 ? 76  ALA A CA  1 
ATOM   533  C  C   . ALA A 1 76  ? 8.031   0.488   9.101   1.00 16.85 ? 76  ALA A C   1 
ATOM   534  O  O   . ALA A 1 76  ? 7.650   -0.651  8.840   1.00 26.49 ? 76  ALA A O   1 
ATOM   535  C  CB  . ALA A 1 76  ? 6.581   2.059   10.405  1.00 15.48 ? 76  ALA A CB  1 
ATOM   536  N  N   . LEU A 1 77  ? 8.686   1.248   8.233   1.00 18.84 ? 77  LEU A N   1 
ATOM   537  C  CA  . LEU A 1 77  ? 8.992   0.799   6.882   1.00 18.12 ? 77  LEU A CA  1 
ATOM   538  C  C   . LEU A 1 77  ? 9.847   -0.469  6.870   1.00 25.77 ? 77  LEU A C   1 
ATOM   539  O  O   . LEU A 1 77  ? 9.537   -1.430  6.156   1.00 21.76 ? 77  LEU A O   1 
ATOM   540  C  CB  . LEU A 1 77  ? 9.702   1.917   6.125   1.00 28.27 ? 77  LEU A CB  1 
ATOM   541  C  CG  . LEU A 1 77  ? 9.753   1.777   4.605   1.00 33.26 ? 77  LEU A CG  1 
ATOM   542  C  CD1 . LEU A 1 77  ? 8.347   1.516   4.054   1.00 35.47 ? 77  LEU A CD1 1 
ATOM   543  C  CD2 . LEU A 1 77  ? 10.337  3.046   4.011   1.00 25.34 ? 77  LEU A CD2 1 
ATOM   544  N  N   . SER A 1 78  ? 10.923  -0.457  7.656   1.00 23.61 ? 78  SER A N   1 
ATOM   545  C  CA  . SER A 1 78  ? 11.832  -1.601  7.775   1.00 21.71 ? 78  SER A CA  1 
ATOM   546  C  C   . SER A 1 78  ? 11.085  -2.814  8.307   1.00 19.16 ? 78  SER A C   1 
ATOM   547  O  O   . SER A 1 78  ? 11.344  -3.949  7.910   1.00 17.53 ? 78  SER A O   1 
ATOM   548  C  CB  . SER A 1 78  ? 12.975  -1.288  8.745   1.00 21.31 ? 78  SER A CB  1 
ATOM   549  O  OG  . SER A 1 78  ? 13.816  -0.275  8.240   1.00 43.84 ? 78  SER A OG  1 
ATOM   550  N  N   . THR A 1 79  ? 10.163  -2.559  9.226   1.00 28.14 ? 79  THR A N   1 
ATOM   551  C  CA  . THR A 1 79  ? 9.381   -3.622  9.834   1.00 24.46 ? 79  THR A CA  1 
ATOM   552  C  C   . THR A 1 79  ? 8.486   -4.288  8.794   1.00 20.68 ? 79  THR A C   1 
ATOM   553  O  O   . THR A 1 79  ? 8.315   -5.506  8.804   1.00 19.92 ? 79  THR A O   1 
ATOM   554  C  CB  . THR A 1 79  ? 8.522   -3.069  10.980  1.00 22.59 ? 79  THR A CB  1 
ATOM   555  O  OG1 . THR A 1 79  ? 9.345   -2.282  11.849  1.00 27.93 ? 79  THR A OG1 1 
ATOM   556  C  CG2 . THR A 1 79  ? 7.899   -4.197  11.777  1.00 15.59 ? 79  THR A CG2 1 
ATOM   557  N  N   . ILE A 1 80  ? 7.923   -3.487  7.895   1.00 18.40 ? 80  ILE A N   1 
ATOM   558  C  CA  . ILE A 1 80  ? 7.045   -4.019  6.859   1.00 19.33 ? 80  ILE A CA  1 
ATOM   559  C  C   . ILE A 1 80  ? 7.848   -4.869  5.874   1.00 21.90 ? 80  ILE A C   1 
ATOM   560  O  O   . ILE A 1 80  ? 7.397   -5.935  5.447   1.00 21.77 ? 80  ILE A O   1 
ATOM   561  C  CB  . ILE A 1 80  ? 6.321   -2.875  6.092   1.00 26.69 ? 80  ILE A CB  1 
ATOM   562  C  CG1 . ILE A 1 80  ? 5.379   -2.122  7.039   1.00 20.88 ? 80  ILE A CG1 1 
ATOM   563  C  CG2 . ILE A 1 80  ? 5.522   -3.445  4.929   1.00 21.72 ? 80  ILE A CG2 1 
ATOM   564  C  CD1 . ILE A 1 80  ? 4.699   -0.908  6.409   1.00 19.24 ? 80  ILE A CD1 1 
ATOM   565  N  N   . LEU A 1 81  ? 9.042   -4.390  5.530   1.00 17.54 ? 81  LEU A N   1 
ATOM   566  C  CA  . LEU A 1 81  ? 9.933   -5.085  4.607   1.00 15.37 ? 81  LEU A CA  1 
ATOM   567  C  C   . LEU A 1 81  ? 10.386  -6.429  5.163   1.00 20.52 ? 81  LEU A C   1 
ATOM   568  O  O   . LEU A 1 81  ? 10.701  -7.349  4.409   1.00 20.81 ? 81  LEU A O   1 
ATOM   569  C  CB  . LEU A 1 81  ? 11.154  -4.215  4.299   1.00 18.57 ? 81  LEU A CB  1 
ATOM   570  C  CG  . LEU A 1 81  ? 10.912  -2.994  3.402   1.00 30.55 ? 81  LEU A CG  1 
ATOM   571  C  CD1 . LEU A 1 81  ? 12.153  -2.112  3.386   1.00 20.04 ? 81  LEU A CD1 1 
ATOM   572  C  CD2 . LEU A 1 81  ? 10.549  -3.455  1.999   1.00 22.63 ? 81  LEU A CD2 1 
ATOM   573  N  N   . GLY A 1 82  ? 10.426  -6.539  6.485   1.00 22.55 ? 82  GLY A N   1 
ATOM   574  C  CA  . GLY A 1 82  ? 10.828  -7.789  7.091   1.00 18.03 ? 82  GLY A CA  1 
ATOM   575  C  C   . GLY A 1 82  ? 9.645   -8.629  7.525   1.00 19.24 ? 82  GLY A C   1 
ATOM   576  O  O   . GLY A 1 82  ? 9.831   -9.757  7.970   1.00 27.35 ? 82  GLY A O   1 
ATOM   577  N  N   . SER A 1 83  ? 8.431   -8.101  7.384   1.00 19.13 ? 83  SER A N   1 
ATOM   578  C  CA  . SER A 1 83  ? 7.235   -8.833  7.813   1.00 15.86 ? 83  SER A CA  1 
ATOM   579  C  C   . SER A 1 83  ? 6.399   -9.357  6.665   1.00 17.05 ? 83  SER A C   1 
ATOM   580  O  O   . SER A 1 83  ? 5.435   -10.103 6.860   1.00 13.39 ? 83  SER A O   1 
ATOM   581  C  CB  . SER A 1 83  ? 6.367   -7.936  8.682   1.00 18.14 ? 83  SER A CB  1 
ATOM   582  O  OG  . SER A 1 83  ? 7.075   -7.520  9.834   1.00 29.71 ? 83  SER A OG  1 
ATOM   583  N  N   . VAL A 1 84  ? 6.788   -8.948  5.469   1.00 18.27 ? 84  VAL A N   1 
ATOM   584  C  CA  . VAL A 1 84  ? 6.110   -9.327  4.246   1.00 22.90 ? 84  VAL A CA  1 
ATOM   585  C  C   . VAL A 1 84  ? 6.592   -10.689 3.767   1.00 20.68 ? 84  VAL A C   1 
ATOM   586  O  O   . VAL A 1 84  ? 7.647   -11.161 4.188   1.00 20.21 ? 84  VAL A O   1 
ATOM   587  C  CB  . VAL A 1 84  ? 6.377   -8.255  3.171   1.00 22.58 ? 84  VAL A CB  1 
ATOM   588  C  CG1 . VAL A 1 84  ? 6.057   -8.775  1.803   1.00 37.71 ? 84  VAL A CG1 1 
ATOM   589  C  CG2 . VAL A 1 84  ? 5.541   -7.029  3.466   1.00 32.56 ? 84  VAL A CG2 1 
ATOM   590  N  N   . ASN A 1 85  ? 5.803   -11.324 2.907   1.00 18.06 ? 85  ASN A N   1 
ATOM   591  C  CA  . ASN A 1 85  ? 6.172   -12.615 2.348   1.00 15.57 ? 85  ASN A CA  1 
ATOM   592  C  C   . ASN A 1 85  ? 5.949   -12.609 0.833   1.00 14.93 ? 85  ASN A C   1 
ATOM   593  O  O   . ASN A 1 85  ? 5.158   -11.823 0.311   1.00 6.64  ? 85  ASN A O   1 
ATOM   594  C  CB  . ASN A 1 85  ? 5.414   -13.761 3.056   1.00 11.75 ? 85  ASN A CB  1 
ATOM   595  C  CG  . ASN A 1 85  ? 3.967   -13.896 2.618   1.00 14.49 ? 85  ASN A CG  1 
ATOM   596  O  OD1 . ASN A 1 85  ? 3.682   -14.401 1.534   1.00 23.93 ? 85  ASN A OD1 1 
ATOM   597  N  ND2 . ASN A 1 85  ? 3.044   -13.456 3.468   1.00 12.96 ? 85  ASN A ND2 1 
ATOM   598  N  N   . GLU A 1 86  ? 6.686   -13.469 0.139   1.00 14.96 ? 86  GLU A N   1 
ATOM   599  C  CA  . GLU A 1 86  ? 6.645   -13.580 -1.314  1.00 16.75 ? 86  GLU A CA  1 
ATOM   600  C  C   . GLU A 1 86  ? 5.304   -13.933 -1.950  1.00 19.67 ? 86  GLU A C   1 
ATOM   601  O  O   . GLU A 1 86  ? 5.115   -13.711 -3.149  1.00 19.23 ? 86  GLU A O   1 
ATOM   602  C  CB  . GLU A 1 86  ? 7.687   -14.602 -1.775  1.00 13.67 ? 86  GLU A CB  1 
ATOM   603  C  CG  . GLU A 1 86  ? 7.553   -15.948 -1.081  1.00 26.92 ? 86  GLU A CG  1 
ATOM   604  C  CD  . GLU A 1 86  ? 8.263   -17.071 -1.809  1.00 23.25 ? 86  GLU A CD  1 
ATOM   605  O  OE1 . GLU A 1 86  ? 9.489   -16.979 -2.017  1.00 42.73 ? 86  GLU A OE1 1 
ATOM   606  O  OE2 . GLU A 1 86  ? 7.591   -18.056 -2.171  1.00 42.26 ? 86  GLU A OE2 1 
ATOM   607  N  N   . LYS A 1 87  ? 4.381   -14.469 -1.159  1.00 14.91 ? 87  LYS A N   1 
ATOM   608  C  CA  . LYS A 1 87  ? 3.070   -14.879 -1.661  1.00 15.81 ? 87  LYS A CA  1 
ATOM   609  C  C   . LYS A 1 87  ? 2.084   -13.725 -1.801  1.00 22.91 ? 87  LYS A C   1 
ATOM   610  O  O   . LYS A 1 87  ? 0.964   -13.912 -2.282  1.00 14.17 ? 87  LYS A O   1 
ATOM   611  C  CB  . LYS A 1 87  ? 2.463   -15.941 -0.734  1.00 11.86 ? 87  LYS A CB  1 
ATOM   612  C  CG  . LYS A 1 87  ? 3.256   -17.235 -0.657  1.00 12.16 ? 87  LYS A CG  1 
ATOM   613  C  CD  . LYS A 1 87  ? 2.941   -18.164 -1.820  1.00 30.10 ? 87  LYS A CD  1 
ATOM   614  C  CE  . LYS A 1 87  ? 1.497   -18.656 -1.738  1.00 35.09 ? 87  LYS A CE  1 
ATOM   615  N  NZ  . LYS A 1 87  ? 1.101   -19.548 -2.875  1.00 43.49 ? 87  LYS A NZ  1 
ATOM   616  N  N   . GLN A 1 88  ? 2.471   -12.531 -1.377  1.00 15.33 ? 88  GLN A N   1 
ATOM   617  C  CA  . GLN A 1 88  ? 1.537   -11.431 -1.511  1.00 17.79 ? 88  GLN A CA  1 
ATOM   618  C  C   . GLN A 1 88  ? 1.864   -10.482 -2.657  1.00 16.10 ? 88  GLN A C   1 
ATOM   619  O  O   . GLN A 1 88  ? 2.890   -10.615 -3.324  1.00 10.78 ? 88  GLN A O   1 
ATOM   620  C  CB  . GLN A 1 88  ? 1.389   -10.684 -0.178  1.00 23.80 ? 88  GLN A CB  1 
ATOM   621  C  CG  . GLN A 1 88  ? 2.683   -10.301 0.482   1.00 25.56 ? 88  GLN A CG  1 
ATOM   622  C  CD  . GLN A 1 88  ? 2.547   -10.114 1.989   1.00 23.30 ? 88  GLN A CD  1 
ATOM   623  O  OE1 . GLN A 1 88  ? 3.502   -9.729  2.658   1.00 29.00 ? 88  GLN A OE1 1 
ATOM   624  N  NE2 . GLN A 1 88  ? 1.365   -10.392 2.526   1.00 18.20 ? 88  GLN A NE2 1 
ATOM   625  N  N   . ALA A 1 89  ? 0.942   -9.563  -2.910  1.00 14.18 ? 89  ALA A N   1 
ATOM   626  C  CA  . ALA A 1 89  ? 1.076   -8.588  -3.976  1.00 13.58 ? 89  ALA A CA  1 
ATOM   627  C  C   . ALA A 1 89  ? 1.128   -7.197  -3.340  1.00 18.73 ? 89  ALA A C   1 
ATOM   628  O  O   . ALA A 1 89  ? 0.513   -6.957  -2.298  1.00 9.58  ? 89  ALA A O   1 
ATOM   629  C  CB  . ALA A 1 89  ? -0.104  -8.703  -4.918  1.00 7.50  ? 89  ALA A CB  1 
ATOM   630  N  N   . VAL A 1 90  ? 1.863   -6.282  -3.968  1.00 17.03 ? 90  VAL A N   1 
ATOM   631  C  CA  . VAL A 1 90  ? 2.007   -4.940  -3.426  1.00 12.08 ? 90  VAL A CA  1 
ATOM   632  C  C   . VAL A 1 90  ? 2.002   -3.849  -4.497  1.00 13.60 ? 90  VAL A C   1 
ATOM   633  O  O   . VAL A 1 90  ? 2.611   -3.999  -5.558  1.00 7.48  ? 90  VAL A O   1 
ATOM   634  C  CB  . VAL A 1 90  ? 3.317   -4.852  -2.578  1.00 20.79 ? 90  VAL A CB  1 
ATOM   635  C  CG1 . VAL A 1 90  ? 4.536   -4.921  -3.494  1.00 14.13 ? 90  VAL A CG1 1 
ATOM   636  C  CG2 . VAL A 1 90  ? 3.329   -3.590  -1.725  1.00 11.12 ? 90  VAL A CG2 1 
ATOM   637  N  N   . GLY A 1 91  ? 1.287   -2.762  -4.202  1.00 13.91 ? 91  GLY A N   1 
ATOM   638  C  CA  . GLY A 1 91  ? 1.210   -1.623  -5.103  1.00 14.64 ? 91  GLY A CA  1 
ATOM   639  C  C   . GLY A 1 91  ? 1.682   -0.383  -4.359  1.00 13.88 ? 91  GLY A C   1 
ATOM   640  O  O   . GLY A 1 91  ? 1.479   -0.282  -3.152  1.00 14.59 ? 91  GLY A O   1 
ATOM   641  N  N   . ILE A 1 92  ? 2.287   0.568   -5.065  1.00 15.43 ? 92  ILE A N   1 
ATOM   642  C  CA  . ILE A 1 92  ? 2.811   1.773   -4.425  1.00 16.62 ? 92  ILE A CA  1 
ATOM   643  C  C   . ILE A 1 92  ? 2.428   3.065   -5.149  1.00 18.33 ? 92  ILE A C   1 
ATOM   644  O  O   . ILE A 1 92  ? 2.453   3.130   -6.378  1.00 16.41 ? 92  ILE A O   1 
ATOM   645  C  CB  . ILE A 1 92  ? 4.364   1.693   -4.318  1.00 17.21 ? 92  ILE A CB  1 
ATOM   646  C  CG1 . ILE A 1 92  ? 4.753   0.469   -3.465  1.00 22.28 ? 92  ILE A CG1 1 
ATOM   647  C  CG2 . ILE A 1 92  ? 4.926   2.988   -3.726  1.00 11.22 ? 92  ILE A CG2 1 
ATOM   648  C  CD1 . ILE A 1 92  ? 6.250   0.177   -3.389  1.00 19.44 ? 92  ILE A CD1 1 
ATOM   649  N  N   . PHE A 1 93  ? 2.079   4.098   -4.383  1.00 15.41 ? 93  PHE A N   1 
ATOM   650  C  CA  . PHE A 1 93  ? 1.714   5.375   -4.979  1.00 8.52  ? 93  PHE A CA  1 
ATOM   651  C  C   . PHE A 1 93  ? 2.496   6.548   -4.421  1.00 14.64 ? 93  PHE A C   1 
ATOM   652  O  O   . PHE A 1 93  ? 2.942   6.522   -3.269  1.00 13.19 ? 93  PHE A O   1 
ATOM   653  C  CB  . PHE A 1 93  ? 0.209   5.639   -4.823  1.00 11.17 ? 93  PHE A CB  1 
ATOM   654  C  CG  . PHE A 1 93  ? -0.248  5.830   -3.399  1.00 17.57 ? 93  PHE A CG  1 
ATOM   655  C  CD1 . PHE A 1 93  ? -0.226  7.089   -2.802  1.00 22.31 ? 93  PHE A CD1 1 
ATOM   656  C  CD2 . PHE A 1 93  ? -0.733  4.753   -2.662  1.00 16.18 ? 93  PHE A CD2 1 
ATOM   657  C  CE1 . PHE A 1 93  ? -0.687  7.271   -1.499  1.00 11.90 ? 93  PHE A CE1 1 
ATOM   658  C  CE2 . PHE A 1 93  ? -1.196  4.926   -1.357  1.00 10.42 ? 93  PHE A CE2 1 
ATOM   659  C  CZ  . PHE A 1 93  ? -1.173  6.186   -0.777  1.00 12.66 ? 93  PHE A CZ  1 
ATOM   660  N  N   . GLU A 1 94  ? 2.679   7.559   -5.273  1.00 15.78 ? 94  GLU A N   1 
ATOM   661  C  CA  . GLU A 1 94  ? 3.364   8.795   -4.913  1.00 14.75 ? 94  GLU A CA  1 
ATOM   662  C  C   . GLU A 1 94  ? 2.280   9.658   -4.290  1.00 15.29 ? 94  GLU A C   1 
ATOM   663  O  O   . GLU A 1 94  ? 1.097   9.417   -4.516  1.00 18.93 ? 94  GLU A O   1 
ATOM   664  C  CB  . GLU A 1 94  ? 3.922   9.516   -6.147  1.00 12.62 ? 94  GLU A CB  1 
ATOM   665  C  CG  . GLU A 1 94  ? 5.048   8.812   -6.861  1.00 16.69 ? 94  GLU A CG  1 
ATOM   666  C  CD  . GLU A 1 94  ? 5.808   9.742   -7.810  1.00 17.18 ? 94  GLU A CD  1 
ATOM   667  O  OE1 . GLU A 1 94  ? 5.217   10.728  -8.291  1.00 27.02 ? 94  GLU A OE1 1 
ATOM   668  O  OE2 . GLU A 1 94  ? 6.992   9.483   -8.084  1.00 13.58 ? 94  GLU A OE2 1 
ATOM   669  N  N   . THR A 1 95  ? 2.670   10.677  -3.534  1.00 16.74 ? 95  THR A N   1 
ATOM   670  C  CA  . THR A 1 95  ? 1.682   11.520  -2.869  1.00 15.77 ? 95  THR A CA  1 
ATOM   671  C  C   . THR A 1 95  ? 1.431   12.878  -3.504  1.00 13.15 ? 95  THR A C   1 
ATOM   672  O  O   . THR A 1 95  ? 0.373   13.467  -3.298  1.00 15.95 ? 95  THR A O   1 
ATOM   673  C  CB  . THR A 1 95  ? 2.084   11.773  -1.412  1.00 19.79 ? 95  THR A CB  1 
ATOM   674  O  OG1 . THR A 1 95  ? 3.238   12.623  -1.388  1.00 18.82 ? 95  THR A OG1 1 
ATOM   675  C  CG2 . THR A 1 95  ? 2.406   10.452  -0.712  1.00 17.16 ? 95  THR A CG2 1 
ATOM   676  N  N   . GLY A 1 96  ? 2.394   13.372  -4.270  1.00 18.78 ? 96  GLY A N   1 
ATOM   677  C  CA  . GLY A 1 96  ? 2.236   14.678  -4.874  1.00 13.81 ? 96  GLY A CA  1 
ATOM   678  C  C   . GLY A 1 96  ? 2.470   15.742  -3.812  1.00 25.52 ? 96  GLY A C   1 
ATOM   679  O  O   . GLY A 1 96  ? 2.058   16.886  -3.976  1.00 27.76 ? 96  GLY A O   1 
ATOM   680  N  N   . GLY A 1 97  ? 3.131   15.360  -2.719  1.00 24.44 ? 97  GLY A N   1 
ATOM   681  C  CA  . GLY A 1 97  ? 3.403   16.293  -1.638  1.00 23.67 ? 97  GLY A CA  1 
ATOM   682  C  C   . GLY A 1 97  ? 4.656   17.129  -1.829  1.00 29.59 ? 97  GLY A C   1 
ATOM   683  O  O   . GLY A 1 97  ? 4.828   18.154  -1.167  1.00 24.11 ? 97  GLY A O   1 
ATOM   684  N  N   . GLY A 1 98  ? 5.543   16.683  -2.718  1.00 34.27 ? 98  GLY A N   1 
ATOM   685  C  CA  . GLY A 1 98  ? 6.766   17.423  -2.999  1.00 30.84 ? 98  GLY A CA  1 
ATOM   686  C  C   . GLY A 1 98  ? 8.012   17.001  -2.240  1.00 32.04 ? 98  GLY A C   1 
ATOM   687  O  O   . GLY A 1 98  ? 9.097   17.525  -2.488  1.00 35.46 ? 98  GLY A O   1 
ATOM   688  N  N   . ASP A 1 99  ? 7.868   16.055  -1.320  1.00 33.43 ? 99  ASP A N   1 
ATOM   689  C  CA  . ASP A 1 99  ? 9.002   15.590  -0.531  1.00 27.90 ? 99  ASP A CA  1 
ATOM   690  C  C   . ASP A 1 99  ? 9.083   14.066  -0.557  1.00 29.18 ? 99  ASP A C   1 
ATOM   691  O  O   . ASP A 1 99  ? 9.792   13.465  0.248   1.00 31.80 ? 99  ASP A O   1 
ATOM   692  C  CB  . ASP A 1 99  ? 8.865   16.075  0.917   1.00 27.13 ? 99  ASP A CB  1 
ATOM   693  C  CG  . ASP A 1 99  ? 10.193  16.102  1.659   1.00 25.67 ? 99  ASP A CG  1 
ATOM   694  O  OD1 . ASP A 1 99  ? 10.193  16.337  2.888   1.00 34.90 ? 99  ASP A OD1 1 
ATOM   695  O  OD2 . ASP A 1 99  ? 11.242  15.898  1.015   1.00 27.41 ? 99  ASP A OD2 1 
ATOM   696  N  N   . ASP A 1 100 ? 8.358   13.449  -1.487  1.00 34.05 ? 100 ASP A N   1 
ATOM   697  C  CA  . ASP A 1 100 ? 8.341   11.993  -1.613  1.00 28.61 ? 100 ASP A CA  1 
ATOM   698  C  C   . ASP A 1 100 ? 9.722   11.369  -1.644  1.00 25.49 ? 100 ASP A C   1 
ATOM   699  O  O   . ASP A 1 100 ? 10.663  11.901  -2.241  1.00 27.76 ? 100 ASP A O   1 
ATOM   700  C  CB  . ASP A 1 100 ? 7.599   11.556  -2.885  1.00 27.63 ? 100 ASP A CB  1 
ATOM   701  C  CG  . ASP A 1 100 ? 6.100   11.522  -2.712  1.00 18.20 ? 100 ASP A CG  1 
ATOM   702  O  OD1 . ASP A 1 100 ? 5.606   12.102  -1.732  1.00 19.87 ? 100 ASP A OD1 1 
ATOM   703  O  OD2 . ASP A 1 100 ? 5.410   10.919  -3.567  1.00 23.42 ? 100 ASP A OD2 1 
ATOM   704  N  N   . GLU A 1 101 ? 9.815   10.218  -0.996  1.00 24.27 ? 101 GLU A N   1 
ATOM   705  C  CA  . GLU A 1 101 ? 11.035  9.445   -0.944  1.00 21.20 ? 101 GLU A CA  1 
ATOM   706  C  C   . GLU A 1 101 ? 11.056  8.770   -2.317  1.00 24.43 ? 101 GLU A C   1 
ATOM   707  O  O   . GLU A 1 101 ? 10.000  8.552   -2.912  1.00 23.50 ? 101 GLU A O   1 
ATOM   708  C  CB  . GLU A 1 101 ? 10.915  8.402   0.169   1.00 20.77 ? 101 GLU A CB  1 
ATOM   709  C  CG  . GLU A 1 101 ? 12.219  7.775   0.595   1.00 35.10 ? 101 GLU A CG  1 
ATOM   710  C  CD  . GLU A 1 101 ? 13.105  8.739   1.351   1.00 44.11 ? 101 GLU A CD  1 
ATOM   711  O  OE1 . GLU A 1 101 ? 12.659  9.255   2.401   1.00 49.68 ? 101 GLU A OE1 1 
ATOM   712  O  OE2 . GLU A 1 101 ? 14.243  8.983   0.897   1.00 42.45 ? 101 GLU A OE2 1 
ATOM   713  N  N   . PRO A 1 102 ? 12.248  8.446   -2.849  1.00 23.48 ? 102 PRO A N   1 
ATOM   714  C  CA  . PRO A 1 102 ? 12.308  7.796   -4.166  1.00 19.81 ? 102 PRO A CA  1 
ATOM   715  C  C   . PRO A 1 102 ? 11.460  6.533   -4.186  1.00 22.60 ? 102 PRO A C   1 
ATOM   716  O  O   . PRO A 1 102 ? 11.726  5.588   -3.444  1.00 24.12 ? 102 PRO A O   1 
ATOM   717  C  CB  . PRO A 1 102 ? 13.791  7.484   -4.336  1.00 17.14 ? 102 PRO A CB  1 
ATOM   718  C  CG  . PRO A 1 102 ? 14.457  8.556   -3.541  1.00 28.90 ? 102 PRO A CG  1 
ATOM   719  C  CD  . PRO A 1 102 ? 13.598  8.661   -2.302  1.00 14.16 ? 102 PRO A CD  1 
ATOM   720  N  N   . ILE A 1 103 ? 10.444  6.513   -5.041  1.00 25.46 ? 103 ILE A N   1 
ATOM   721  C  CA  . ILE A 1 103 ? 9.564   5.356   -5.135  1.00 21.70 ? 103 ILE A CA  1 
ATOM   722  C  C   . ILE A 1 103 ? 10.248  4.123   -5.739  1.00 17.13 ? 103 ILE A C   1 
ATOM   723  O  O   . ILE A 1 103 ? 10.128  3.022   -5.208  1.00 20.01 ? 103 ILE A O   1 
ATOM   724  C  CB  . ILE A 1 103 ? 8.282   5.705   -5.939  1.00 18.78 ? 103 ILE A CB  1 
ATOM   725  C  CG1 . ILE A 1 103 ? 7.450   4.440   -6.176  1.00 24.81 ? 103 ILE A CG1 1 
ATOM   726  C  CG2 . ILE A 1 103 ? 8.651   6.377   -7.252  1.00 20.70 ? 103 ILE A CG2 1 
ATOM   727  C  CD1 . ILE A 1 103 ? 6.061   4.718   -6.697  1.00 14.18 ? 103 ILE A CD1 1 
ATOM   728  N  N   . ASP A 1 104 ? 10.980  4.309   -6.830  1.00 19.33 ? 104 ASP A N   1 
ATOM   729  C  CA  . ASP A 1 104 ? 11.654  3.194   -7.490  1.00 18.17 ? 104 ASP A CA  1 
ATOM   730  C  C   . ASP A 1 104 ? 12.471  2.294   -6.583  1.00 17.68 ? 104 ASP A C   1 
ATOM   731  O  O   . ASP A 1 104 ? 12.352  1.073   -6.659  1.00 20.87 ? 104 ASP A O   1 
ATOM   732  C  CB  . ASP A 1 104 ? 12.514  3.719   -8.629  1.00 14.25 ? 104 ASP A CB  1 
ATOM   733  C  CG  . ASP A 1 104 ? 11.676  4.291   -9.745  1.00 18.10 ? 104 ASP A CG  1 
ATOM   734  O  OD1 . ASP A 1 104 ? 10.900  3.519   -10.358 1.00 25.59 ? 104 ASP A OD1 1 
ATOM   735  O  OD2 . ASP A 1 104 ? 11.777  5.504   -9.999  1.00 29.12 ? 104 ASP A OD2 1 
ATOM   736  N  N   . PRO A 1 105 ? 13.324  2.878   -5.724  1.00 20.66 ? 105 PRO A N   1 
ATOM   737  C  CA  . PRO A 1 105 ? 14.138  2.072   -4.814  1.00 17.35 ? 105 PRO A CA  1 
ATOM   738  C  C   . PRO A 1 105 ? 13.287  1.117   -3.981  1.00 11.54 ? 105 PRO A C   1 
ATOM   739  O  O   . PRO A 1 105 ? 13.669  -0.027  -3.751  1.00 16.39 ? 105 PRO A O   1 
ATOM   740  C  CB  . PRO A 1 105 ? 14.835  3.126   -3.964  1.00 19.72 ? 105 PRO A CB  1 
ATOM   741  C  CG  . PRO A 1 105 ? 15.048  4.229   -4.950  1.00 19.38 ? 105 PRO A CG  1 
ATOM   742  C  CD  . PRO A 1 105 ? 13.715  4.297   -5.648  1.00 19.06 ? 105 PRO A CD  1 
ATOM   743  N  N   . LEU A 1 106 ? 12.127  1.587   -3.543  1.00 11.37 ? 106 LEU A N   1 
ATOM   744  C  CA  . LEU A 1 106 ? 11.243  0.766   -2.738  1.00 18.61 ? 106 LEU A CA  1 
ATOM   745  C  C   . LEU A 1 106 ? 10.539  -0.295  -3.589  1.00 15.64 ? 106 LEU A C   1 
ATOM   746  O  O   . LEU A 1 106 ? 10.316  -1.417  -3.145  1.00 14.53 ? 106 LEU A O   1 
ATOM   747  C  CB  . LEU A 1 106 ? 10.208  1.647   -2.040  1.00 17.02 ? 106 LEU A CB  1 
ATOM   748  C  CG  . LEU A 1 106 ? 9.362   0.913   -1.000  1.00 14.91 ? 106 LEU A CG  1 
ATOM   749  C  CD1 . LEU A 1 106 ? 10.270  0.370   0.092   1.00 10.82 ? 106 LEU A CD1 1 
ATOM   750  C  CD2 . LEU A 1 106 ? 8.321   1.858   -0.416  1.00 21.10 ? 106 LEU A CD2 1 
ATOM   751  N  N   . LEU A 1 107 ? 10.183  0.084   -4.811  1.00 18.83 ? 107 LEU A N   1 
ATOM   752  C  CA  . LEU A 1 107 ? 9.526   -0.816  -5.749  1.00 20.00 ? 107 LEU A CA  1 
ATOM   753  C  C   . LEU A 1 107 ? 10.418  -2.039  -5.965  1.00 20.60 ? 107 LEU A C   1 
ATOM   754  O  O   . LEU A 1 107 ? 9.946   -3.174  -5.947  1.00 10.61 ? 107 LEU A O   1 
ATOM   755  C  CB  . LEU A 1 107 ? 9.310   -0.080  -7.073  1.00 22.75 ? 107 LEU A CB  1 
ATOM   756  C  CG  . LEU A 1 107 ? 7.924   -0.042  -7.721  1.00 18.46 ? 107 LEU A CG  1 
ATOM   757  C  CD1 . LEU A 1 107 ? 6.846   0.086   -6.685  1.00 15.33 ? 107 LEU A CD1 1 
ATOM   758  C  CD2 . LEU A 1 107 ? 7.872   1.127   -8.704  1.00 19.66 ? 107 LEU A CD2 1 
ATOM   759  N  N   . SER A 1 108 ? 11.714  -1.789  -6.146  1.00 14.97 ? 108 SER A N   1 
ATOM   760  C  CA  . SER A 1 108 ? 12.695  -2.849  -6.376  1.00 21.59 ? 108 SER A CA  1 
ATOM   761  C  C   . SER A 1 108 ? 12.948  -3.719  -5.144  1.00 19.12 ? 108 SER A C   1 
ATOM   762  O  O   . SER A 1 108 ? 13.276  -4.898  -5.268  1.00 14.45 ? 108 SER A O   1 
ATOM   763  C  CB  . SER A 1 108 ? 14.020  -2.246  -6.857  1.00 22.19 ? 108 SER A CB  1 
ATOM   764  O  OG  . SER A 1 108 ? 13.857  -1.545  -8.082  1.00 19.66 ? 108 SER A OG  1 
ATOM   765  N  N   . LYS A 1 109 ? 12.812  -3.143  -3.958  1.00 17.59 ? 109 LYS A N   1 
ATOM   766  C  CA  . LYS A 1 109 ? 13.017  -3.926  -2.753  1.00 15.40 ? 109 LYS A CA  1 
ATOM   767  C  C   . LYS A 1 109 ? 11.934  -4.988  -2.620  1.00 10.42 ? 109 LYS A C   1 
ATOM   768  O  O   . LYS A 1 109 ? 12.212  -6.100  -2.193  1.00 19.37 ? 109 LYS A O   1 
ATOM   769  C  CB  . LYS A 1 109 ? 13.022  -3.034  -1.514  1.00 12.86 ? 109 LYS A CB  1 
ATOM   770  C  CG  . LYS A 1 109 ? 14.273  -2.208  -1.376  1.00 14.64 ? 109 LYS A CG  1 
ATOM   771  C  CD  . LYS A 1 109 ? 14.332  -1.539  -0.025  1.00 22.20 ? 109 LYS A CD  1 
ATOM   772  C  CE  . LYS A 1 109 ? 15.619  -0.755  0.126   1.00 20.41 ? 109 LYS A CE  1 
ATOM   773  N  NZ  . LYS A 1 109 ? 15.814  -0.294  1.528   1.00 40.00 ? 109 LYS A NZ  1 
ATOM   774  N  N   . PHE A 1 110 ? 10.702  -4.661  -2.996  1.00 15.41 ? 110 PHE A N   1 
ATOM   775  C  CA  . PHE A 1 110 ? 9.629   -5.642  -2.882  1.00 18.85 ? 110 PHE A CA  1 
ATOM   776  C  C   . PHE A 1 110 ? 9.748   -6.690  -3.974  1.00 12.78 ? 110 PHE A C   1 
ATOM   777  O  O   . PHE A 1 110 ? 9.524   -7.880  -3.737  1.00 18.82 ? 110 PHE A O   1 
ATOM   778  C  CB  . PHE A 1 110 ? 8.256   -4.967  -2.948  1.00 17.68 ? 110 PHE A CB  1 
ATOM   779  C  CG  . PHE A 1 110 ? 7.857   -4.282  -1.677  1.00 9.20  ? 110 PHE A CG  1 
ATOM   780  C  CD1 . PHE A 1 110 ? 7.500   -5.021  -0.549  1.00 10.88 ? 110 PHE A CD1 1 
ATOM   781  C  CD2 . PHE A 1 110 ? 7.846   -2.890  -1.601  1.00 15.86 ? 110 PHE A CD2 1 
ATOM   782  C  CE1 . PHE A 1 110 ? 7.132   -4.381  0.637   1.00 17.30 ? 110 PHE A CE1 1 
ATOM   783  C  CE2 . PHE A 1 110 ? 7.481   -2.235  -0.425  1.00 8.36  ? 110 PHE A CE2 1 
ATOM   784  C  CZ  . PHE A 1 110 ? 7.124   -2.979  0.701   1.00 16.42 ? 110 PHE A CZ  1 
ATOM   785  N  N   . ARG A 1 111 ? 10.109  -6.254  -5.171  1.00 15.86 ? 111 ARG A N   1 
ATOM   786  C  CA  . ARG A 1 111 ? 10.259  -7.184  -6.279  1.00 16.79 ? 111 ARG A CA  1 
ATOM   787  C  C   . ARG A 1 111 ? 11.384  -8.180  -6.002  1.00 16.88 ? 111 ARG A C   1 
ATOM   788  O  O   . ARG A 1 111 ? 11.288  -9.349  -6.374  1.00 17.40 ? 111 ARG A O   1 
ATOM   789  C  CB  . ARG A 1 111 ? 10.542  -6.430  -7.581  1.00 15.13 ? 111 ARG A CB  1 
ATOM   790  C  CG  . ARG A 1 111 ? 10.838  -7.356  -8.748  1.00 18.14 ? 111 ARG A CG  1 
ATOM   791  C  CD  . ARG A 1 111 ? 10.802  -6.620  -10.071 1.00 18.10 ? 111 ARG A CD  1 
ATOM   792  N  NE  . ARG A 1 111 ? 9.463   -6.135  -10.370 1.00 24.22 ? 111 ARG A NE  1 
ATOM   793  C  CZ  . ARG A 1 111 ? 9.156   -5.402  -11.433 1.00 20.78 ? 111 ARG A CZ  1 
ATOM   794  N  NH1 . ARG A 1 111 ? 10.099  -5.069  -12.300 1.00 26.06 ? 111 ARG A NH1 1 
ATOM   795  N  NH2 . ARG A 1 111 ? 7.904   -5.010  -11.631 1.00 23.13 ? 111 ARG A NH2 1 
ATOM   796  N  N   . ASN A 1 112 ? 12.444  -7.715  -5.344  1.00 11.74 ? 112 ASN A N   1 
ATOM   797  C  CA  . ASN A 1 112 ? 13.572  -8.580  -5.020  1.00 14.40 ? 112 ASN A CA  1 
ATOM   798  C  C   . ASN A 1 112 ? 13.145  -9.631  -3.999  1.00 14.24 ? 112 ASN A C   1 
ATOM   799  O  O   . ASN A 1 112 ? 13.697  -10.728 -3.958  1.00 21.60 ? 112 ASN A O   1 
ATOM   800  C  CB  . ASN A 1 112 ? 14.741  -7.763  -4.451  1.00 17.49 ? 112 ASN A CB  1 
ATOM   801  C  CG  . ASN A 1 112 ? 16.083  -8.483  -4.585  1.00 27.40 ? 112 ASN A CG  1 
ATOM   802  O  OD1 . ASN A 1 112 ? 16.565  -8.711  -5.695  1.00 23.89 ? 112 ASN A OD1 1 
ATOM   803  N  ND2 . ASN A 1 112 ? 16.690  -8.840  -3.452  1.00 30.05 ? 112 ASN A ND2 1 
ATOM   804  N  N   . LEU A 1 113 ? 12.160  -9.294  -3.175  1.00 19.45 ? 113 LEU A N   1 
ATOM   805  C  CA  . LEU A 1 113 ? 11.689  -10.222 -2.156  1.00 17.55 ? 113 LEU A CA  1 
ATOM   806  C  C   . LEU A 1 113 ? 10.717  -11.259 -2.698  1.00 14.36 ? 113 LEU A C   1 
ATOM   807  O  O   . LEU A 1 113 ? 10.282  -12.142 -1.966  1.00 17.23 ? 113 LEU A O   1 
ATOM   808  C  CB  . LEU A 1 113 ? 11.036  -9.454  -1.004  1.00 18.76 ? 113 LEU A CB  1 
ATOM   809  C  CG  . LEU A 1 113 ? 11.973  -8.586  -0.158  1.00 11.16 ? 113 LEU A CG  1 
ATOM   810  C  CD1 . LEU A 1 113 ? 11.162  -7.838  0.901   1.00 15.31 ? 113 LEU A CD1 1 
ATOM   811  C  CD2 . LEU A 1 113 ? 13.022  -9.457  0.510   1.00 13.66 ? 113 LEU A CD2 1 
ATOM   812  N  N   . GLY A 1 114 ? 10.373  -11.149 -3.977  1.00 20.97 ? 114 GLY A N   1 
ATOM   813  C  CA  . GLY A 1 114 ? 9.464   -12.111 -4.570  1.00 20.36 ? 114 GLY A CA  1 
ATOM   814  C  C   . GLY A 1 114 ? 8.021   -11.675 -4.746  1.00 19.98 ? 114 GLY A C   1 
ATOM   815  O  O   . GLY A 1 114 ? 7.291   -12.290 -5.520  1.00 25.23 ? 114 GLY A O   1 
ATOM   816  N  N   . LEU A 1 115 ? 7.591   -10.628 -4.046  1.00 21.26 ? 115 LEU A N   1 
ATOM   817  C  CA  . LEU A 1 115 ? 6.205   -10.172 -4.177  1.00 24.77 ? 115 LEU A CA  1 
ATOM   818  C  C   . LEU A 1 115 ? 5.837   -9.817  -5.612  1.00 17.17 ? 115 LEU A C   1 
ATOM   819  O  O   . LEU A 1 115 ? 6.706   -9.558  -6.444  1.00 20.62 ? 115 LEU A O   1 
ATOM   820  C  CB  . LEU A 1 115 ? 5.937   -8.955  -3.291  1.00 18.76 ? 115 LEU A CB  1 
ATOM   821  C  CG  . LEU A 1 115 ? 5.859   -9.162  -1.781  1.00 21.27 ? 115 LEU A CG  1 
ATOM   822  C  CD1 . LEU A 1 115 ? 7.261   -9.342  -1.201  1.00 13.14 ? 115 LEU A CD1 1 
ATOM   823  C  CD2 . LEU A 1 115 ? 5.171   -7.962  -1.166  1.00 12.22 ? 115 LEU A CD2 1 
ATOM   824  N  N   . THR A 1 116 ? 4.543   -9.806  -5.907  1.00 15.93 ? 116 THR A N   1 
ATOM   825  C  CA  . THR A 1 116 ? 4.111   -9.454  -7.254  1.00 18.18 ? 116 THR A CA  1 
ATOM   826  C  C   . THR A 1 116 ? 3.628   -8.005  -7.246  1.00 12.27 ? 116 THR A C   1 
ATOM   827  O  O   . THR A 1 116 ? 3.069   -7.542  -6.257  1.00 10.14 ? 116 THR A O   1 
ATOM   828  C  CB  . THR A 1 116 ? 2.976   -10.376 -7.752  1.00 13.65 ? 116 THR A CB  1 
ATOM   829  O  OG1 . THR A 1 116 ? 1.773   -10.079 -7.045  1.00 29.95 ? 116 THR A OG1 1 
ATOM   830  C  CG2 . THR A 1 116 ? 3.332   -11.832 -7.524  1.00 14.96 ? 116 THR A CG2 1 
ATOM   831  N  N   . THR A 1 117 ? 3.866   -7.280  -8.337  1.00 15.81 ? 117 THR A N   1 
ATOM   832  C  CA  . THR A 1 117 ? 3.424   -5.899  -8.413  1.00 17.52 ? 117 THR A CA  1 
ATOM   833  C  C   . THR A 1 117 ? 1.920   -5.917  -8.640  1.00 14.62 ? 117 THR A C   1 
ATOM   834  O  O   . THR A 1 117 ? 1.442   -6.454  -9.642  1.00 11.18 ? 117 THR A O   1 
ATOM   835  C  CB  . THR A 1 117 ? 4.102   -5.145  -9.568  1.00 20.24 ? 117 THR A CB  1 
ATOM   836  O  OG1 . THR A 1 117 ? 3.561   -5.589  -10.820 1.00 41.96 ? 117 THR A OG1 1 
ATOM   837  C  CG2 . THR A 1 117 ? 5.585   -5.399  -9.551  1.00 18.99 ? 117 THR A CG2 1 
ATOM   838  N  N   . ALA A 1 118 ? 1.188   -5.342  -7.689  1.00 17.44 ? 118 ALA A N   1 
ATOM   839  C  CA  . ALA A 1 118 ? -0.271  -5.287  -7.728  1.00 13.43 ? 118 ALA A CA  1 
ATOM   840  C  C   . ALA A 1 118 ? -0.806  -4.532  -8.935  1.00 21.18 ? 118 ALA A C   1 
ATOM   841  O  O   . ALA A 1 118 ? -1.801  -4.925  -9.546  1.00 21.29 ? 118 ALA A O   1 
ATOM   842  C  CB  . ALA A 1 118 ? -0.792  -4.658  -6.455  1.00 8.73  ? 118 ALA A CB  1 
ATOM   843  N  N   . PHE A 1 119 ? -0.138  -3.438  -9.265  1.00 19.40 ? 119 PHE A N   1 
ATOM   844  C  CA  . PHE A 1 119 ? -0.519  -2.613  -10.391 1.00 14.05 ? 119 PHE A CA  1 
ATOM   845  C  C   . PHE A 1 119 ? 0.669   -1.701  -10.659 1.00 18.60 ? 119 PHE A C   1 
ATOM   846  O  O   . PHE A 1 119 ? 1.578   -1.600  -9.825  1.00 14.14 ? 119 PHE A O   1 
ATOM   847  C  CB  . PHE A 1 119 ? -1.779  -1.791  -10.049 1.00 8.98  ? 119 PHE A CB  1 
ATOM   848  C  CG  . PHE A 1 119 ? -1.763  -1.194  -8.662  1.00 14.38 ? 119 PHE A CG  1 
ATOM   849  C  CD1 . PHE A 1 119 ? -2.549  -1.735  -7.643  1.00 14.95 ? 119 PHE A CD1 1 
ATOM   850  C  CD2 . PHE A 1 119 ? -0.933  -0.112  -8.363  1.00 11.02 ? 119 PHE A CD2 1 
ATOM   851  C  CE1 . PHE A 1 119 ? -2.502  -1.214  -6.359  1.00 9.28  ? 119 PHE A CE1 1 
ATOM   852  C  CE2 . PHE A 1 119 ? -0.883  0.413   -7.080  1.00 12.47 ? 119 PHE A CE2 1 
ATOM   853  C  CZ  . PHE A 1 119 ? -1.666  -0.136  -6.071  1.00 5.68  ? 119 PHE A CZ  1 
ATOM   854  N  N   . PRO A 1 120 ? 0.690   -1.043  -11.833 1.00 14.25 ? 120 PRO A N   1 
ATOM   855  C  CA  . PRO A 1 120 ? 1.797   -0.138  -12.178 1.00 11.05 ? 120 PRO A CA  1 
ATOM   856  C  C   . PRO A 1 120 ? 1.889   0.951   -11.097 1.00 21.53 ? 120 PRO A C   1 
ATOM   857  O  O   . PRO A 1 120 ? 0.881   1.561   -10.753 1.00 15.97 ? 120 PRO A O   1 
ATOM   858  C  CB  . PRO A 1 120 ? 1.371   0.428   -13.535 1.00 9.62  ? 120 PRO A CB  1 
ATOM   859  C  CG  . PRO A 1 120 ? 0.464   -0.669  -14.111 1.00 3.52  ? 120 PRO A CG  1 
ATOM   860  C  CD  . PRO A 1 120 ? -0.326  -1.086  -12.903 1.00 7.39  ? 120 PRO A CD  1 
ATOM   861  N  N   . ALA A 1 121 ? 3.082   1.187   -10.556 1.00 13.31 ? 121 ALA A N   1 
ATOM   862  C  CA  . ALA A 1 121 ? 3.239   2.207   -9.520  1.00 17.75 ? 121 ALA A CA  1 
ATOM   863  C  C   . ALA A 1 121 ? 2.603   3.521   -9.961  1.00 21.37 ? 121 ALA A C   1 
ATOM   864  O  O   . ALA A 1 121 ? 2.975   4.074   -10.995 1.00 29.90 ? 121 ALA A O   1 
ATOM   865  C  CB  . ALA A 1 121 ? 4.716   2.426   -9.207  1.00 11.48 ? 121 ALA A CB  1 
ATOM   866  N  N   . ILE A 1 122 ? 1.642   4.019   -9.188  1.00 19.43 ? 122 ILE A N   1 
ATOM   867  C  CA  . ILE A 1 122 ? 0.990   5.269   -9.546  1.00 21.75 ? 122 ILE A CA  1 
ATOM   868  C  C   . ILE A 1 122 ? 1.886   6.455   -9.206  1.00 22.87 ? 122 ILE A C   1 
ATOM   869  O  O   . ILE A 1 122 ? 2.274   6.663   -8.056  1.00 14.21 ? 122 ILE A O   1 
ATOM   870  C  CB  . ILE A 1 122 ? -0.398  5.421   -8.855  1.00 26.43 ? 122 ILE A CB  1 
ATOM   871  C  CG1 . ILE A 1 122 ? -0.448  6.715   -8.042  1.00 32.30 ? 122 ILE A CG1 1 
ATOM   872  C  CG2 . ILE A 1 122 ? -0.693  4.216   -7.990  1.00 34.29 ? 122 ILE A CG2 1 
ATOM   873  C  CD1 . ILE A 1 122 ? -1.789  7.016   -7.447  1.00 20.52 ? 122 ILE A CD1 1 
ATOM   874  N  N   . ARG A 1 123 ? 2.214   7.230   -10.232 1.00 21.92 ? 123 ARG A N   1 
ATOM   875  C  CA  . ARG A 1 123 ? 3.081   8.380   -10.074 1.00 24.22 ? 123 ARG A CA  1 
ATOM   876  C  C   . ARG A 1 123 ? 2.301   9.681   -10.239 1.00 22.01 ? 123 ARG A C   1 
ATOM   877  O  O   . ARG A 1 123 ? 1.392   9.773   -11.066 1.00 20.95 ? 123 ARG A O   1 
ATOM   878  C  CB  . ARG A 1 123 ? 4.217   8.275   -11.093 1.00 22.26 ? 123 ARG A CB  1 
ATOM   879  C  CG  . ARG A 1 123 ? 5.004   6.971   -10.956 1.00 25.87 ? 123 ARG A CG  1 
ATOM   880  C  CD  . ARG A 1 123 ? 5.873   6.714   -12.163 1.00 24.86 ? 123 ARG A CD  1 
ATOM   881  N  NE  . ARG A 1 123 ? 6.593   5.443   -12.082 1.00 22.23 ? 123 ARG A NE  1 
ATOM   882  C  CZ  . ARG A 1 123 ? 7.691   5.245   -11.359 1.00 22.20 ? 123 ARG A CZ  1 
ATOM   883  N  NH1 . ARG A 1 123 ? 8.277   4.053   -11.353 1.00 12.44 ? 123 ARG A NH1 1 
ATOM   884  N  NH2 . ARG A 1 123 ? 8.207   6.236   -10.645 1.00 16.57 ? 123 ARG A NH2 1 
ATOM   885  N  N   . ILE A 1 124 ? 2.646   10.678  -9.430  1.00 18.37 ? 124 ILE A N   1 
ATOM   886  C  CA  . ILE A 1 124 ? 1.974   11.972  -9.473  1.00 23.03 ? 124 ILE A CA  1 
ATOM   887  C  C   . ILE A 1 124 ? 2.967   13.087  -9.718  1.00 22.98 ? 124 ILE A C   1 
ATOM   888  O  O   . ILE A 1 124 ? 3.775   13.405  -8.846  1.00 16.33 ? 124 ILE A O   1 
ATOM   889  C  CB  . ILE A 1 124 ? 1.230   12.283  -8.142  1.00 26.54 ? 124 ILE A CB  1 
ATOM   890  C  CG1 . ILE A 1 124 ? -0.035  11.428  -8.029  1.00 23.84 ? 124 ILE A CG1 1 
ATOM   891  C  CG2 . ILE A 1 124 ? 0.863   13.758  -8.078  1.00 26.69 ? 124 ILE A CG2 1 
ATOM   892  C  CD1 . ILE A 1 124 ? 0.243   9.976   -7.805  1.00 15.74 ? 124 ILE A CD1 1 
ATOM   893  N  N   . LYS A 1 125 ? 2.905   13.679  -10.907 1.00 29.46 ? 125 LYS A N   1 
ATOM   894  C  CA  . LYS A 1 125 ? 3.805   14.778  -11.262 1.00 40.21 ? 125 LYS A CA  1 
ATOM   895  C  C   . LYS A 1 125 ? 3.054   16.098  -11.141 1.00 37.15 ? 125 LYS A C   1 
ATOM   896  O  O   . LYS A 1 125 ? 3.650   17.139  -10.871 1.00 34.57 ? 125 LYS A O   1 
ATOM   897  C  CB  . LYS A 1 125 ? 4.306   14.627  -12.704 1.00 45.77 ? 125 LYS A CB  1 
ATOM   898  C  CG  . LYS A 1 125 ? 4.804   13.237  -13.078 1.00 46.47 ? 125 LYS A CG  1 
ATOM   899  C  CD  . LYS A 1 125 ? 3.883   12.584  -14.105 1.00 51.65 ? 125 LYS A CD  1 
ATOM   900  C  CE  . LYS A 1 125 ? 3.817   13.410  -15.390 1.00 52.86 ? 125 LYS A CE  1 
ATOM   901  N  NZ  . LYS A 1 125 ? 2.930   12.800  -16.422 1.00 50.04 ? 125 LYS A NZ  1 
ATOM   902  N  N   . GLN A 1 126 ? 1.741   16.029  -11.348 1.00 38.48 ? 126 GLN A N   1 
ATOM   903  C  CA  . GLN A 1 126 ? 0.863   17.191  -11.291 1.00 36.51 ? 126 GLN A CA  1 
ATOM   904  C  C   . GLN A 1 126 ? -0.256  16.980  -10.276 1.00 38.15 ? 126 GLN A C   1 
ATOM   905  O  O   . GLN A 1 126 ? -0.477  15.860  -9.812  1.00 41.61 ? 126 GLN A O   1 
ATOM   906  C  CB  . GLN A 1 126 ? 0.259   17.428  -12.674 1.00 40.85 ? 126 GLN A CB  1 
ATOM   907  C  CG  . GLN A 1 126 ? 1.298   17.645  -13.769 1.00 49.87 ? 126 GLN A CG  1 
ATOM   908  C  CD  . GLN A 1 126 ? 0.678   17.752  -15.148 1.00 47.30 ? 126 GLN A CD  1 
ATOM   909  O  OE1 . GLN A 1 126 ? 0.174   16.767  -15.695 1.00 44.26 ? 126 GLN A OE1 1 
ATOM   910  N  NE2 . GLN A 1 126 ? 0.704   18.955  -15.718 1.00 49.74 ? 126 GLN A NE2 1 
ATOM   911  N  N   . THR A 1 127 ? -0.969  18.051  -9.938  1.00 31.48 ? 127 THR A N   1 
ATOM   912  C  CA  . THR A 1 127 ? -2.071  17.955  -8.985  1.00 21.58 ? 127 THR A CA  1 
ATOM   913  C  C   . THR A 1 127 ? -3.066  16.903  -9.460  1.00 25.46 ? 127 THR A C   1 
ATOM   914  O  O   . THR A 1 127 ? -3.546  16.956  -10.596 1.00 26.47 ? 127 THR A O   1 
ATOM   915  C  CB  . THR A 1 127 ? -2.793  19.302  -8.832  1.00 19.30 ? 127 THR A CB  1 
ATOM   916  O  OG1 . THR A 1 127 ? -1.874  20.275  -8.317  1.00 16.99 ? 127 THR A OG1 1 
ATOM   917  C  CG2 . THR A 1 127 ? -3.985  19.170  -7.878  1.00 18.22 ? 127 THR A CG2 1 
ATOM   918  N  N   . PRO A 1 128 ? -3.396  15.934  -8.592  1.00 18.81 ? 128 PRO A N   1 
ATOM   919  C  CA  . PRO A 1 128 ? -4.340  14.872  -8.951  1.00 21.99 ? 128 PRO A CA  1 
ATOM   920  C  C   . PRO A 1 128 ? -5.646  15.403  -9.525  1.00 19.56 ? 128 PRO A C   1 
ATOM   921  O  O   . PRO A 1 128 ? -6.188  16.390  -9.037  1.00 26.08 ? 128 PRO A O   1 
ATOM   922  C  CB  . PRO A 1 128 ? -4.556  14.135  -7.630  1.00 13.50 ? 128 PRO A CB  1 
ATOM   923  C  CG  . PRO A 1 128 ? -3.262  14.363  -6.901  1.00 17.67 ? 128 PRO A CG  1 
ATOM   924  C  CD  . PRO A 1 128 ? -2.991  15.815  -7.183  1.00 11.69 ? 128 PRO A CD  1 
ATOM   925  N  N   . THR A 1 129 ? -6.136  14.733  -10.566 1.00 30.55 ? 129 THR A N   1 
ATOM   926  C  CA  . THR A 1 129 ? -7.387  15.086  -11.234 1.00 22.01 ? 129 THR A CA  1 
ATOM   927  C  C   . THR A 1 129 ? -8.353  13.926  -11.007 1.00 27.84 ? 129 THR A C   1 
ATOM   928  O  O   . THR A 1 129 ? -8.001  12.947  -10.343 1.00 26.73 ? 129 THR A O   1 
ATOM   929  C  CB  . THR A 1 129 ? -7.177  15.249  -12.750 1.00 21.13 ? 129 THR A CB  1 
ATOM   930  O  OG1 . THR A 1 129 ? -6.713  14.011  -13.300 1.00 18.53 ? 129 THR A OG1 1 
ATOM   931  C  CG2 . THR A 1 129 ? -6.148  16.329  -13.033 1.00 17.02 ? 129 THR A CG2 1 
ATOM   932  N  N   . GLU A 1 130 ? -9.565  14.016  -11.550 1.00 25.67 ? 130 GLU A N   1 
ATOM   933  C  CA  . GLU A 1 130 ? -10.505 12.915  -11.374 1.00 21.01 ? 130 GLU A CA  1 
ATOM   934  C  C   . GLU A 1 130 ? -10.063 11.706  -12.197 1.00 12.67 ? 130 GLU A C   1 
ATOM   935  O  O   . GLU A 1 130 ? -10.481 10.588  -11.924 1.00 19.89 ? 130 GLU A O   1 
ATOM   936  C  CB  . GLU A 1 130 ? -11.941 13.337  -11.742 1.00 18.23 ? 130 GLU A CB  1 
ATOM   937  C  CG  . GLU A 1 130 ? -12.586 14.277  -10.715 1.00 27.23 ? 130 GLU A CG  1 
ATOM   938  C  CD  . GLU A 1 130 ? -12.498 13.754  -9.270  1.00 37.41 ? 130 GLU A CD  1 
ATOM   939  O  OE1 . GLU A 1 130 ? -12.304 14.582  -8.345  1.00 22.17 ? 130 GLU A OE1 1 
ATOM   940  O  OE2 . GLU A 1 130 ? -12.624 12.522  -9.059  1.00 41.90 ? 130 GLU A OE2 1 
ATOM   941  N  N   . ASN A 1 131 ? -9.213  11.927  -13.195 1.00 15.34 ? 131 ASN A N   1 
ATOM   942  C  CA  . ASN A 1 131 ? -8.711  10.825  -14.025 1.00 16.06 ? 131 ASN A CA  1 
ATOM   943  C  C   . ASN A 1 131 ? -7.663  10.077  -13.203 1.00 17.53 ? 131 ASN A C   1 
ATOM   944  O  O   . ASN A 1 131 ? -7.441  8.883   -13.385 1.00 23.28 ? 131 ASN A O   1 
ATOM   945  C  CB  . ASN A 1 131 ? -8.057  11.365  -15.299 1.00 25.81 ? 131 ASN A CB  1 
ATOM   946  C  CG  . ASN A 1 131 ? -9.055  11.965  -16.263 1.00 25.87 ? 131 ASN A CG  1 
ATOM   947  O  OD1 . ASN A 1 131 ? -8.697  12.772  -17.119 1.00 33.05 ? 131 ASN A OD1 1 
ATOM   948  N  ND2 . ASN A 1 131 ? -10.313 11.562  -16.140 1.00 38.75 ? 131 ASN A ND2 1 
ATOM   949  N  N   . THR A 1 132 ? -7.010  10.819  -12.313 1.00 13.84 ? 132 THR A N   1 
ATOM   950  C  CA  . THR A 1 132 ? -5.988  10.303  -11.405 1.00 12.03 ? 132 THR A CA  1 
ATOM   951  C  C   . THR A 1 132 ? -6.650  9.393   -10.372 1.00 14.03 ? 132 THR A C   1 
ATOM   952  O  O   . THR A 1 132 ? -6.224  8.262   -10.141 1.00 11.30 ? 132 THR A O   1 
ATOM   953  C  CB  . THR A 1 132 ? -5.309  11.469  -10.653 1.00 12.30 ? 132 THR A CB  1 
ATOM   954  O  OG1 . THR A 1 132 ? -4.598  12.280  -11.591 1.00 19.35 ? 132 THR A OG1 1 
ATOM   955  C  CG2 . THR A 1 132 ? -4.354  10.958  -9.583  1.00 16.09 ? 132 THR A CG2 1 
ATOM   956  N  N   . TYR A 1 133 ? -7.709  9.903   -9.758  1.00 14.81 ? 133 TYR A N   1 
ATOM   957  C  CA  . TYR A 1 133 ? -8.423  9.151   -8.748  1.00 15.30 ? 133 TYR A CA  1 
ATOM   958  C  C   . TYR A 1 133 ? -9.183  7.982   -9.324  1.00 13.18 ? 133 TYR A C   1 
ATOM   959  O  O   . TYR A 1 133 ? -9.436  7.006   -8.624  1.00 11.70 ? 133 TYR A O   1 
ATOM   960  C  CB  . TYR A 1 133 ? -9.378  10.064  -7.992  1.00 11.56 ? 133 TYR A CB  1 
ATOM   961  C  CG  . TYR A 1 133 ? -8.665  11.130  -7.211  1.00 22.57 ? 133 TYR A CG  1 
ATOM   962  C  CD1 . TYR A 1 133 ? -7.605  10.805  -6.357  1.00 9.89  ? 133 TYR A CD1 1 
ATOM   963  C  CD2 . TYR A 1 133 ? -9.050  12.468  -7.310  1.00 18.82 ? 133 TYR A CD2 1 
ATOM   964  C  CE1 . TYR A 1 133 ? -6.952  11.785  -5.624  1.00 13.46 ? 133 TYR A CE1 1 
ATOM   965  C  CE2 . TYR A 1 133 ? -8.405  13.454  -6.581  1.00 11.83 ? 133 TYR A CE2 1 
ATOM   966  C  CZ  . TYR A 1 133 ? -7.360  13.110  -5.742  1.00 21.34 ? 133 TYR A CZ  1 
ATOM   967  O  OH  . TYR A 1 133 ? -6.729  14.092  -5.016  1.00 20.03 ? 133 TYR A OH  1 
ATOM   968  N  N   . LYS A 1 134 ? -9.551  8.085   -10.599 1.00 13.25 ? 134 LYS A N   1 
ATOM   969  C  CA  . LYS A 1 134 ? -10.277 7.016   -11.267 1.00 15.74 ? 134 LYS A CA  1 
ATOM   970  C  C   . LYS A 1 134 ? -9.288  5.889   -11.530 1.00 18.56 ? 134 LYS A C   1 
ATOM   971  O  O   . LYS A 1 134 ? -9.655  4.721   -11.554 1.00 20.00 ? 134 LYS A O   1 
ATOM   972  C  CB  . LYS A 1 134 ? -10.862 7.505   -12.593 1.00 21.92 ? 134 LYS A CB  1 
ATOM   973  C  CG  . LYS A 1 134 ? -11.695 6.456   -13.314 1.00 24.99 ? 134 LYS A CG  1 
ATOM   974  C  CD  . LYS A 1 134 ? -12.012 6.851   -14.760 1.00 43.48 ? 134 LYS A CD  1 
ATOM   975  C  CE  . LYS A 1 134 ? -12.714 8.205   -14.862 1.00 50.68 ? 134 LYS A CE  1 
ATOM   976  N  NZ  . LYS A 1 134 ? -14.036 8.269   -14.151 1.00 51.77 ? 134 LYS A NZ  1 
ATOM   977  N  N   . LEU A 1 135 ? -8.029  6.261   -11.733 1.00 22.62 ? 135 LEU A N   1 
ATOM   978  C  CA  . LEU A 1 135 ? -6.969  5.301   -11.983 1.00 24.15 ? 135 LEU A CA  1 
ATOM   979  C  C   . LEU A 1 135 ? -6.690  4.527   -10.693 1.00 26.35 ? 135 LEU A C   1 
ATOM   980  O  O   . LEU A 1 135 ? -6.561  3.305   -10.715 1.00 16.02 ? 135 LEU A O   1 
ATOM   981  C  CB  . LEU A 1 135 ? -5.708  6.033   -12.444 1.00 33.07 ? 135 LEU A CB  1 
ATOM   982  C  CG  . LEU A 1 135 ? -4.458  5.193   -12.724 1.00 44.15 ? 135 LEU A CG  1 
ATOM   983  C  CD1 . LEU A 1 135 ? -4.692  4.287   -13.932 1.00 44.28 ? 135 LEU A CD1 1 
ATOM   984  C  CD2 . LEU A 1 135 ? -3.276  6.121   -12.981 1.00 48.35 ? 135 LEU A CD2 1 
ATOM   985  N  N   . CYS A 1 136 ? -6.599  5.248   -9.574  1.00 22.06 ? 136 CYS A N   1 
ATOM   986  C  CA  . CYS A 1 136 ? -6.362  4.629   -8.267  1.00 20.80 ? 136 CYS A CA  1 
ATOM   987  C  C   . CYS A 1 136 ? -7.488  3.660   -7.941  1.00 19.14 ? 136 CYS A C   1 
ATOM   988  O  O   . CYS A 1 136 ? -7.265  2.591   -7.366  1.00 26.65 ? 136 CYS A O   1 
ATOM   989  C  CB  . CYS A 1 136 ? -6.324  5.678   -7.153  1.00 16.28 ? 136 CYS A CB  1 
ATOM   990  S  SG  . CYS A 1 136 ? -5.053  6.927   -7.298  1.00 20.29 ? 136 CYS A SG  1 
ATOM   991  N  N   . GLU A 1 137 ? -8.703  4.060   -8.291  1.00 23.57 ? 137 GLU A N   1 
ATOM   992  C  CA  . GLU A 1 137 ? -9.882  3.251   -8.040  1.00 23.54 ? 137 GLU A CA  1 
ATOM   993  C  C   . GLU A 1 137 ? -9.774  1.948   -8.812  1.00 14.03 ? 137 GLU A C   1 
ATOM   994  O  O   . GLU A 1 137 ? -10.059 0.879   -8.273  1.00 10.78 ? 137 GLU A O   1 
ATOM   995  C  CB  . GLU A 1 137 ? -11.139 4.032   -8.447  1.00 32.39 ? 137 GLU A CB  1 
ATOM   996  C  CG  . GLU A 1 137 ? -12.475 3.364   -8.116  1.00 40.78 ? 137 GLU A CG  1 
ATOM   997  C  CD  . GLU A 1 137 ? -12.947 2.415   -9.214  1.00 62.56 ? 137 GLU A CD  1 
ATOM   998  O  OE1 . GLU A 1 137 ? -12.561 1.222   -9.186  1.00 62.61 ? 137 GLU A OE1 1 
ATOM   999  O  OE2 . GLU A 1 137 ? -13.698 2.871   -10.116 1.00 60.92 ? 137 GLU A OE2 1 
ATOM   1000 N  N   . GLU A 1 138 ? -9.333  2.029   -10.063 1.00 19.60 ? 138 GLU A N   1 
ATOM   1001 C  CA  . GLU A 1 138 ? -9.200  0.824   -10.879 1.00 24.09 ? 138 GLU A CA  1 
ATOM   1002 C  C   . GLU A 1 138 ? -8.055  -0.077  -10.407 1.00 24.96 ? 138 GLU A C   1 
ATOM   1003 O  O   . GLU A 1 138 ? -8.132  -1.299  -10.530 1.00 24.15 ? 138 GLU A O   1 
ATOM   1004 C  CB  . GLU A 1 138 ? -9.016  1.187   -12.358 1.00 30.85 ? 138 GLU A CB  1 
ATOM   1005 C  CG  . GLU A 1 138 ? -9.081  -0.037  -13.274 1.00 44.94 ? 138 GLU A CG  1 
ATOM   1006 C  CD  . GLU A 1 138 ? -10.267 -0.942  -12.947 1.00 44.90 ? 138 GLU A CD  1 
ATOM   1007 O  OE1 . GLU A 1 138 ? -10.094 -2.182  -12.964 1.00 29.37 ? 138 GLU A OE1 1 
ATOM   1008 O  OE2 . GLU A 1 138 ? -11.369 -0.412  -12.674 1.00 43.74 ? 138 GLU A OE2 1 
ATOM   1009 N  N   . ALA A 1 139 ? -6.995  0.529   -9.871  1.00 21.77 ? 139 ALA A N   1 
ATOM   1010 C  CA  . ALA A 1 139 ? -5.855  -0.226  -9.357  1.00 16.68 ? 139 ALA A CA  1 
ATOM   1011 C  C   . ALA A 1 139 ? -6.295  -0.939  -8.075  1.00 14.62 ? 139 ALA A C   1 
ATOM   1012 O  O   . ALA A 1 139 ? -5.839  -2.040  -7.771  1.00 17.43 ? 139 ALA A O   1 
ATOM   1013 C  CB  . ALA A 1 139 ? -4.695  0.714   -9.054  1.00 24.30 ? 139 ALA A CB  1 
ATOM   1014 N  N   . GLY A 1 140 ? -7.177  -0.284  -7.324  1.00 18.75 ? 140 GLY A N   1 
ATOM   1015 C  CA  . GLY A 1 140 ? -7.678  -0.861  -6.092  1.00 12.25 ? 140 GLY A CA  1 
ATOM   1016 C  C   . GLY A 1 140 ? -8.499  -2.089  -6.415  1.00 11.87 ? 140 GLY A C   1 
ATOM   1017 O  O   . GLY A 1 140 ? -8.411  -3.106  -5.734  1.00 14.78 ? 140 GLY A O   1 
ATOM   1018 N  N   . THR A 1 141 ? -9.303  -1.978  -7.467  1.00 15.12 ? 141 THR A N   1 
ATOM   1019 C  CA  . THR A 1 141 ? -10.146 -3.069  -7.924  1.00 17.21 ? 141 THR A CA  1 
ATOM   1020 C  C   . THR A 1 141 ? -9.277  -4.225  -8.399  1.00 22.82 ? 141 THR A C   1 
ATOM   1021 O  O   . THR A 1 141 ? -9.510  -5.373  -8.031  1.00 21.74 ? 141 THR A O   1 
ATOM   1022 C  CB  . THR A 1 141 ? -11.048 -2.609  -9.080  1.00 17.07 ? 141 THR A CB  1 
ATOM   1023 O  OG1 . THR A 1 141 ? -12.000 -1.662  -8.588  1.00 15.65 ? 141 THR A OG1 1 
ATOM   1024 C  CG2 . THR A 1 141 ? -11.779 -3.782  -9.696  1.00 17.52 ? 141 THR A CG2 1 
ATOM   1025 N  N   . ASP A 1 142 ? -8.274  -3.911  -9.216  1.00 18.26 ? 142 ASP A N   1 
ATOM   1026 C  CA  . ASP A 1 142 ? -7.369  -4.921  -9.744  1.00 20.13 ? 142 ASP A CA  1 
ATOM   1027 C  C   . ASP A 1 142 ? -6.746  -5.763  -8.641  1.00 21.35 ? 142 ASP A C   1 
ATOM   1028 O  O   . ASP A 1 142 ? -6.696  -6.985  -8.745  1.00 20.43 ? 142 ASP A O   1 
ATOM   1029 C  CB  . ASP A 1 142 ? -6.255  -4.263  -10.565 1.00 23.46 ? 142 ASP A CB  1 
ATOM   1030 C  CG  . ASP A 1 142 ? -6.703  -3.880  -11.957 1.00 26.17 ? 142 ASP A CG  1 
ATOM   1031 O  OD1 . ASP A 1 142 ? -7.929  -3.844  -12.204 1.00 33.03 ? 142 ASP A OD1 1 
ATOM   1032 O  OD2 . ASP A 1 142 ? -5.826  -3.603  -12.807 1.00 32.56 ? 142 ASP A OD2 1 
ATOM   1033 N  N   . LEU A 1 143 ? -6.264  -5.102  -7.594  1.00 14.34 ? 143 LEU A N   1 
ATOM   1034 C  CA  . LEU A 1 143 ? -5.643  -5.794  -6.476  1.00 17.39 ? 143 LEU A CA  1 
ATOM   1035 C  C   . LEU A 1 143 ? -6.682  -6.614  -5.737  1.00 10.76 ? 143 LEU A C   1 
ATOM   1036 O  O   . LEU A 1 143 ? -6.420  -7.744  -5.341  1.00 16.56 ? 143 LEU A O   1 
ATOM   1037 C  CB  . LEU A 1 143 ? -5.001  -4.790  -5.514  1.00 7.50  ? 143 LEU A CB  1 
ATOM   1038 C  CG  . LEU A 1 143 ? -4.305  -5.418  -4.300  1.00 13.60 ? 143 LEU A CG  1 
ATOM   1039 C  CD1 . LEU A 1 143 ? -3.232  -6.406  -4.771  1.00 1.17  ? 143 LEU A CD1 1 
ATOM   1040 C  CD2 . LEU A 1 143 ? -3.685  -4.314  -3.419  1.00 9.46  ? 143 LEU A CD2 1 
ATOM   1041 N  N   . GLY A 1 144 ? -7.864  -6.031  -5.553  1.00 23.32 ? 144 GLY A N   1 
ATOM   1042 C  CA  . GLY A 1 144 ? -8.941  -6.727  -4.872  1.00 16.82 ? 144 GLY A CA  1 
ATOM   1043 C  C   . GLY A 1 144 ? -9.323  -7.993  -5.619  1.00 15.91 ? 144 GLY A C   1 
ATOM   1044 O  O   . GLY A 1 144 ? -9.618  -9.013  -4.998  1.00 12.45 ? 144 GLY A O   1 
ATOM   1045 N  N   . GLN A 1 145 ? -9.318  -7.924  -6.950  1.00 8.84  ? 145 GLN A N   1 
ATOM   1046 C  CA  . GLN A 1 145 ? -9.658  -9.081  -7.774  1.00 15.48 ? 145 GLN A CA  1 
ATOM   1047 C  C   . GLN A 1 145 ? -8.551  -10.121 -7.673  1.00 18.75 ? 145 GLN A C   1 
ATOM   1048 O  O   . GLN A 1 145 ? -8.816  -11.318 -7.621  1.00 18.94 ? 145 GLN A O   1 
ATOM   1049 C  CB  . GLN A 1 145 ? -9.848  -8.669  -9.238  1.00 17.64 ? 145 GLN A CB  1 
ATOM   1050 C  CG  . GLN A 1 145 ? -11.009 -7.703  -9.470  1.00 24.70 ? 145 GLN A CG  1 
ATOM   1051 C  CD  . GLN A 1 145 ? -11.230 -7.390  -10.940 1.00 23.82 ? 145 GLN A CD  1 
ATOM   1052 O  OE1 . GLN A 1 145 ? -10.386 -6.781  -11.592 1.00 27.99 ? 145 GLN A OE1 1 
ATOM   1053 N  NE2 . GLN A 1 145 ? -12.368 -7.817  -11.469 1.00 29.99 ? 145 GLN A NE2 1 
ATOM   1054 N  N   . TRP A 1 146 ? -7.307  -9.652  -7.646  1.00 15.04 ? 146 TRP A N   1 
ATOM   1055 C  CA  . TRP A 1 146 ? -6.168  -10.544 -7.540  1.00 15.40 ? 146 TRP A CA  1 
ATOM   1056 C  C   . TRP A 1 146 ? -6.251  -11.300 -6.213  1.00 19.32 ? 146 TRP A C   1 
ATOM   1057 O  O   . TRP A 1 146 ? -6.074  -12.517 -6.174  1.00 23.00 ? 146 TRP A O   1 
ATOM   1058 C  CB  . TRP A 1 146 ? -4.869  -9.747  -7.617  1.00 14.06 ? 146 TRP A CB  1 
ATOM   1059 C  CG  . TRP A 1 146 ? -3.647  -10.599 -7.540  1.00 21.23 ? 146 TRP A CG  1 
ATOM   1060 C  CD1 . TRP A 1 146 ? -2.981  -11.188 -8.583  1.00 18.99 ? 146 TRP A CD1 1 
ATOM   1061 C  CD2 . TRP A 1 146 ? -2.944  -10.979 -6.350  1.00 22.62 ? 146 TRP A CD2 1 
ATOM   1062 N  NE1 . TRP A 1 146 ? -1.907  -11.908 -8.111  1.00 20.19 ? 146 TRP A NE1 1 
ATOM   1063 C  CE2 . TRP A 1 146 ? -1.860  -11.794 -6.746  1.00 14.71 ? 146 TRP A CE2 1 
ATOM   1064 C  CE3 . TRP A 1 146 ? -3.124  -10.705 -4.986  1.00 21.27 ? 146 TRP A CE3 1 
ATOM   1065 C  CZ2 . TRP A 1 146 ? -0.963  -12.342 -5.828  1.00 21.09 ? 146 TRP A CZ2 1 
ATOM   1066 C  CZ3 . TRP A 1 146 ? -2.231  -11.250 -4.070  1.00 20.64 ? 146 TRP A CZ3 1 
ATOM   1067 C  CH2 . TRP A 1 146 ? -1.162  -12.058 -4.498  1.00 23.72 ? 146 TRP A CH2 1 
ATOM   1068 N  N   . VAL A 1 147 ? -6.526  -10.573 -5.129  1.00 21.29 ? 147 VAL A N   1 
ATOM   1069 C  CA  . VAL A 1 147 ? -6.656  -11.169 -3.797  1.00 15.25 ? 147 VAL A CA  1 
ATOM   1070 C  C   . VAL A 1 147 ? -7.750  -12.240 -3.811  1.00 21.87 ? 147 VAL A C   1 
ATOM   1071 O  O   . VAL A 1 147 ? -7.571  -13.343 -3.280  1.00 22.24 ? 147 VAL A O   1 
ATOM   1072 C  CB  . VAL A 1 147 ? -7.019  -10.092 -2.726  1.00 10.95 ? 147 VAL A CB  1 
ATOM   1073 C  CG1 . VAL A 1 147 ? -7.405  -10.759 -1.404  1.00 5.47  ? 147 VAL A CG1 1 
ATOM   1074 C  CG2 . VAL A 1 147 ? -5.832  -9.155  -2.505  1.00 12.41 ? 147 VAL A CG2 1 
ATOM   1075 N  N   . THR A 1 148 ? -8.888  -11.916 -4.417  1.00 22.09 ? 148 THR A N   1 
ATOM   1076 C  CA  . THR A 1 148 ? -9.991  -12.870 -4.493  1.00 20.59 ? 148 THR A CA  1 
ATOM   1077 C  C   . THR A 1 148 ? -9.556  -14.140 -5.222  1.00 24.57 ? 148 THR A C   1 
ATOM   1078 O  O   . THR A 1 148 ? -9.778  -15.247 -4.728  1.00 20.41 ? 148 THR A O   1 
ATOM   1079 C  CB  . THR A 1 148 ? -11.204 -12.268 -5.213  1.00 21.13 ? 148 THR A CB  1 
ATOM   1080 O  OG1 . THR A 1 148 ? -11.647 -11.109 -4.500  1.00 14.77 ? 148 THR A OG1 1 
ATOM   1081 C  CG2 . THR A 1 148 ? -12.345 -13.287 -5.281  1.00 6.60  ? 148 THR A CG2 1 
ATOM   1082 N  N   . ARG A 1 149 ? -8.936  -13.971 -6.390  1.00 15.42 ? 149 ARG A N   1 
ATOM   1083 C  CA  . ARG A 1 149 ? -8.455  -15.101 -7.183  1.00 26.27 ? 149 ARG A CA  1 
ATOM   1084 C  C   . ARG A 1 149 ? -7.371  -15.903 -6.460  1.00 30.27 ? 149 ARG A C   1 
ATOM   1085 O  O   . ARG A 1 149 ? -7.214  -17.102 -6.691  1.00 27.17 ? 149 ARG A O   1 
ATOM   1086 C  CB  . ARG A 1 149 ? -7.905  -14.625 -8.538  1.00 20.30 ? 149 ARG A CB  1 
ATOM   1087 C  CG  . ARG A 1 149 ? -8.966  -14.432 -9.612  1.00 30.53 ? 149 ARG A CG  1 
ATOM   1088 C  CD  . ARG A 1 149 ? -8.369  -14.284 -11.012 1.00 30.52 ? 149 ARG A CD  1 
ATOM   1089 N  NE  . ARG A 1 149 ? -8.202  -12.887 -11.412 1.00 39.10 ? 149 ARG A NE  1 
ATOM   1090 C  CZ  . ARG A 1 149 ? -7.184  -12.117 -11.050 1.00 26.26 ? 149 ARG A CZ  1 
ATOM   1091 N  NH1 . ARG A 1 149 ? -6.225  -12.606 -10.281 1.00 36.78 ? 149 ARG A NH1 1 
ATOM   1092 N  NH2 . ARG A 1 149 ? -7.129  -10.853 -11.448 1.00 31.81 ? 149 ARG A NH2 1 
ATOM   1093 N  N   . ASP A 1 150 ? -6.618  -15.235 -5.591  1.00 31.59 ? 150 ASP A N   1 
ATOM   1094 C  CA  . ASP A 1 150 ? -5.557  -15.898 -4.840  1.00 19.69 ? 150 ASP A CA  1 
ATOM   1095 C  C   . ASP A 1 150 ? -6.143  -16.777 -3.743  1.00 27.34 ? 150 ASP A C   1 
ATOM   1096 O  O   . ASP A 1 150 ? -5.652  -17.869 -3.476  1.00 24.85 ? 150 ASP A O   1 
ATOM   1097 C  CB  . ASP A 1 150 ? -4.644  -14.868 -4.180  1.00 20.34 ? 150 ASP A CB  1 
ATOM   1098 C  CG  . ASP A 1 150 ? -3.473  -15.511 -3.475  1.00 10.78 ? 150 ASP A CG  1 
ATOM   1099 O  OD1 . ASP A 1 150 ? -2.432  -15.701 -4.125  1.00 21.56 ? 150 ASP A OD1 1 
ATOM   1100 O  OD2 . ASP A 1 150 ? -3.604  -15.844 -2.284  1.00 23.84 ? 150 ASP A OD2 1 
ATOM   1101 N  N   . ARG A 1 151 ? -7.186  -16.273 -3.095  1.00 31.22 ? 151 ARG A N   1 
ATOM   1102 C  CA  . ARG A 1 151 ? -7.839  -16.996 -2.020  1.00 36.61 ? 151 ARG A CA  1 
ATOM   1103 C  C   . ARG A 1 151 ? -8.550  -18.218 -2.582  1.00 44.66 ? 151 ARG A C   1 
ATOM   1104 O  O   . ARG A 1 151 ? -8.474  -19.306 -2.015  1.00 45.28 ? 151 ARG A O   1 
ATOM   1105 C  CB  . ARG A 1 151 ? -8.846  -16.091 -1.313  1.00 42.16 ? 151 ARG A CB  1 
ATOM   1106 C  CG  . ARG A 1 151 ? -9.039  -16.429 0.153   1.00 56.27 ? 151 ARG A CG  1 
ATOM   1107 C  CD  . ARG A 1 151 ? -8.162  -15.553 1.056   1.00 65.77 ? 151 ARG A CD  1 
ATOM   1108 N  NE  . ARG A 1 151 ? -6.757  -15.498 0.644   1.00 64.03 ? 151 ARG A NE  1 
ATOM   1109 C  CZ  . ARG A 1 151 ? -5.920  -16.534 0.647   1.00 67.30 ? 151 ARG A CZ  1 
ATOM   1110 N  NH1 . ARG A 1 151 ? -6.336  -17.731 1.042   1.00 66.70 ? 151 ARG A NH1 1 
ATOM   1111 N  NH2 . ARG A 1 151 ? -4.660  -16.367 0.262   1.00 61.57 ? 151 ARG A NH2 1 
ATOM   1112 N  N   . LEU A 1 152 ? -9.237  -18.031 -3.703  1.00 49.47 ? 152 LEU A N   1 
ATOM   1113 C  CA  . LEU A 1 152 ? -9.960  -19.120 -4.349  1.00 53.46 ? 152 LEU A CA  1 
ATOM   1114 C  C   . LEU A 1 152 ? -8.985  -20.103 -4.983  1.00 59.35 ? 152 LEU A C   1 
ATOM   1115 O  O   . LEU A 1 152 ? -9.282  -21.289 -5.103  1.00 69.93 ? 152 LEU A O   1 
ATOM   1116 C  CB  . LEU A 1 152 ? -10.903 -18.571 -5.419  1.00 55.11 ? 152 LEU A CB  1 
ATOM   1117 C  CG  . LEU A 1 152 ? -11.902 -17.489 -4.988  1.00 57.21 ? 152 LEU A CG  1 
ATOM   1118 C  CD1 . LEU A 1 152 ? -12.778 -17.124 -6.177  1.00 57.03 ? 152 LEU A CD1 1 
ATOM   1119 C  CD2 . LEU A 1 152 ? -12.752 -17.982 -3.828  1.00 54.77 ? 152 LEU A CD2 1 
ATOM   1120 N  N   . GLU A 1 153 ? -7.821  -19.602 -5.387  1.00 65.55 ? 153 GLU A N   1 
ATOM   1121 C  CA  . GLU A 1 153 ? -6.788  -20.432 -6.005  1.00 63.59 ? 153 GLU A CA  1 
ATOM   1122 C  C   . GLU A 1 153 ? -5.942  -21.098 -4.921  1.00 65.53 ? 153 GLU A C   1 
ATOM   1123 O  O   . GLU A 1 153 ? -4.935  -21.748 -5.210  1.00 59.77 ? 153 GLU A O   1 
ATOM   1124 C  CB  . GLU A 1 153 ? -5.895  -19.570 -6.898  1.00 64.41 ? 153 GLU A CB  1 
ATOM   1125 C  CG  . GLU A 1 153 ? -4.848  -20.333 -7.689  1.00 67.55 ? 153 GLU A CG  1 
ATOM   1126 C  CD  . GLU A 1 153 ? -3.925  -19.405 -8.456  1.00 72.38 ? 153 GLU A CD  1 
ATOM   1127 O  OE1 . GLU A 1 153 ? -4.430  -18.593 -9.261  1.00 68.97 ? 153 GLU A OE1 1 
ATOM   1128 O  OE2 . GLU A 1 153 ? -2.693  -19.487 -8.254  1.00 78.69 ? 153 GLU A OE2 1 
ATOM   1129 N  N   . HIS A 1 154 ? -6.362  -20.927 -3.670  1.00 68.37 ? 154 HIS A N   1 
ATOM   1130 C  CA  . HIS A 1 154 ? -5.654  -21.505 -2.534  1.00 68.59 ? 154 HIS A CA  1 
ATOM   1131 C  C   . HIS A 1 154 ? -6.255  -22.863 -2.182  1.00 68.87 ? 154 HIS A C   1 
ATOM   1132 O  O   . HIS A 1 154 ? -5.529  -23.831 -1.940  1.00 73.44 ? 154 HIS A O   1 
ATOM   1133 C  CB  . HIS A 1 154 ? -5.738  -20.567 -1.325  1.00 72.50 ? 154 HIS A CB  1 
ATOM   1134 C  CG  . HIS A 1 154 ? -4.559  -20.657 -0.406  1.00 73.86 ? 154 HIS A CG  1 
ATOM   1135 N  ND1 . HIS A 1 154 ? -3.271  -20.389 -0.821  1.00 71.39 ? 154 HIS A ND1 1 
ATOM   1136 C  CD2 . HIS A 1 154 ? -4.471  -20.981 0.906   1.00 70.24 ? 154 HIS A CD2 1 
ATOM   1137 C  CE1 . HIS A 1 154 ? -2.442  -20.546 0.196   1.00 74.25 ? 154 HIS A CE1 1 
ATOM   1138 N  NE2 . HIS A 1 154 ? -3.144  -20.904 1.255   1.00 69.94 ? 154 HIS A NE2 1 
ATOM   1139 N  N   . HIS A 1 155 ? -7.583  -22.931 -2.160  1.00 66.73 ? 155 HIS A N   1 
ATOM   1140 C  CA  . HIS A 1 155 ? -8.284  -24.174 -1.843  1.00 69.13 ? 155 HIS A CA  1 
ATOM   1141 C  C   . HIS A 1 155 ? -9.550  -24.325 -2.678  1.00 61.41 ? 155 HIS A C   1 
ATOM   1142 O  O   . HIS A 1 155 ? -9.486  -24.428 -3.905  1.00 57.50 ? 155 HIS A O   1 
ATOM   1143 C  CB  . HIS A 1 155 ? -8.639  -24.220 -0.352  1.00 73.99 ? 155 HIS A CB  1 
ATOM   1144 C  CG  . HIS A 1 155 ? -7.446  -24.275 0.553   1.00 79.18 ? 155 HIS A CG  1 
ATOM   1145 N  ND1 . HIS A 1 155 ? -6.573  -25.345 0.572   1.00 75.59 ? 155 HIS A ND1 1 
ATOM   1146 C  CD2 . HIS A 1 155 ? -6.970  -23.389 1.460   1.00 75.17 ? 155 HIS A CD2 1 
ATOM   1147 C  CE1 . HIS A 1 155 ? -5.614  -25.113 1.450   1.00 74.50 ? 155 HIS A CE1 1 
ATOM   1148 N  NE2 . HIS A 1 155 ? -5.832  -23.932 2.003   1.00 73.47 ? 155 HIS A NE2 1 
HETATM 1149 O  O   . HOH B 2 .   ? 7.510   -3.773  -6.289  1.00 10.66 ? 160 HOH A O   1 
HETATM 1150 O  O   . HOH B 2 .   ? 14.589  -6.376  -0.784  1.00 17.96 ? 161 HOH A O   1 
HETATM 1151 O  O   . HOH B 2 .   ? 16.495  -0.635  -4.015  1.00 13.25 ? 162 HOH A O   1 
HETATM 1152 O  O   . HOH B 2 .   ? 0.616   6.791   -12.649 1.00 15.36 ? 163 HOH A O   1 
HETATM 1153 O  O   . HOH B 2 .   ? -3.098  18.190  -13.300 1.00 13.46 ? 164 HOH A O   1 
HETATM 1154 O  O   . HOH B 2 .   ? -6.528  -10.043 7.433   1.00 15.59 ? 165 HOH A O   1 
HETATM 1155 O  O   . HOH B 2 .   ? 3.235   -0.554  -7.724  1.00 9.21  ? 166 HOH A O   1 
HETATM 1156 O  O   . HOH B 2 .   ? 8.018   8.812   -10.792 1.00 30.43 ? 167 HOH A O   1 
HETATM 1157 O  O   . HOH B 2 .   ? 9.935   -10.393 4.161   1.00 19.72 ? 168 HOH A O   1 
HETATM 1158 O  O   . HOH B 2 .   ? -3.633  13.883  1.941   1.00 19.73 ? 169 HOH A O   1 
HETATM 1159 O  O   . HOH B 2 .   ? -1.645  13.381  -10.968 1.00 32.14 ? 170 HOH A O   1 
HETATM 1160 O  O   . HOH B 2 .   ? -11.322 -11.114 11.414  1.00 21.11 ? 171 HOH A O   1 
HETATM 1161 O  O   . HOH B 2 .   ? -10.069 -4.859  -13.230 1.00 25.49 ? 172 HOH A O   1 
HETATM 1162 O  O   . HOH B 2 .   ? 3.236   -13.367 -5.112  1.00 29.87 ? 173 HOH A O   1 
HETATM 1163 O  O   . HOH B 2 .   ? 12.529  -2.345  12.091  1.00 57.79 ? 174 HOH A O   1 
HETATM 1164 O  O   . HOH B 2 .   ? -5.911  -11.917 4.038   1.00 20.18 ? 175 HOH A O   1 
HETATM 1165 O  O   . HOH B 2 .   ? -1.877  18.056  3.495   1.00 21.39 ? 176 HOH A O   1 
HETATM 1166 O  O   . HOH B 2 .   ? 15.545  0.572   -7.949  1.00 19.79 ? 177 HOH A O   1 
HETATM 1167 O  O   . HOH B 2 .   ? 5.766   15.490  -4.979  1.00 15.74 ? 178 HOH A O   1 
HETATM 1168 O  O   . HOH B 2 .   ? -16.784 -4.396  0.155   1.00 25.31 ? 179 HOH A O   1 
HETATM 1169 O  O   . HOH B 2 .   ? -2.117  3.863   12.229  1.00 20.28 ? 180 HOH A O   1 
HETATM 1170 O  O   . HOH B 2 .   ? 4.549   13.096  -5.970  1.00 16.96 ? 181 HOH A O   1 
HETATM 1171 O  O   . HOH B 2 .   ? 1.320   -16.413 2.463   1.00 28.00 ? 182 HOH A O   1 
HETATM 1172 O  O   . HOH B 2 .   ? -12.299 11.200  -14.257 1.00 25.78 ? 183 HOH A O   1 
HETATM 1173 O  O   . HOH B 2 .   ? 6.908   -6.365  -7.121  1.00 17.44 ? 184 HOH A O   1 
HETATM 1174 O  O   . HOH B 2 .   ? -2.004  -15.730 -7.162  1.00 16.92 ? 185 HOH A O   1 
HETATM 1175 O  O   . HOH B 2 .   ? -14.616 2.132   0.829   1.00 29.01 ? 186 HOH A O   1 
HETATM 1176 O  O   . HOH B 2 .   ? -14.794 -8.756  -9.631  1.00 19.93 ? 187 HOH A O   1 
HETATM 1177 O  O   . HOH B 2 .   ? -4.350  3.648   11.131  1.00 24.33 ? 188 HOH A O   1 
HETATM 1178 O  O   . HOH B 2 .   ? 12.209  0.603   -10.037 1.00 16.80 ? 189 HOH A O   1 
HETATM 1179 O  O   . HOH B 2 .   ? 4.626   -2.692  -6.656  1.00 15.35 ? 190 HOH A O   1 
HETATM 1180 O  O   . HOH B 2 .   ? -2.877  6.690   7.202   1.00 19.07 ? 191 HOH A O   1 
HETATM 1181 O  O   . HOH B 2 .   ? 10.722  9.320   5.427   1.00 30.53 ? 192 HOH A O   1 
HETATM 1182 O  O   . HOH B 2 .   ? 6.368   11.380  -10.915 1.00 34.14 ? 193 HOH A O   1 
HETATM 1183 O  O   . HOH B 2 .   ? -4.455  -14.494 -10.822 1.00 31.91 ? 194 HOH A O   1 
HETATM 1184 O  O   . HOH B 2 .   ? -12.856 -9.726  3.613   1.00 24.14 ? 195 HOH A O   1 
HETATM 1185 O  O   . HOH B 2 .   ? -8.262  7.624   -15.536 1.00 24.78 ? 196 HOH A O   1 
HETATM 1186 O  O   . HOH B 2 .   ? -14.849 8.289   2.701   1.00 40.67 ? 197 HOH A O   1 
HETATM 1187 O  O   . HOH B 2 .   ? 0.386   -15.879 -4.158  1.00 21.03 ? 198 HOH A O   1 
HETATM 1188 O  O   . HOH B 2 .   ? 6.437   4.442   2.203   1.00 18.98 ? 199 HOH A O   1 
HETATM 1189 O  O   . HOH B 2 .   ? -13.609 3.804   3.382   1.00 23.72 ? 200 HOH A O   1 
HETATM 1190 O  O   . HOH B 2 .   ? 12.498  4.649   12.735  1.00 41.63 ? 201 HOH A O   1 
HETATM 1191 O  O   . HOH B 2 .   ? -2.707  -5.131  -12.281 1.00 31.90 ? 202 HOH A O   1 
HETATM 1192 O  O   . HOH B 2 .   ? 0.485   11.343  9.630   1.00 15.97 ? 203 HOH A O   1 
HETATM 1193 O  O   . HOH B 2 .   ? -0.258  -12.506 11.428  1.00 24.85 ? 204 HOH A O   1 
HETATM 1194 O  O   . HOH B 2 .   ? 15.583  -3.894  2.538   1.00 20.41 ? 205 HOH A O   1 
HETATM 1195 O  O   . HOH B 2 .   ? -5.849  15.260  4.426   1.00 28.05 ? 206 HOH A O   1 
HETATM 1196 O  O   . HOH B 2 .   ? 12.596  4.561   -1.111  1.00 16.98 ? 207 HOH A O   1 
HETATM 1197 O  O   . HOH B 2 .   ? 5.940   -13.078 -9.028  1.00 27.81 ? 208 HOH A O   1 
HETATM 1198 O  O   . HOH B 2 .   ? -12.369 -13.498 4.774   1.00 31.44 ? 209 HOH A O   1 
HETATM 1199 O  O   . HOH B 2 .   ? -7.461  -17.911 7.716   1.00 37.48 ? 210 HOH A O   1 
HETATM 1200 O  O   . HOH B 2 .   ? 1.316   18.010  2.662   1.00 28.90 ? 211 HOH A O   1 
HETATM 1201 O  O   . HOH B 2 .   ? -10.401 10.149  -3.384  1.00 36.57 ? 212 HOH A O   1 
HETATM 1202 O  O   . HOH B 2 .   ? -5.772  14.129  0.464   1.00 27.45 ? 213 HOH A O   1 
HETATM 1203 O  O   . HOH B 2 .   ? -12.597 -11.941 0.244   1.00 24.03 ? 214 HOH A O   1 
HETATM 1204 O  O   . HOH B 2 .   ? -11.715 -14.732 -0.415  1.00 29.17 ? 215 HOH A O   1 
HETATM 1205 O  O   . HOH B 2 .   ? 5.663   5.360   12.246  1.00 38.06 ? 216 HOH A O   1 
HETATM 1206 O  O   . HOH B 2 .   ? 2.342   -6.311  20.298  1.00 37.69 ? 217 HOH A O   1 
HETATM 1207 O  O   . HOH B 2 .   ? 1.388   -14.811 5.995   1.00 36.45 ? 218 HOH A O   1 
HETATM 1208 O  O   . HOH B 2 .   ? 11.055  4.778   1.165   1.00 21.80 ? 219 HOH A O   1 
HETATM 1209 O  O   . HOH B 2 .   ? 15.208  10.295  3.111   1.00 29.71 ? 220 HOH A O   1 
HETATM 1210 O  O   . HOH B 2 .   ? 6.238   -15.325 -6.092  1.00 19.34 ? 221 HOH A O   1 
HETATM 1211 O  O   . HOH B 2 .   ? 3.610   16.538  -8.250  1.00 50.26 ? 222 HOH A O   1 
HETATM 1212 O  O   . HOH B 2 .   ? 3.557   -14.194 -10.506 1.00 22.42 ? 223 HOH A O   1 
HETATM 1213 O  O   . HOH B 2 .   ? 1.686   -14.058 -14.155 1.00 32.79 ? 224 HOH A O   1 
HETATM 1214 O  O   . HOH B 2 .   ? -3.868  -12.300 -11.690 1.00 24.73 ? 225 HOH A O   1 
HETATM 1215 O  O   . HOH B 2 .   ? -0.048  -8.637  -10.948 1.00 14.77 ? 226 HOH A O   1 
HETATM 1216 O  O   . HOH B 2 .   ? 8.965   20.094  -3.954  1.00 31.32 ? 227 HOH A O   1 
HETATM 1217 O  O   . HOH B 2 .   ? 17.233  6.754   -4.187  1.00 27.08 ? 228 HOH A O   1 
HETATM 1218 O  O   . HOH B 2 .   ? 7.744   -3.604  -8.955  1.00 31.79 ? 229 HOH A O   1 
HETATM 1219 O  O   . HOH B 2 .   ? 16.835  -5.066  -1.747  1.00 20.84 ? 230 HOH A O   1 
HETATM 1220 O  O   . HOH B 2 .   ? 4.770   3.561   -12.899 1.00 22.32 ? 231 HOH A O   1 
HETATM 1221 O  O   . HOH B 2 .   ? 6.556   1.409   -13.304 1.00 32.87 ? 232 HOH A O   1 
HETATM 1222 O  O   . HOH B 2 .   ? -0.051  3.710   -12.484 1.00 25.37 ? 233 HOH A O   1 
HETATM 1223 O  O   . HOH B 2 .   ? -12.669 -3.949  5.815   1.00 15.18 ? 234 HOH A O   1 
HETATM 1224 O  O   . HOH B 2 .   ? -10.429 -0.702  8.074   1.00 22.92 ? 235 HOH A O   1 
HETATM 1225 O  O   . HOH B 2 .   ? -3.154  12.326  11.297  1.00 19.83 ? 236 HOH A O   1 
HETATM 1226 O  O   . HOH B 2 .   ? -5.748  9.242   6.513   1.00 43.19 ? 237 HOH A O   1 
HETATM 1227 O  O   . HOH B 2 .   ? -10.708 12.651  -3.818  1.00 21.80 ? 238 HOH A O   1 
HETATM 1228 O  O   . HOH B 2 .   ? -13.808 -0.682  -10.733 1.00 36.43 ? 239 HOH A O   1 
HETATM 1229 O  O   . HOH B 2 .   ? -17.011 -6.165  -7.762  1.00 28.09 ? 240 HOH A O   1 
HETATM 1230 O  O   . HOH B 2 .   ? -17.165 -8.493  -6.773  1.00 26.69 ? 241 HOH A O   1 
HETATM 1231 O  O   . HOH B 2 .   ? -0.016  -14.164 2.406   1.00 32.09 ? 242 HOH A O   1 
HETATM 1232 O  O   . HOH B 2 .   ? 9.190   3.946   12.605  1.00 33.64 ? 243 HOH A O   1 
HETATM 1233 O  O   . HOH B 2 .   ? 13.311  -7.201  3.770   1.00 18.14 ? 244 HOH A O   1 
HETATM 1234 O  O   . HOH B 2 .   ? 11.311  -14.916 -3.132  1.00 29.97 ? 245 HOH A O   1 
HETATM 1235 O  O   . HOH B 2 .   ? 6.205   -19.676 -4.730  1.00 41.13 ? 246 HOH A O   1 
HETATM 1236 O  O   . HOH B 2 .   ? 8.002   14.035  -4.402  1.00 29.14 ? 247 HOH A O   1 
HETATM 1237 O  O   . HOH B 2 .   ? 7.380   20.170  0.114   1.00 31.31 ? 248 HOH A O   1 
HETATM 1238 O  O   . HOH B 2 .   ? 12.959  11.434  -5.690  1.00 45.02 ? 249 HOH A O   1 
HETATM 1239 O  O   . HOH B 2 .   ? 16.734  10.303  -2.907  1.00 30.49 ? 250 HOH A O   1 
HETATM 1240 O  O   . HOH B 2 .   ? -3.689  8.631   12.742  1.00 46.07 ? 251 HOH A O   1 
HETATM 1241 O  O   . HOH B 2 .   ? 12.211  6.910   -7.916  1.00 35.21 ? 252 HOH A O   1 
HETATM 1242 O  O   . HOH B 2 .   ? 9.393   9.092   -5.964  1.00 24.54 ? 253 HOH A O   1 
HETATM 1243 O  O   . HOH B 2 .   ? 16.383  -8.647  -0.741  1.00 34.22 ? 254 HOH A O   1 
HETATM 1244 O  O   . HOH B 2 .   ? -0.738  -13.446 -10.490 1.00 29.67 ? 255 HOH A O   1 
HETATM 1245 O  O   . HOH B 2 .   ? 5.239   -0.590  -11.641 1.00 16.44 ? 256 HOH A O   1 
HETATM 1246 O  O   . HOH B 2 .   ? -5.585  1.823   -12.655 1.00 27.61 ? 257 HOH A O   1 
HETATM 1247 O  O   . HOH B 2 .   ? 7.274   17.787  -11.219 1.00 38.02 ? 258 HOH A O   1 
HETATM 1248 O  O   . HOH B 2 .   ? -7.146  16.757  -5.845  1.00 38.76 ? 259 HOH A O   1 
HETATM 1249 O  O   . HOH B 2 .   ? -6.002  13.708  -16.753 1.00 41.79 ? 260 HOH A O   1 
HETATM 1250 O  O   . HOH B 2 .   ? -9.035  2.652   -15.048 1.00 40.33 ? 261 HOH A O   1 
HETATM 1251 O  O   . HOH B 2 .   ? -13.399 -10.157 -7.756  1.00 21.01 ? 262 HOH A O   1 
HETATM 1252 O  O   . HOH B 2 .   ? -3.975  -14.474 -7.927  1.00 33.69 ? 263 HOH A O   1 
HETATM 1253 O  O   . HOH B 2 .   ? -5.944  -11.621 -14.532 1.00 35.76 ? 264 HOH A O   1 
HETATM 1254 O  O   . HOH B 2 .   ? -1.447  18.845  -1.010  1.00 28.60 ? 265 HOH A O   1 
HETATM 1255 O  O   . HOH B 2 .   ? 17.517  0.244   -6.098  1.00 27.43 ? 266 HOH A O   1 
HETATM 1256 O  O   . HOH B 2 .   ? 8.819   5.883   2.127   1.00 21.97 ? 267 HOH A O   1 
HETATM 1257 O  O   . HOH B 2 .   ? 7.667   -1.550  -10.777 1.00 36.54 ? 268 HOH A O   1 
HETATM 1258 O  O   . HOH B 2 .   ? 4.442   -2.416  -13.291 1.00 26.17 ? 269 HOH A O   1 
HETATM 1259 O  O   . HOH B 2 .   ? 13.427  2.010   -0.518  1.00 16.60 ? 270 HOH A O   1 
HETATM 1260 O  O   . HOH B 2 .   ? 1.785   -15.515 -6.294  1.00 32.59 ? 271 HOH A O   1 
HETATM 1261 O  O   . HOH B 2 .   ? -1.620  2.255   -11.086 1.00 31.75 ? 272 HOH A O   1 
HETATM 1262 O  O   . HOH B 2 .   ? 1.224   -14.018 -8.958  1.00 36.87 ? 273 HOH A O   1 
HETATM 1263 O  O   . HOH B 2 .   ? 1.966   16.365  -18.350 1.00 36.42 ? 274 HOH A O   1 
HETATM 1264 O  O   . HOH B 2 .   ? 11.410  6.215   -13.218 1.00 25.24 ? 275 HOH A O   1 
HETATM 1265 O  O   . HOH B 2 .   ? -14.510 9.270   -11.684 1.00 39.07 ? 276 HOH A O   1 
HETATM 1266 O  O   . HOH B 2 .   ? 17.975  -5.222  3.334   1.00 34.20 ? 277 HOH A O   1 
HETATM 1267 O  O   . HOH B 2 .   ? 11.176  9.397   -8.318  1.00 29.27 ? 278 HOH A O   1 
HETATM 1268 O  O   . HOH B 2 .   ? -14.491 -4.629  1.913   1.00 44.29 ? 279 HOH A O   1 
HETATM 1269 O  O   . HOH B 2 .   ? 10.241  21.803  -5.788  1.00 36.60 ? 280 HOH A O   1 
HETATM 1270 O  O   . HOH B 2 .   ? -3.995  -6.131  13.151  1.00 36.24 ? 281 HOH A O   1 
HETATM 1271 O  O   . HOH B 2 .   ? -12.629 5.841   4.584   1.00 43.02 ? 282 HOH A O   1 
HETATM 1272 O  O   . HOH B 2 .   ? -1.408  1.880   13.735  1.00 36.10 ? 283 HOH A O   1 
HETATM 1273 O  O   . HOH B 2 .   ? -0.724  -13.414 -0.324  1.00 31.44 ? 284 HOH A O   1 
HETATM 1274 O  O   . HOH B 2 .   ? -0.409  20.691  -6.198  1.00 34.15 ? 285 HOH A O   1 
HETATM 1275 O  O   . HOH B 2 .   ? 7.175   9.895   12.153  1.00 38.97 ? 286 HOH A O   1 
HETATM 1276 O  O   . HOH B 2 .   ? -16.604 -11.920 7.539   1.00 33.61 ? 287 HOH A O   1 
HETATM 1277 O  O   . HOH B 2 .   ? 11.105  0.076   13.928  1.00 37.57 ? 288 HOH A O   1 
HETATM 1278 O  O   . HOH B 2 .   ? -12.446 7.440   -7.403  1.00 37.34 ? 289 HOH A O   1 
HETATM 1279 O  O   . HOH B 2 .   ? -1.295  -17.573 1.738   1.00 40.50 ? 290 HOH A O   1 
HETATM 1280 O  O   . HOH B 2 .   ? -17.982 -7.927  -3.856  1.00 39.62 ? 291 HOH A O   1 
HETATM 1281 O  O   . HOH B 2 .   ? -8.196  17.901  -8.019  1.00 34.62 ? 292 HOH A O   1 
HETATM 1282 O  O   . HOH B 2 .   ? 6.171   14.935  -8.881  1.00 39.83 ? 293 HOH A O   1 
HETATM 1283 O  O   . HOH B 2 .   ? -14.766 -11.070 -5.520  1.00 49.92 ? 294 HOH A O   1 
HETATM 1284 O  O   . HOH B 2 .   ? 14.470  -7.451  6.424   1.00 30.50 ? 295 HOH A O   1 
HETATM 1285 O  O   . HOH B 2 .   ? 14.517  2.604   12.805  1.00 44.85 ? 296 HOH A O   1 
HETATM 1286 O  O   . HOH B 2 .   ? 11.042  -12.608 2.669   1.00 44.08 ? 297 HOH A O   1 
HETATM 1287 O  O   . HOH B 2 .   ? 3.931   -12.215 5.673   1.00 9.15  ? 298 HOH A O   1 
HETATM 1288 O  O   . HOH B 2 .   ? 1.557   8.534   2.303   1.00 13.78 ? 299 HOH A O   1 
HETATM 1289 O  O   . HOH B 2 .   ? -2.394  18.327  7.791   1.00 11.86 ? 300 HOH A O   1 
# 
